data_4AQ1
#
_entry.id   4AQ1
#
_cell.length_a   68.500
_cell.length_b   88.500
_cell.length_c   95.200
_cell.angle_alpha   112.50
_cell.angle_beta   101.60
_cell.angle_gamma   84.70
#
_symmetry.space_group_name_H-M   'P 1'
#
loop_
_entity.id
_entity.type
_entity.pdbx_description
1 polymer 'SBSB PROTEIN'
2 polymer NBKB6
3 polymer 'SBSB PROTEIN'
4 non-polymer 'CALCIUM ION'
5 water water
#
loop_
_entity_poly.entity_id
_entity_poly.type
_entity_poly.pdbx_seq_one_letter_code
_entity_poly.pdbx_strand_id
1 'polypeptide(L)'
;MASFTDVAPQYKDAIDFLVSTGATKGKTETKFGVYDEITRLDAAVILARVLKLDVGNAKDAGFTDVPKDRAKYVNALVEA
GVLNGKAPGKFGAYDPLTRVEMAKIIANAHKLKADDVKLPFTDVNDTWAPYVKALYKYEVTKGKTPTSFGAYQNITRGDF
AQFVYRAVNINAVPEIVEVTAVNSTTVKVTFNTQIADVDFTNFAIDNGLTVTKATLSRDKKSVEVVVNKPFTRNQEYTIT
ATGIKNLKGETAKELTGKFVWSVQDAVTVALNNSSLKVGEESGLTVKDQDGKDVVGAKVELTSSNTNIVVVSSGEVSVSA
AKVTAVKPGTADVTAKVTLPDGVVLTNTFKVTVTEVPVQVQNQGFTLVDNLSNAPQNTVAFNKAEKVTSMFAGETKTVAM
YDTKNGDPETKPVDFKDATVRSLNPIIATAAINGSELLVTANAGQSGKASFEVTFKDNTKRTFTVDVKKEPVLQDIKVDA
TSVKLSDEAVGGGEVEGVNQKTIKVSAVDQYGKEIKFGTKGKVTVTTNTEGLVIKNVNSDNTIDFDSGNSATDQFVVVAT
KDKIVNGKVEVKYFKNASDTTPTSTKTITVNVVNVKADATPVGLDIVAPSEIDVNAPNTASTADVDFINFESVEIYTLDS
NGNRLKKVTPTATTLVGTNDYVEVNGNVLQFKGNDELTLLTSSSTVNVDVTADGITKRIPVKYINSASVPASATVATSPV
TVKLNSSDNDLTFEELIFGVIDPTQLVKDEDINEFIAVSKAAKNDGYLYNKPLVTVKDASGEVIPTGANVYGLNHDATNG
NIWFDEEQAGLAKKFSDVHFDVDFSLANVVKTGSGTVSSSPSLSDAIQLTNSGDAVSFTLVIKSIYVKGADKDDNNLLAA
PVSVNVTVTKGS
;
A
2 'polypeptide(L)'
;QVQLQESGGGLVQAGGSLRLSCAASGRTSSAYAMGWFRQAPGKEREFVAGISSKGGSTYYGASMKGRFTISRDNAKNTVY
LQMNGLAPEDTAVYYCAASDKYNFDTSHAGYGYWGQGTQVTVSSHHHHHH
;
B,D
3 'polypeptide(L)'
;MASFTDVAPQYKDAIDFLVSTGATKGKTETKFGVYDEITRLDAAVILARVLKLDVGNAKDAGFTDVPKDRAKYVNALVEA
GVLNGKAPGKFGAYDPLTRVEMAKIIANAHKLKADDVKLPFTDVNDTWAPYVKALYKYEVTKGKTPTSFGAYQNITRGDF
AQFVYRAVNINAVPEIVEVTAVNSTTVKVTFNTQIADVDFTNFAIDNGLTVTKATLSRDKKSVEVVVNKPFTRNQEYTIT
ATGIKNLKGETAKELTGKFVWSVQDAVTVALNNSSLKVGEESGLTVKDQDGKDVVGAKVELTSSNTNIVVVSSGEVSVSA
AKVTAVKPGTADVTAKVTLPDGVVLTNTFKVTVTEVPVQVQNQGFTLVDNLTNAPQNTVAFNKAEKVTSMFAGETKTVAM
YDTKNGDPETKPVDFKDATVRSLNPIIATAAINGSELLVTANAGQSGKASFEVTFKDNTKRTFTVDVKKEPVLQDIKVDA
TSVKLSDEAVGGGEVEGVNQKTIKVSAVDQYGKEIKFGTKGKVTVTTNTEGLVIKNVNSDNTIDFDSGNSATDQFVVVAT
KDKIVNGKVEVKYFKNASDTTPTSTKTITVNVVNVKADATPVGLDIVAPSEIDVNAPNTASTADVDFINFESVEIYTLDS
NGNRLKKVTPTATTLVGTNDYVEVNGNVLQFKGNDELTLLTSSSTVNVDVTADGITKRIPVKYINSASVPASATVATSPV
TVKLNSSDNDLTFEELIFGVIDPTQLVKDEDINEFIAVSKAAKNDGYLYNKPLVTVKDASGEVIPTGANVYGLNHDATNG
NIWFDEEQAGLAKKFSDVHFDVDFSLANVVKTGSGTVSSSPSLSDAIQLTNSGDAVSFTLVIKSIYVKGADKDDNNLLAA
PVSVNVTVTKGS
;
C
#
# COMPACT_ATOMS: atom_id res chain seq x y z
N ALA A 172 -7.45 66.89 16.50
CA ALA A 172 -7.13 65.48 16.15
C ALA A 172 -6.02 65.47 15.09
N VAL A 173 -4.80 65.13 15.49
CA VAL A 173 -3.63 65.30 14.61
C VAL A 173 -3.01 63.95 14.21
N PRO A 174 -2.97 63.66 12.89
CA PRO A 174 -2.41 62.46 12.31
C PRO A 174 -1.39 61.71 13.18
N GLU A 175 -1.73 60.48 13.57
CA GLU A 175 -0.84 59.58 14.28
C GLU A 175 -0.96 58.17 13.66
N ILE A 176 0.09 57.36 13.73
CA ILE A 176 0.09 56.00 13.13
C ILE A 176 -0.41 54.92 14.11
N VAL A 177 -1.60 54.37 13.87
CA VAL A 177 -2.22 53.39 14.81
C VAL A 177 -1.86 51.94 14.51
N GLU A 178 -1.82 51.56 13.24
CA GLU A 178 -1.52 50.19 12.81
C GLU A 178 -0.62 50.18 11.58
N VAL A 179 0.20 49.15 11.46
CA VAL A 179 1.03 48.93 10.28
C VAL A 179 1.07 47.41 10.03
N THR A 180 0.35 46.96 9.00
CA THR A 180 0.25 45.52 8.69
C THR A 180 0.72 45.25 7.25
N ALA A 181 1.74 44.39 7.12
CA ALA A 181 2.10 43.81 5.83
C ALA A 181 0.95 42.93 5.27
N VAL A 182 0.13 43.53 4.40
CA VAL A 182 -0.99 42.85 3.71
C VAL A 182 -0.56 41.84 2.60
N ASN A 183 0.64 42.02 2.04
CA ASN A 183 1.31 40.99 1.20
C ASN A 183 2.83 41.28 1.19
N SER A 184 3.62 40.61 0.37
CA SER A 184 5.09 40.84 0.36
C SER A 184 5.60 42.16 -0.30
N THR A 185 4.75 42.87 -1.01
CA THR A 185 5.16 44.17 -1.53
C THR A 185 4.23 45.30 -1.13
N THR A 186 3.33 45.05 -0.17
CA THR A 186 2.27 46.03 0.15
C THR A 186 2.00 46.12 1.64
N VAL A 187 1.91 47.34 2.16
CA VAL A 187 1.70 47.56 3.61
C VAL A 187 0.59 48.58 3.82
N LYS A 188 -0.36 48.26 4.68
CA LYS A 188 -1.47 49.15 5.03
C LYS A 188 -1.05 49.93 6.27
N VAL A 189 -1.11 51.25 6.18
CA VAL A 189 -0.84 52.11 7.34
C VAL A 189 -2.18 52.74 7.71
N THR A 190 -2.57 52.58 8.97
CA THR A 190 -3.84 53.08 9.51
C THR A 190 -3.56 54.26 10.46
N PHE A 191 -4.37 55.32 10.39
CA PHE A 191 -4.14 56.51 11.24
C PHE A 191 -5.22 56.76 12.31
N ASN A 192 -4.91 57.66 13.26
CA ASN A 192 -5.85 58.16 14.27
C ASN A 192 -7.10 58.81 13.68
N THR A 193 -6.91 59.60 12.62
CA THR A 193 -7.98 60.42 12.04
C THR A 193 -8.07 60.28 10.52
N GLN A 194 -9.02 60.97 9.91
CA GLN A 194 -9.05 61.13 8.45
C GLN A 194 -7.87 62.02 8.01
N ILE A 195 -7.28 61.71 6.85
CA ILE A 195 -6.16 62.51 6.31
C ILE A 195 -6.36 63.01 4.87
N ALA A 196 -5.50 63.95 4.49
CA ALA A 196 -5.54 64.60 3.20
C ALA A 196 -4.81 63.74 2.17
N ASP A 197 -5.12 64.00 0.90
CA ASP A 197 -4.63 63.20 -0.23
C ASP A 197 -3.10 63.15 -0.33
N VAL A 198 -2.63 61.94 -0.63
CA VAL A 198 -1.24 61.57 -0.41
C VAL A 198 -0.73 60.78 -1.62
N ASP A 199 0.59 60.80 -1.85
CA ASP A 199 1.25 59.92 -2.81
C ASP A 199 2.61 59.34 -2.31
N PHE A 200 3.35 58.69 -3.21
CA PHE A 200 4.65 58.10 -2.86
C PHE A 200 5.67 59.02 -2.16
N THR A 201 5.64 60.32 -2.45
CA THR A 201 6.60 61.31 -1.90
C THR A 201 6.43 61.44 -0.39
N ASN A 202 5.27 61.00 0.10
CA ASN A 202 4.94 61.11 1.52
C ASN A 202 5.48 59.99 2.41
N PHE A 203 6.05 58.95 1.84
CA PHE A 203 6.46 57.79 2.65
C PHE A 203 7.84 57.33 2.28
N ALA A 204 8.51 56.70 3.24
CA ALA A 204 9.84 56.10 3.03
C ALA A 204 9.98 54.83 3.89
N ILE A 205 10.91 53.96 3.51
CA ILE A 205 11.08 52.65 4.14
C ILE A 205 12.58 52.28 4.13
N ASP A 206 13.06 51.79 5.26
CA ASP A 206 14.48 51.46 5.42
C ASP A 206 14.81 50.06 4.87
N ASN A 207 16.06 49.63 5.09
CA ASN A 207 16.56 48.30 4.66
C ASN A 207 16.60 48.14 3.14
N GLY A 208 16.92 49.24 2.44
CA GLY A 208 17.16 49.23 1.01
C GLY A 208 15.93 49.30 0.13
N LEU A 209 14.73 49.34 0.72
CA LEU A 209 13.50 49.36 -0.05
C LEU A 209 13.10 50.81 -0.32
N THR A 210 12.42 50.99 -1.45
CA THR A 210 11.89 52.29 -1.83
C THR A 210 10.39 52.17 -2.18
N VAL A 211 9.66 53.25 -1.87
CA VAL A 211 8.23 53.30 -2.01
C VAL A 211 7.88 53.70 -3.42
N THR A 212 6.95 52.93 -3.96
CA THR A 212 6.56 52.92 -5.36
C THR A 212 5.24 53.69 -5.57
N LYS A 213 4.37 53.66 -4.57
CA LYS A 213 3.00 54.12 -4.70
C LYS A 213 2.31 54.17 -3.33
N ALA A 214 1.38 55.10 -3.18
CA ALA A 214 0.69 55.32 -1.91
C ALA A 214 -0.69 55.84 -2.20
N THR A 215 -1.70 55.07 -1.81
CA THR A 215 -3.10 55.36 -2.17
C THR A 215 -4.01 55.36 -0.95
N LEU A 216 -4.64 56.52 -0.71
CA LEU A 216 -5.62 56.69 0.37
C LEU A 216 -6.92 55.94 0.02
N SER A 217 -7.48 55.26 1.01
CA SER A 217 -8.78 54.58 0.87
C SER A 217 -9.92 55.61 0.78
N ARG A 218 -11.13 55.19 0.44
CA ARG A 218 -12.31 56.08 0.53
C ARG A 218 -12.66 56.46 1.99
N ASP A 219 -12.30 55.60 2.95
CA ASP A 219 -12.52 55.84 4.40
C ASP A 219 -11.57 56.92 4.96
N LYS A 220 -10.88 57.61 4.06
CA LYS A 220 -9.67 58.42 4.31
C LYS A 220 -8.80 58.05 5.54
N LYS A 221 -8.99 56.83 6.08
CA LYS A 221 -8.43 56.43 7.37
C LYS A 221 -7.15 55.58 7.25
N SER A 222 -6.89 55.06 6.06
CA SER A 222 -5.67 54.28 5.81
C SER A 222 -5.09 54.49 4.41
N VAL A 223 -3.84 54.04 4.28
CA VAL A 223 -3.05 54.22 3.06
C VAL A 223 -2.34 52.91 2.72
N GLU A 224 -2.57 52.47 1.50
CA GLU A 224 -1.90 51.31 0.96
C GLU A 224 -0.61 51.85 0.34
N VAL A 225 0.50 51.31 0.78
CA VAL A 225 1.80 51.72 0.31
C VAL A 225 2.49 50.48 -0.29
N VAL A 226 2.83 50.56 -1.58
CA VAL A 226 3.50 49.47 -2.26
C VAL A 226 5.02 49.74 -2.39
N VAL A 227 5.82 48.73 -2.10
CA VAL A 227 7.26 48.87 -2.07
C VAL A 227 7.83 48.22 -3.31
N ASN A 228 9.05 48.63 -3.65
CA ASN A 228 9.68 48.27 -4.94
C ASN A 228 10.07 46.80 -5.10
N LYS A 229 10.15 46.07 -3.98
CA LYS A 229 10.87 44.80 -3.92
C LYS A 229 10.28 44.04 -2.70
N PRO A 230 10.17 42.69 -2.77
CA PRO A 230 9.53 41.97 -1.65
C PRO A 230 10.26 42.09 -0.29
N PHE A 231 9.49 42.23 0.78
CA PHE A 231 9.98 42.15 2.16
C PHE A 231 10.61 40.80 2.46
N THR A 232 11.75 40.82 3.16
CA THR A 232 12.37 39.59 3.66
C THR A 232 11.49 39.09 4.81
N ARG A 233 11.22 37.79 4.84
CA ARG A 233 10.43 37.23 5.94
C ARG A 233 11.15 37.40 7.29
N ASN A 234 10.42 37.93 8.28
CA ASN A 234 10.93 38.13 9.66
C ASN A 234 11.87 39.31 9.84
N GLN A 235 11.98 40.18 8.85
CA GLN A 235 12.75 41.41 8.97
C GLN A 235 11.85 42.52 9.49
N GLU A 236 12.33 43.24 10.49
CA GLU A 236 11.63 44.42 10.99
C GLU A 236 11.99 45.62 10.10
N TYR A 237 10.96 46.27 9.55
CA TYR A 237 11.10 47.50 8.77
C TYR A 237 10.48 48.65 9.56
N THR A 238 10.87 49.88 9.21
CA THR A 238 10.27 51.09 9.76
C THR A 238 9.74 51.96 8.61
N ILE A 239 8.44 52.24 8.61
CA ILE A 239 7.83 53.16 7.64
C ILE A 239 7.99 54.54 8.26
N THR A 240 8.21 55.56 7.43
CA THR A 240 8.23 56.96 7.90
C THR A 240 7.25 57.79 7.08
N ALA A 241 6.31 58.47 7.74
CA ALA A 241 5.33 59.30 7.04
C ALA A 241 5.62 60.81 7.24
N THR A 242 5.96 61.50 6.14
CA THR A 242 6.21 62.95 6.16
C THR A 242 5.00 63.71 5.58
N GLY A 243 4.71 64.87 6.14
CA GLY A 243 3.76 65.82 5.57
C GLY A 243 2.28 65.45 5.55
N ILE A 244 1.84 64.59 6.47
CA ILE A 244 0.44 64.15 6.55
C ILE A 244 -0.44 65.21 7.17
N LYS A 245 -1.47 65.63 6.42
CA LYS A 245 -2.42 66.64 6.87
C LYS A 245 -3.62 65.94 7.52
N ASN A 246 -4.29 66.68 8.43
CA ASN A 246 -5.44 66.14 9.15
C ASN A 246 -6.74 66.57 8.50
N LEU A 247 -7.79 66.04 9.08
CA LEU A 247 -9.14 66.33 8.61
C LEU A 247 -9.13 67.39 7.53
N LYS A 248 -8.91 68.63 7.93
CA LYS A 248 -8.94 69.74 6.97
C LYS A 248 -8.08 70.92 7.38
N GLY A 249 -7.03 70.65 8.14
CA GLY A 249 -6.19 71.72 8.65
C GLY A 249 -4.71 71.40 8.73
N GLU A 250 -4.31 70.82 9.86
CA GLU A 250 -2.93 70.88 10.30
C GLU A 250 -2.08 69.65 9.99
N THR A 251 -0.80 69.90 9.74
CA THR A 251 0.17 68.89 9.28
C THR A 251 1.08 68.43 10.43
N ALA A 252 1.12 67.13 10.70
CA ALA A 252 1.93 66.58 11.82
C ALA A 252 3.44 66.48 11.54
N LYS A 253 4.25 66.29 12.58
CA LYS A 253 5.69 65.99 12.43
C LYS A 253 5.85 64.55 11.93
N GLU A 254 7.10 64.11 11.71
CA GLU A 254 7.39 62.76 11.18
C GLU A 254 6.83 61.58 12.04
N LEU A 255 6.09 60.69 11.39
CA LEU A 255 5.50 59.52 12.05
C LEU A 255 6.34 58.27 11.74
N THR A 256 6.47 57.36 12.72
CA THR A 256 7.34 56.18 12.63
C THR A 256 6.56 54.94 13.00
N GLY A 257 6.51 53.96 12.09
CA GLY A 257 5.77 52.73 12.31
C GLY A 257 6.56 51.53 11.86
N LYS A 258 6.77 50.58 12.78
CA LYS A 258 7.46 49.32 12.48
C LYS A 258 6.47 48.22 12.06
N PHE A 259 6.96 47.22 11.33
CA PHE A 259 6.15 46.06 10.95
C PHE A 259 7.04 44.91 10.51
N VAL A 260 6.49 43.71 10.57
CA VAL A 260 7.16 42.56 10.00
C VAL A 260 6.19 41.85 9.05
N TRP A 261 6.76 41.20 8.04
CA TRP A 261 5.99 40.36 7.13
C TRP A 261 6.23 38.91 7.44
N SER A 262 5.40 38.40 8.33
CA SER A 262 5.35 37.01 8.64
C SER A 262 4.02 36.78 9.30
N VAL A 263 3.65 35.53 9.37
CA VAL A 263 2.37 35.17 9.92
C VAL A 263 2.64 34.82 11.40
N GLN A 264 3.00 35.86 12.16
CA GLN A 264 3.42 35.71 13.54
C GLN A 264 2.26 35.35 14.45
N ASP A 265 1.17 36.12 14.36
CA ASP A 265 0.03 35.97 15.29
C ASP A 265 -1.24 35.56 14.54
N ALA A 266 -1.08 34.53 13.71
CA ALA A 266 -2.15 34.08 12.87
C ALA A 266 -3.23 33.47 13.71
N VAL A 267 -4.44 33.53 13.18
CA VAL A 267 -5.59 32.88 13.74
C VAL A 267 -6.00 31.77 12.78
N THR A 268 -6.16 30.57 13.28
CA THR A 268 -6.58 29.45 12.47
C THR A 268 -8.08 29.19 12.60
N VAL A 269 -8.71 28.79 11.51
CA VAL A 269 -10.11 28.42 11.49
C VAL A 269 -10.24 26.97 11.02
N ALA A 270 -10.88 26.13 11.83
CA ALA A 270 -10.91 24.67 11.55
C ALA A 270 -12.29 24.07 11.70
N LEU A 271 -12.64 23.20 10.76
CA LEU A 271 -13.87 22.40 10.86
C LEU A 271 -13.48 21.14 11.66
N ASN A 272 -14.14 20.88 12.79
CA ASN A 272 -13.69 19.80 13.72
C ASN A 272 -13.69 18.41 13.07
N ASN A 273 -14.67 18.16 12.21
CA ASN A 273 -14.88 16.86 11.59
C ASN A 273 -15.51 17.01 10.19
N SER A 274 -14.75 16.76 9.11
CA SER A 274 -15.30 16.93 7.75
C SER A 274 -15.85 15.68 6.99
N SER A 275 -15.77 14.50 7.61
CA SER A 275 -16.47 13.29 7.14
C SER A 275 -17.51 12.87 8.14
N LEU A 276 -18.76 13.06 7.76
CA LEU A 276 -19.87 12.80 8.62
C LEU A 276 -20.72 11.60 8.10
N LYS A 277 -21.48 11.00 9.00
CA LYS A 277 -22.52 10.05 8.61
C LYS A 277 -23.80 10.83 8.70
N VAL A 278 -24.86 10.34 8.05
CA VAL A 278 -26.14 11.06 8.11
C VAL A 278 -26.66 11.20 9.54
N GLY A 279 -26.99 12.43 9.95
CA GLY A 279 -27.44 12.72 11.29
C GLY A 279 -26.37 13.39 12.13
N GLU A 280 -25.10 13.07 11.88
CA GLU A 280 -24.01 13.69 12.64
C GLU A 280 -23.82 15.18 12.36
N GLU A 281 -23.10 15.84 13.26
CA GLU A 281 -22.85 17.27 13.18
C GLU A 281 -21.42 17.52 13.50
N SER A 282 -20.91 18.69 13.06
CA SER A 282 -19.58 19.16 13.43
C SER A 282 -19.52 20.62 13.74
N GLY A 283 -18.76 20.95 14.77
CA GLY A 283 -18.49 22.34 15.14
C GLY A 283 -17.28 22.92 14.42
N LEU A 284 -16.98 24.18 14.72
CA LEU A 284 -15.78 24.82 14.19
C LEU A 284 -14.91 25.22 15.34
N THR A 285 -13.63 25.41 15.06
CA THR A 285 -12.69 25.79 16.07
C THR A 285 -11.88 26.93 15.54
N VAL A 286 -11.88 28.07 16.27
CA VAL A 286 -11.04 29.24 15.95
C VAL A 286 -10.03 29.52 17.06
N LYS A 287 -8.74 29.47 16.72
CA LYS A 287 -7.67 29.61 17.72
C LYS A 287 -6.57 30.57 17.30
N ASP A 288 -5.98 31.23 18.30
CA ASP A 288 -4.87 32.17 18.15
C ASP A 288 -3.52 31.44 18.18
N GLN A 289 -2.43 32.20 18.06
CA GLN A 289 -1.07 31.66 18.05
C GLN A 289 -0.72 30.81 19.28
N ASP A 290 -1.37 31.08 20.40
CA ASP A 290 -1.15 30.30 21.62
C ASP A 290 -2.04 29.06 21.72
N GLY A 291 -2.78 28.75 20.66
CA GLY A 291 -3.67 27.59 20.63
C GLY A 291 -4.94 27.66 21.48
N LYS A 292 -5.33 28.86 21.92
CA LYS A 292 -6.56 29.07 22.71
C LYS A 292 -7.69 29.66 21.86
N ASP A 293 -8.92 29.36 22.24
CA ASP A 293 -10.09 29.83 21.51
C ASP A 293 -10.21 31.36 21.52
N VAL A 294 -10.57 31.93 20.37
CA VAL A 294 -10.73 33.38 20.23
C VAL A 294 -12.12 33.74 20.70
N VAL A 295 -12.17 34.47 21.79
CA VAL A 295 -13.42 34.84 22.44
C VAL A 295 -14.12 35.90 21.60
N GLY A 296 -15.44 35.70 21.43
CA GLY A 296 -16.28 36.64 20.70
C GLY A 296 -16.18 36.56 19.19
N ALA A 297 -15.46 35.55 18.69
CA ALA A 297 -15.38 35.30 17.27
C ALA A 297 -16.75 34.92 16.70
N LYS A 298 -17.08 35.51 15.56
CA LYS A 298 -18.31 35.20 14.82
C LYS A 298 -18.02 34.52 13.52
N VAL A 299 -19.03 33.83 12.99
CA VAL A 299 -18.91 33.15 11.70
C VAL A 299 -20.22 33.10 10.91
N GLU A 300 -20.13 33.31 9.60
CA GLU A 300 -21.20 33.04 8.67
C GLU A 300 -20.83 31.80 7.84
N LEU A 301 -21.59 30.72 8.00
CA LEU A 301 -21.42 29.55 7.12
C LEU A 301 -22.40 29.54 5.93
N THR A 302 -22.00 28.91 4.84
CA THR A 302 -22.89 28.70 3.72
C THR A 302 -22.54 27.36 2.98
N SER A 303 -23.56 26.60 2.57
CA SER A 303 -23.33 25.30 1.96
C SER A 303 -23.54 25.43 0.46
N SER A 304 -22.64 24.83 -0.30
CA SER A 304 -22.80 24.77 -1.74
C SER A 304 -23.96 23.86 -2.14
N ASN A 305 -24.32 22.90 -1.31
CA ASN A 305 -25.41 21.93 -1.63
C ASN A 305 -26.19 21.51 -0.41
N THR A 306 -27.33 22.17 -0.17
CA THR A 306 -28.12 21.90 1.02
C THR A 306 -28.96 20.60 0.94
N ASN A 307 -28.99 19.88 -0.19
CA ASN A 307 -29.56 18.55 -0.13
C ASN A 307 -28.67 17.68 0.74
N ILE A 308 -27.39 18.02 0.83
CA ILE A 308 -26.39 17.13 1.42
C ILE A 308 -25.90 17.55 2.81
N VAL A 309 -25.58 18.84 2.89
CA VAL A 309 -25.09 19.46 4.11
C VAL A 309 -25.85 20.73 4.38
N VAL A 310 -26.19 20.96 5.64
CA VAL A 310 -26.94 22.13 6.02
C VAL A 310 -26.18 22.87 7.14
N VAL A 311 -26.26 24.21 7.21
CA VAL A 311 -25.45 24.97 8.20
C VAL A 311 -26.29 25.99 8.99
N SER A 312 -25.78 26.48 10.12
CA SER A 312 -26.44 27.56 10.87
C SER A 312 -26.68 28.71 9.90
N SER A 313 -27.81 29.40 10.09
CA SER A 313 -28.16 30.58 9.33
C SER A 313 -27.53 31.80 9.92
N GLY A 314 -27.36 32.81 9.05
CA GLY A 314 -26.92 34.12 9.46
C GLY A 314 -25.51 34.11 9.99
N GLU A 315 -25.30 34.89 11.05
CA GLU A 315 -24.01 35.11 11.67
C GLU A 315 -24.17 34.64 13.09
N VAL A 316 -23.31 33.69 13.46
CA VAL A 316 -23.39 33.06 14.77
C VAL A 316 -22.05 33.06 15.46
N SER A 317 -22.09 32.84 16.77
CA SER A 317 -20.87 32.68 17.51
C SER A 317 -20.20 31.36 17.04
N VAL A 318 -18.87 31.37 17.06
CA VAL A 318 -18.11 30.25 16.53
C VAL A 318 -18.43 28.99 17.32
N SER A 319 -18.54 29.13 18.63
CA SER A 319 -18.84 27.99 19.47
C SER A 319 -20.29 27.44 19.28
N ALA A 320 -21.19 28.22 18.69
CA ALA A 320 -22.58 27.80 18.46
C ALA A 320 -22.73 27.18 17.08
N ALA A 321 -21.77 27.44 16.18
CA ALA A 321 -21.89 27.07 14.75
C ALA A 321 -21.92 25.58 14.49
N LYS A 322 -22.76 25.14 13.55
CA LYS A 322 -22.91 23.70 13.28
C LYS A 322 -23.08 23.37 11.78
N VAL A 323 -22.33 22.37 11.33
CA VAL A 323 -22.54 21.76 10.02
C VAL A 323 -23.22 20.40 10.20
N THR A 324 -24.43 20.23 9.62
CA THR A 324 -25.24 19.02 9.78
C THR A 324 -25.37 18.17 8.49
N ALA A 325 -25.09 16.87 8.62
CA ALA A 325 -25.19 15.92 7.53
C ALA A 325 -26.63 15.45 7.32
N VAL A 326 -27.08 15.57 6.08
CA VAL A 326 -28.49 15.38 5.69
C VAL A 326 -28.68 14.19 4.75
N LYS A 327 -27.94 14.19 3.65
CA LYS A 327 -27.93 13.06 2.72
C LYS A 327 -26.49 12.71 2.28
N PRO A 328 -26.26 11.45 1.88
CA PRO A 328 -24.93 11.04 1.36
C PRO A 328 -24.44 11.83 0.15
N GLY A 329 -23.15 12.15 0.14
CA GLY A 329 -22.51 12.86 -0.97
C GLY A 329 -21.53 13.90 -0.45
N THR A 330 -21.61 15.10 -1.01
CA THR A 330 -20.51 16.03 -0.97
C THR A 330 -20.98 17.48 -0.94
N ALA A 331 -20.24 18.37 -0.26
CA ALA A 331 -20.57 19.81 -0.25
C ALA A 331 -19.37 20.67 0.11
N ASP A 332 -19.32 21.89 -0.42
CA ASP A 332 -18.37 22.88 0.08
C ASP A 332 -19.04 23.71 1.15
N VAL A 333 -18.33 24.04 2.22
CA VAL A 333 -18.86 24.91 3.22
C VAL A 333 -17.92 26.11 3.42
N THR A 334 -18.36 27.27 2.98
CA THR A 334 -17.59 28.51 3.13
C THR A 334 -17.78 29.02 4.57
N ALA A 335 -16.67 29.32 5.24
CA ALA A 335 -16.69 29.87 6.59
C ALA A 335 -16.04 31.27 6.51
N LYS A 336 -16.83 32.28 6.80
CA LYS A 336 -16.37 33.66 6.83
C LYS A 336 -16.42 34.11 8.30
N VAL A 337 -15.25 34.33 8.88
CA VAL A 337 -15.16 34.55 10.31
C VAL A 337 -14.80 36.00 10.58
N THR A 338 -15.49 36.60 11.54
CA THR A 338 -15.20 37.97 11.96
C THR A 338 -14.70 37.97 13.36
N LEU A 339 -13.49 38.50 13.49
CA LEU A 339 -12.86 38.63 14.77
C LEU A 339 -13.37 39.88 15.41
N PRO A 340 -13.26 39.95 16.74
CA PRO A 340 -13.66 41.11 17.49
C PRO A 340 -13.02 42.40 16.99
N ASP A 341 -11.71 42.38 16.76
CA ASP A 341 -11.01 43.56 16.19
C ASP A 341 -11.39 43.90 14.73
N GLY A 342 -12.29 43.11 14.15
CA GLY A 342 -12.83 43.41 12.84
C GLY A 342 -12.19 42.72 11.65
N VAL A 343 -11.10 41.98 11.87
CA VAL A 343 -10.50 41.24 10.75
C VAL A 343 -11.41 40.09 10.31
N VAL A 344 -11.49 39.86 8.99
CA VAL A 344 -12.26 38.76 8.44
C VAL A 344 -11.32 37.78 7.79
N LEU A 345 -11.45 36.53 8.20
CA LEU A 345 -10.76 35.40 7.60
C LEU A 345 -11.82 34.56 6.89
N THR A 346 -11.54 34.13 5.67
CA THR A 346 -12.50 33.36 4.87
C THR A 346 -11.81 32.04 4.44
N ASN A 347 -12.44 30.89 4.67
CA ASN A 347 -11.95 29.66 4.07
C ASN A 347 -13.09 28.74 3.72
N THR A 348 -12.80 27.79 2.84
CA THR A 348 -13.79 26.84 2.40
C THR A 348 -13.36 25.46 2.80
N PHE A 349 -14.32 24.70 3.33
CA PHE A 349 -14.12 23.27 3.66
C PHE A 349 -14.84 22.27 2.73
N LYS A 350 -14.23 21.10 2.64
CA LYS A 350 -14.73 20.00 1.82
C LYS A 350 -15.38 19.01 2.76
N VAL A 351 -16.69 18.86 2.65
CA VAL A 351 -17.43 17.98 3.52
C VAL A 351 -18.01 16.76 2.78
N THR A 352 -17.86 15.60 3.40
CA THR A 352 -18.36 14.38 2.81
C THR A 352 -19.25 13.65 3.79
N VAL A 353 -20.42 13.33 3.31
CA VAL A 353 -21.41 12.68 4.08
C VAL A 353 -21.53 11.29 3.52
N THR A 354 -21.45 10.31 4.40
CA THR A 354 -21.62 8.92 3.99
C THR A 354 -22.85 8.32 4.63
N GLU A 355 -23.33 7.24 4.05
CA GLU A 355 -24.57 6.63 4.55
C GLU A 355 -24.35 5.76 5.79
N VAL A 356 -25.26 5.89 6.77
CA VAL A 356 -25.39 4.88 7.84
C VAL A 356 -26.16 3.68 7.25
N PRO A 357 -25.47 2.57 6.88
CA PRO A 357 -26.18 1.54 6.05
C PRO A 357 -27.38 0.91 6.77
N VAL A 358 -28.44 0.65 6.01
CA VAL A 358 -29.70 0.20 6.60
C VAL A 358 -29.52 -1.22 7.14
N GLN A 359 -30.10 -1.44 8.32
CA GLN A 359 -30.02 -2.75 8.99
C GLN A 359 -31.02 -3.71 8.33
N VAL A 360 -30.48 -4.69 7.60
CA VAL A 360 -31.27 -5.75 6.94
C VAL A 360 -31.72 -6.77 8.00
N GLN A 361 -32.99 -7.20 8.01
CA GLN A 361 -33.41 -8.29 8.91
C GLN A 361 -32.51 -9.52 8.65
N ASN A 362 -31.93 -10.05 9.73
CA ASN A 362 -31.06 -11.21 9.59
C ASN A 362 -31.89 -12.53 9.45
N GLN A 363 -31.75 -13.19 8.30
CA GLN A 363 -32.53 -14.39 8.01
C GLN A 363 -31.64 -15.63 7.84
N GLY A 364 -30.38 -15.52 8.23
CA GLY A 364 -29.44 -16.64 8.13
C GLY A 364 -28.97 -16.98 6.73
N PHE A 365 -29.20 -16.08 5.77
CA PHE A 365 -28.69 -16.24 4.43
C PHE A 365 -28.37 -14.94 3.76
N THR A 366 -27.70 -15.07 2.62
CA THR A 366 -27.37 -13.95 1.76
C THR A 366 -27.36 -14.42 0.31
N LEU A 367 -27.64 -13.51 -0.61
CA LEU A 367 -27.86 -13.86 -2.01
C LEU A 367 -26.59 -13.56 -2.79
N VAL A 368 -26.19 -14.46 -3.65
CA VAL A 368 -24.84 -14.49 -4.15
C VAL A 368 -24.80 -14.99 -5.60
N ASP A 369 -23.81 -14.52 -6.36
CA ASP A 369 -23.65 -14.90 -7.79
C ASP A 369 -23.26 -16.35 -7.92
N ASN A 370 -22.19 -16.75 -7.25
CA ASN A 370 -21.97 -18.14 -7.00
C ASN A 370 -21.30 -18.45 -5.68
N LEU A 371 -21.46 -19.70 -5.27
CA LEU A 371 -21.20 -20.18 -3.90
C LEU A 371 -19.73 -20.07 -3.58
N SER A 372 -18.94 -20.01 -4.64
CA SER A 372 -17.53 -19.81 -4.57
C SER A 372 -17.13 -18.49 -3.93
N ASN A 373 -17.90 -17.43 -4.16
CA ASN A 373 -17.61 -16.12 -3.57
C ASN A 373 -18.40 -15.83 -2.30
N ALA A 374 -19.01 -16.86 -1.73
CA ALA A 374 -19.75 -16.77 -0.49
C ALA A 374 -18.80 -16.81 0.74
N PRO A 375 -19.26 -16.26 1.87
CA PRO A 375 -18.59 -16.40 3.15
C PRO A 375 -18.19 -17.84 3.47
N GLN A 376 -16.99 -17.97 4.04
CA GLN A 376 -16.40 -19.25 4.31
C GLN A 376 -17.12 -20.03 5.40
N ASN A 377 -17.83 -19.30 6.28
CA ASN A 377 -18.48 -19.96 7.42
C ASN A 377 -19.50 -19.08 8.15
N THR A 378 -20.17 -19.63 9.14
CA THR A 378 -21.25 -18.86 9.83
C THR A 378 -20.71 -17.59 10.49
N VAL A 379 -19.46 -17.58 10.96
CA VAL A 379 -18.92 -16.39 11.63
C VAL A 379 -18.62 -15.29 10.59
N ALA A 380 -18.02 -15.65 9.45
CA ALA A 380 -17.77 -14.70 8.39
C ALA A 380 -19.07 -14.13 7.84
N PHE A 381 -20.08 -14.99 7.76
CA PHE A 381 -21.39 -14.56 7.27
C PHE A 381 -22.02 -13.51 8.20
N ASN A 382 -22.00 -13.76 9.49
CA ASN A 382 -22.57 -12.76 10.41
C ASN A 382 -21.75 -11.46 10.43
N LYS A 383 -20.48 -11.54 10.07
CA LYS A 383 -19.63 -10.34 10.05
C LYS A 383 -19.90 -9.45 8.85
N ALA A 384 -20.24 -10.04 7.73
CA ALA A 384 -20.38 -9.30 6.47
C ALA A 384 -21.76 -8.69 6.28
N GLU A 385 -21.87 -7.81 5.30
CA GLU A 385 -23.15 -7.30 4.82
C GLU A 385 -23.97 -8.42 4.18
N LYS A 386 -25.25 -8.48 4.52
CA LYS A 386 -26.14 -9.46 3.91
C LYS A 386 -27.07 -8.83 2.84
N VAL A 387 -27.29 -9.57 1.74
CA VAL A 387 -28.16 -9.14 0.64
C VAL A 387 -29.37 -10.09 0.60
N THR A 388 -30.57 -9.58 0.92
CA THR A 388 -31.78 -10.38 0.81
C THR A 388 -32.81 -9.83 -0.24
N SER A 389 -32.27 -9.05 -1.16
CA SER A 389 -32.98 -8.36 -2.21
C SER A 389 -32.42 -8.84 -3.51
N MET A 390 -33.24 -8.78 -4.56
CA MET A 390 -32.73 -8.97 -5.91
C MET A 390 -33.67 -8.25 -6.89
N PHE A 391 -33.19 -8.01 -8.10
CA PHE A 391 -34.00 -7.35 -9.10
C PHE A 391 -34.79 -8.39 -9.90
N ALA A 392 -35.96 -7.97 -10.36
CA ALA A 392 -36.75 -8.77 -11.26
C ALA A 392 -35.87 -9.05 -12.49
N GLY A 393 -35.84 -10.32 -12.89
CA GLY A 393 -35.08 -10.75 -14.05
C GLY A 393 -33.77 -11.43 -13.73
N GLU A 394 -33.40 -11.49 -12.45
CA GLU A 394 -32.15 -12.15 -12.07
C GLU A 394 -32.44 -13.50 -11.49
N THR A 395 -31.38 -14.30 -11.45
CA THR A 395 -31.34 -15.44 -10.57
C THR A 395 -30.12 -15.31 -9.65
N LYS A 396 -30.25 -15.82 -8.43
CA LYS A 396 -29.16 -15.78 -7.47
C LYS A 396 -29.15 -17.05 -6.66
N THR A 397 -27.95 -17.42 -6.23
CA THR A 397 -27.77 -18.62 -5.43
C THR A 397 -27.90 -18.26 -3.94
N VAL A 398 -28.61 -19.07 -3.18
CA VAL A 398 -28.76 -18.84 -1.73
C VAL A 398 -27.56 -19.38 -0.89
N ALA A 399 -26.77 -18.50 -0.29
CA ALA A 399 -25.77 -18.88 0.76
C ALA A 399 -26.37 -18.79 2.18
N MET A 400 -26.68 -19.93 2.78
CA MET A 400 -27.36 -19.93 4.08
C MET A 400 -26.45 -20.59 5.13
N TYR A 401 -26.51 -20.10 6.35
CA TYR A 401 -25.58 -20.50 7.38
C TYR A 401 -26.28 -20.87 8.70
N ASP A 402 -25.96 -22.07 9.17
CA ASP A 402 -26.49 -22.60 10.45
C ASP A 402 -25.41 -22.53 11.54
N THR A 403 -25.85 -22.55 12.79
CA THR A 403 -25.02 -22.94 13.90
C THR A 403 -25.57 -24.30 14.42
N LYS A 404 -24.74 -25.09 15.10
CA LYS A 404 -25.16 -26.35 15.77
C LYS A 404 -24.63 -26.37 17.19
N ASN A 405 -25.54 -26.53 18.15
CA ASN A 405 -25.25 -26.40 19.55
C ASN A 405 -24.58 -25.10 19.84
N GLY A 406 -25.00 -24.04 19.19
CA GLY A 406 -24.38 -22.75 19.39
C GLY A 406 -23.11 -22.56 18.59
N ASP A 407 -22.64 -23.59 17.90
CA ASP A 407 -21.34 -23.49 17.25
C ASP A 407 -21.50 -23.20 15.78
N PRO A 408 -20.77 -22.19 15.29
CA PRO A 408 -20.91 -21.83 13.88
C PRO A 408 -20.47 -22.96 12.99
N GLU A 409 -21.22 -23.15 11.94
CA GLU A 409 -20.91 -24.16 10.97
C GLU A 409 -19.83 -23.63 10.05
N THR A 410 -19.20 -24.56 9.35
CA THR A 410 -17.93 -24.34 8.69
C THR A 410 -18.08 -24.19 7.16
N LYS A 411 -19.31 -24.24 6.70
CA LYS A 411 -19.56 -24.11 5.29
C LYS A 411 -21.03 -23.82 5.13
N PRO A 412 -21.41 -23.19 4.02
CA PRO A 412 -22.82 -22.92 3.76
C PRO A 412 -23.67 -24.19 3.69
N VAL A 413 -24.94 -24.05 4.01
CA VAL A 413 -25.82 -25.20 4.07
C VAL A 413 -25.86 -25.91 2.72
N ASP A 414 -25.88 -27.23 2.78
CA ASP A 414 -25.92 -28.06 1.59
C ASP A 414 -27.36 -28.53 1.33
N PHE A 415 -27.89 -28.26 0.14
CA PHE A 415 -29.29 -28.62 -0.20
C PHE A 415 -29.46 -29.93 -0.96
N LYS A 416 -28.48 -30.81 -0.91
CA LYS A 416 -28.61 -32.13 -1.52
C LYS A 416 -29.80 -32.87 -0.92
N ASP A 417 -30.61 -33.50 -1.77
CA ASP A 417 -31.78 -34.28 -1.31
C ASP A 417 -32.90 -33.45 -0.68
N ALA A 418 -32.66 -32.18 -0.38
CA ALA A 418 -33.75 -31.29 0.01
C ALA A 418 -34.72 -31.01 -1.14
N THR A 419 -35.93 -30.58 -0.81
CA THR A 419 -36.92 -30.12 -1.81
C THR A 419 -37.40 -28.73 -1.39
N VAL A 420 -37.71 -27.88 -2.38
CA VAL A 420 -38.09 -26.48 -2.12
C VAL A 420 -39.48 -26.25 -2.72
N ARG A 421 -40.31 -25.52 -1.99
CA ARG A 421 -41.60 -25.06 -2.47
C ARG A 421 -41.60 -23.54 -2.58
N SER A 422 -42.10 -23.00 -3.69
CA SER A 422 -42.23 -21.56 -3.87
C SER A 422 -43.60 -21.09 -3.48
N LEU A 423 -43.67 -20.18 -2.51
CA LEU A 423 -44.96 -19.80 -1.95
C LEU A 423 -45.61 -18.62 -2.69
N ASN A 424 -44.82 -17.82 -3.41
CA ASN A 424 -45.36 -16.69 -4.22
C ASN A 424 -44.83 -16.84 -5.61
N PRO A 425 -45.17 -17.94 -6.26
CA PRO A 425 -44.51 -18.26 -7.52
C PRO A 425 -44.78 -17.26 -8.64
N ILE A 426 -45.82 -16.43 -8.55
CA ILE A 426 -45.95 -15.37 -9.55
C ILE A 426 -44.71 -14.44 -9.55
N ILE A 427 -44.18 -14.16 -8.35
CA ILE A 427 -43.11 -13.21 -8.14
C ILE A 427 -41.71 -13.80 -8.33
N ALA A 428 -41.45 -14.95 -7.72
CA ALA A 428 -40.16 -15.63 -7.89
C ALA A 428 -40.27 -17.11 -7.51
N THR A 429 -39.33 -17.87 -8.06
CA THR A 429 -39.35 -19.31 -8.10
C THR A 429 -38.01 -19.84 -7.62
N ALA A 430 -37.99 -21.07 -7.12
CA ALA A 430 -36.76 -21.67 -6.58
C ALA A 430 -36.65 -23.13 -6.97
N ALA A 431 -35.38 -23.54 -7.17
CA ALA A 431 -35.03 -24.84 -7.72
C ALA A 431 -33.72 -25.29 -7.06
N ILE A 432 -33.62 -26.60 -6.82
CA ILE A 432 -32.44 -27.18 -6.16
C ILE A 432 -31.74 -28.05 -7.19
N ASN A 433 -30.49 -27.71 -7.47
CA ASN A 433 -29.71 -28.33 -8.52
C ASN A 433 -28.44 -28.87 -7.86
N GLY A 434 -28.45 -30.16 -7.58
CA GLY A 434 -27.46 -30.80 -6.72
C GLY A 434 -27.47 -30.26 -5.29
N SER A 435 -26.40 -29.54 -4.93
CA SER A 435 -26.30 -28.94 -3.61
C SER A 435 -26.82 -27.54 -3.53
N GLU A 436 -27.06 -26.92 -4.70
CA GLU A 436 -27.32 -25.48 -4.75
C GLU A 436 -28.80 -25.14 -4.87
N LEU A 437 -29.21 -24.12 -4.13
CA LEU A 437 -30.57 -23.56 -4.21
C LEU A 437 -30.52 -22.20 -4.91
N LEU A 438 -31.32 -22.07 -5.97
CA LEU A 438 -31.24 -20.94 -6.86
C LEU A 438 -32.60 -20.31 -6.93
N VAL A 439 -32.68 -19.04 -6.58
CA VAL A 439 -33.91 -18.27 -6.70
C VAL A 439 -33.89 -17.43 -7.98
N THR A 440 -35.03 -17.40 -8.64
CA THR A 440 -35.19 -16.69 -9.90
C THR A 440 -36.29 -15.67 -9.74
N ALA A 441 -36.01 -14.42 -10.05
CA ALA A 441 -36.99 -13.35 -9.96
C ALA A 441 -37.61 -13.09 -11.33
N ASN A 442 -38.94 -13.08 -11.40
CA ASN A 442 -39.60 -12.90 -12.72
C ASN A 442 -39.63 -11.46 -13.18
N ALA A 443 -39.46 -11.30 -14.50
CA ALA A 443 -39.49 -9.99 -15.16
C ALA A 443 -40.75 -9.22 -14.76
N GLY A 444 -40.58 -7.93 -14.47
CA GLY A 444 -41.68 -7.02 -14.18
C GLY A 444 -42.53 -7.32 -12.96
N GLN A 445 -41.98 -8.13 -12.05
CA GLN A 445 -42.65 -8.47 -10.78
C GLN A 445 -41.90 -7.81 -9.61
N SER A 446 -42.58 -7.74 -8.47
CA SER A 446 -41.95 -7.25 -7.28
C SER A 446 -42.75 -7.60 -6.04
N GLY A 447 -42.08 -7.48 -4.90
CA GLY A 447 -42.68 -7.72 -3.61
C GLY A 447 -41.96 -8.86 -2.94
N LYS A 448 -42.52 -9.27 -1.81
CA LYS A 448 -41.98 -10.35 -0.96
C LYS A 448 -42.33 -11.73 -1.50
N ALA A 449 -41.33 -12.55 -1.76
CA ALA A 449 -41.54 -13.91 -2.24
C ALA A 449 -40.86 -14.81 -1.21
N SER A 450 -41.59 -15.83 -0.75
CA SER A 450 -41.13 -16.76 0.28
C SER A 450 -40.97 -18.17 -0.26
N PHE A 451 -40.18 -18.95 0.46
CA PHE A 451 -39.87 -20.32 0.07
C PHE A 451 -39.86 -21.23 1.27
N GLU A 452 -40.16 -22.51 1.04
CA GLU A 452 -40.13 -23.51 2.10
C GLU A 452 -39.20 -24.60 1.70
N VAL A 453 -38.24 -24.89 2.55
CA VAL A 453 -37.30 -25.97 2.30
C VAL A 453 -37.54 -27.17 3.25
N THR A 454 -37.56 -28.37 2.67
CA THR A 454 -37.71 -29.61 3.44
C THR A 454 -36.47 -30.46 3.22
N PHE A 455 -35.80 -30.81 4.32
CA PHE A 455 -34.62 -31.68 4.37
C PHE A 455 -34.93 -33.16 4.60
N LYS A 456 -34.02 -34.04 4.16
CA LYS A 456 -34.06 -35.49 4.43
C LYS A 456 -34.50 -35.81 5.85
N ASP A 457 -33.94 -35.07 6.81
CA ASP A 457 -34.15 -35.32 8.24
C ASP A 457 -35.50 -34.87 8.79
N ASN A 458 -36.40 -34.44 7.91
CA ASN A 458 -37.72 -33.93 8.28
C ASN A 458 -37.83 -32.56 8.99
N THR A 459 -36.72 -31.85 9.06
CA THR A 459 -36.75 -30.44 9.42
C THR A 459 -37.24 -29.60 8.23
N LYS A 460 -37.93 -28.51 8.56
CA LYS A 460 -38.33 -27.52 7.57
C LYS A 460 -38.01 -26.10 8.00
N ARG A 461 -37.68 -25.27 6.99
CA ARG A 461 -37.50 -23.84 7.16
C ARG A 461 -38.07 -22.99 5.98
N THR A 462 -38.43 -21.75 6.29
CA THR A 462 -38.83 -20.78 5.29
C THR A 462 -37.93 -19.54 5.38
N PHE A 463 -38.00 -18.74 4.31
CA PHE A 463 -37.26 -17.51 4.21
C PHE A 463 -37.86 -16.65 3.07
N THR A 464 -37.54 -15.36 3.10
CA THR A 464 -38.21 -14.36 2.27
C THR A 464 -37.21 -13.46 1.54
N VAL A 465 -37.41 -13.32 0.24
CA VAL A 465 -36.56 -12.48 -0.58
C VAL A 465 -37.39 -11.32 -1.09
N ASP A 466 -36.84 -10.12 -1.01
CA ASP A 466 -37.45 -8.94 -1.61
C ASP A 466 -37.05 -8.80 -3.09
N VAL A 467 -38.06 -8.84 -3.97
CA VAL A 467 -37.86 -8.63 -5.40
C VAL A 467 -38.18 -7.17 -5.68
N LYS A 468 -37.28 -6.49 -6.39
CA LYS A 468 -37.44 -5.06 -6.67
C LYS A 468 -37.72 -4.82 -8.14
N LYS A 469 -38.59 -3.87 -8.45
CA LYS A 469 -38.73 -3.47 -9.85
C LYS A 469 -37.38 -3.22 -10.50
N GLU A 470 -37.32 -3.38 -11.79
CA GLU A 470 -36.11 -3.05 -12.53
C GLU A 470 -35.86 -1.55 -12.48
N PRO A 471 -34.57 -1.30 -12.43
CA PRO A 471 -34.28 0.15 -12.38
C PRO A 471 -34.69 0.96 -13.61
N VAL A 472 -35.28 2.11 -13.37
CA VAL A 472 -35.86 2.93 -14.42
C VAL A 472 -35.66 4.40 -14.09
N LEU A 473 -35.31 5.21 -15.10
CA LEU A 473 -35.04 6.65 -14.90
C LEU A 473 -36.20 7.32 -14.18
N GLN A 474 -35.90 7.98 -13.09
CA GLN A 474 -36.90 8.55 -12.20
C GLN A 474 -36.75 10.07 -11.98
N ASP A 475 -35.53 10.57 -11.91
CA ASP A 475 -35.31 11.97 -11.60
C ASP A 475 -33.89 12.40 -11.93
N ILE A 476 -33.59 13.68 -11.81
CA ILE A 476 -32.22 14.11 -11.88
C ILE A 476 -31.74 14.61 -10.54
N LYS A 477 -30.44 14.75 -10.44
CA LYS A 477 -29.78 15.26 -9.27
C LYS A 477 -28.74 16.28 -9.70
N VAL A 478 -28.71 17.44 -9.04
CA VAL A 478 -27.65 18.41 -9.31
C VAL A 478 -26.70 18.54 -8.11
N ASP A 479 -25.44 18.80 -8.40
CA ASP A 479 -24.38 18.78 -7.40
C ASP A 479 -24.15 20.15 -6.69
N ALA A 480 -25.13 21.02 -6.76
CA ALA A 480 -25.05 22.29 -6.09
C ALA A 480 -26.44 22.93 -5.98
N THR A 481 -26.59 23.68 -4.91
CA THR A 481 -27.79 24.38 -4.57
C THR A 481 -27.53 25.89 -4.56
N SER A 482 -26.30 26.33 -4.24
CA SER A 482 -25.96 27.74 -4.40
C SER A 482 -24.52 27.95 -4.84
N VAL A 483 -24.33 29.09 -5.50
CA VAL A 483 -23.06 29.44 -6.09
C VAL A 483 -22.90 30.93 -5.87
N LYS A 484 -21.70 31.31 -5.44
CA LYS A 484 -21.29 32.71 -5.30
C LYS A 484 -20.20 32.93 -6.31
N LEU A 485 -20.36 33.92 -7.20
CA LEU A 485 -19.36 34.23 -8.21
C LEU A 485 -18.84 35.66 -8.10
N SER A 486 -17.57 35.85 -8.48
CA SER A 486 -17.03 37.20 -8.70
C SER A 486 -17.42 37.65 -10.13
N ASP A 487 -17.65 38.94 -10.31
CA ASP A 487 -18.13 39.47 -11.59
C ASP A 487 -17.08 39.34 -12.69
N GLU A 488 -15.81 39.34 -12.30
CA GLU A 488 -14.70 39.13 -13.23
C GLU A 488 -13.53 38.44 -12.49
N ALA A 489 -12.53 38.02 -13.23
CA ALA A 489 -11.31 37.48 -12.68
C ALA A 489 -10.20 38.48 -12.92
N VAL A 490 -9.32 38.64 -11.96
CA VAL A 490 -8.14 39.52 -12.14
C VAL A 490 -7.12 38.91 -13.12
N GLY A 491 -6.79 39.68 -14.15
CA GLY A 491 -6.11 39.17 -15.33
C GLY A 491 -7.09 38.81 -16.45
N GLY A 492 -8.37 38.70 -16.15
CA GLY A 492 -9.39 38.44 -17.18
C GLY A 492 -9.63 36.97 -17.42
N GLY A 493 -10.43 36.69 -18.43
CA GLY A 493 -10.82 35.31 -18.72
C GLY A 493 -11.96 34.79 -17.85
N GLU A 494 -12.30 33.54 -18.08
CA GLU A 494 -13.33 32.86 -17.31
C GLU A 494 -12.63 31.79 -16.53
N VAL A 495 -12.56 32.00 -15.22
CA VAL A 495 -11.74 31.18 -14.32
C VAL A 495 -12.62 30.37 -13.37
N GLU A 496 -12.45 29.06 -13.42
CA GLU A 496 -13.29 28.18 -12.60
C GLU A 496 -13.06 28.51 -11.15
N GLY A 497 -14.13 28.74 -10.39
CA GLY A 497 -13.95 29.09 -8.96
C GLY A 497 -14.01 30.58 -8.65
N VAL A 498 -13.75 31.41 -9.65
CA VAL A 498 -13.79 32.86 -9.47
C VAL A 498 -15.04 33.39 -10.16
N ASN A 499 -15.05 33.48 -11.49
CA ASN A 499 -16.21 34.09 -12.14
C ASN A 499 -17.13 33.13 -12.92
N GLN A 500 -16.85 31.85 -12.82
CA GLN A 500 -17.78 30.83 -13.32
C GLN A 500 -17.80 29.65 -12.39
N LYS A 501 -18.76 28.75 -12.62
CA LYS A 501 -18.89 27.53 -11.85
C LYS A 501 -19.50 26.47 -12.73
N THR A 502 -18.83 25.32 -12.76
CA THR A 502 -19.28 24.15 -13.48
C THR A 502 -20.25 23.39 -12.55
N ILE A 503 -21.39 22.97 -13.07
CA ILE A 503 -22.34 22.25 -12.27
C ILE A 503 -22.58 20.90 -12.88
N LYS A 504 -22.45 19.85 -12.06
CA LYS A 504 -22.79 18.50 -12.51
C LYS A 504 -24.26 18.09 -12.28
N VAL A 505 -24.83 17.44 -13.30
CA VAL A 505 -26.19 16.89 -13.27
C VAL A 505 -26.11 15.37 -13.51
N SER A 506 -26.80 14.60 -12.68
CA SER A 506 -26.75 13.12 -12.79
C SER A 506 -28.15 12.64 -12.97
N ALA A 507 -28.31 11.59 -13.78
CA ALA A 507 -29.60 10.93 -13.93
C ALA A 507 -29.70 9.74 -12.99
N VAL A 508 -30.82 9.64 -12.28
CA VAL A 508 -31.00 8.58 -11.29
C VAL A 508 -32.29 7.75 -11.44
N ASP A 509 -32.19 6.49 -11.01
CA ASP A 509 -33.29 5.55 -11.03
C ASP A 509 -34.13 5.74 -9.76
N GLN A 510 -35.11 4.86 -9.55
CA GLN A 510 -36.07 4.98 -8.44
C GLN A 510 -35.46 4.70 -7.10
N TYR A 511 -34.25 4.17 -7.10
CA TYR A 511 -33.51 3.85 -5.88
C TYR A 511 -32.38 4.86 -5.67
N GLY A 512 -32.38 5.94 -6.44
CA GLY A 512 -31.31 6.96 -6.36
C GLY A 512 -29.93 6.60 -6.91
N LYS A 513 -29.82 5.51 -7.65
CA LYS A 513 -28.53 5.14 -8.27
C LYS A 513 -28.41 5.71 -9.69
N GLU A 514 -27.19 5.98 -10.14
CA GLU A 514 -26.95 6.51 -11.48
C GLU A 514 -27.51 5.55 -12.49
N ILE A 515 -28.07 6.09 -13.57
CA ILE A 515 -28.68 5.31 -14.62
C ILE A 515 -28.48 6.09 -15.91
N LYS A 516 -28.12 5.41 -17.00
CA LYS A 516 -27.96 6.08 -18.28
C LYS A 516 -29.20 6.90 -18.50
N PHE A 517 -29.03 8.08 -19.06
CA PHE A 517 -30.17 8.93 -19.36
C PHE A 517 -30.82 8.31 -20.58
N GLY A 518 -32.12 8.43 -20.73
CA GLY A 518 -32.72 7.84 -21.93
C GLY A 518 -32.52 8.72 -23.16
N THR A 519 -33.39 8.54 -24.15
CA THR A 519 -33.74 9.62 -25.05
C THR A 519 -35.23 9.97 -24.87
N LYS A 520 -35.94 9.19 -24.06
CA LYS A 520 -37.34 9.44 -23.77
C LYS A 520 -37.56 10.91 -23.39
N GLY A 521 -36.84 11.35 -22.37
CA GLY A 521 -37.06 12.66 -21.79
C GLY A 521 -36.11 13.74 -22.26
N LYS A 522 -36.11 14.84 -21.54
CA LYS A 522 -35.13 15.87 -21.77
C LYS A 522 -34.91 16.64 -20.48
N VAL A 523 -33.78 17.35 -20.42
CA VAL A 523 -33.47 18.29 -19.35
C VAL A 523 -33.06 19.64 -19.94
N THR A 524 -33.70 20.71 -19.49
CA THR A 524 -33.33 22.07 -19.90
C THR A 524 -32.65 22.82 -18.74
N VAL A 525 -31.76 23.77 -19.10
CA VAL A 525 -31.11 24.68 -18.14
C VAL A 525 -31.40 26.14 -18.53
N THR A 526 -32.03 26.89 -17.63
CA THR A 526 -32.51 28.21 -17.97
C THR A 526 -32.39 29.17 -16.79
N THR A 527 -32.34 30.45 -17.11
CA THR A 527 -32.42 31.50 -16.11
C THR A 527 -33.20 32.69 -16.68
N ASN A 528 -33.95 33.37 -15.82
CA ASN A 528 -34.58 34.66 -16.11
C ASN A 528 -33.70 35.86 -15.73
N THR A 529 -32.51 35.59 -15.21
CA THR A 529 -31.64 36.62 -14.64
C THR A 529 -30.66 37.22 -15.64
N GLU A 530 -30.84 38.49 -15.97
CA GLU A 530 -29.96 39.20 -16.91
C GLU A 530 -28.61 39.36 -16.26
N GLY A 531 -27.54 38.99 -16.98
CA GLY A 531 -26.18 39.08 -16.44
C GLY A 531 -25.56 37.71 -16.19
N LEU A 532 -26.40 36.67 -16.05
CA LEU A 532 -25.90 35.29 -15.99
C LEU A 532 -25.85 34.70 -17.38
N VAL A 533 -24.81 33.91 -17.62
CA VAL A 533 -24.58 33.26 -18.91
C VAL A 533 -24.45 31.78 -18.61
N ILE A 534 -25.19 30.94 -19.36
CA ILE A 534 -25.14 29.48 -19.32
C ILE A 534 -24.35 29.01 -20.54
N LYS A 535 -23.34 28.19 -20.31
CA LYS A 535 -22.54 27.65 -21.39
C LYS A 535 -22.58 26.13 -21.32
N ASN A 536 -21.99 25.51 -22.33
CA ASN A 536 -21.95 24.06 -22.51
C ASN A 536 -23.36 23.43 -22.56
N VAL A 537 -24.26 24.14 -23.23
CA VAL A 537 -25.67 23.74 -23.35
C VAL A 537 -26.07 23.90 -24.83
N ASN A 538 -26.93 23.01 -25.33
CA ASN A 538 -27.49 23.07 -26.68
C ASN A 538 -28.28 24.36 -26.83
N SER A 539 -28.48 24.78 -28.08
CA SER A 539 -29.16 26.04 -28.41
C SER A 539 -30.61 26.12 -27.90
N ASP A 540 -31.25 24.95 -27.77
CA ASP A 540 -32.60 24.90 -27.16
C ASP A 540 -32.51 24.69 -25.64
N ASN A 541 -31.41 25.13 -25.03
CA ASN A 541 -31.26 25.10 -23.59
C ASN A 541 -31.15 23.69 -22.99
N THR A 542 -31.17 22.65 -23.81
CA THR A 542 -31.12 21.29 -23.27
C THR A 542 -29.66 20.87 -23.04
N ILE A 543 -29.51 19.77 -22.30
CA ILE A 543 -28.26 19.04 -22.18
C ILE A 543 -28.60 17.55 -22.40
N ASP A 544 -27.89 16.90 -23.31
CA ASP A 544 -28.38 15.64 -23.90
C ASP A 544 -27.86 14.35 -23.28
N PHE A 545 -26.86 14.48 -22.40
CA PHE A 545 -26.22 13.34 -21.69
C PHE A 545 -25.52 12.37 -22.64
N ASP A 546 -24.65 12.93 -23.49
CA ASP A 546 -23.98 12.21 -24.57
C ASP A 546 -25.02 11.44 -25.40
N SER A 547 -26.01 12.17 -25.89
CA SER A 547 -27.18 11.60 -26.57
C SER A 547 -27.80 10.40 -25.86
N GLY A 548 -28.02 10.53 -24.55
CA GLY A 548 -28.66 9.47 -23.77
C GLY A 548 -27.77 8.32 -23.28
N ASN A 549 -26.51 8.28 -23.68
CA ASN A 549 -25.63 7.16 -23.27
C ASN A 549 -25.01 7.27 -21.88
N SER A 550 -25.06 8.47 -21.33
CA SER A 550 -24.35 8.81 -20.11
C SER A 550 -25.34 8.96 -18.97
N ALA A 551 -24.89 8.65 -17.76
CA ALA A 551 -25.64 8.94 -16.56
C ALA A 551 -25.35 10.37 -16.04
N THR A 552 -24.29 11.01 -16.55
CA THR A 552 -23.91 12.35 -16.09
C THR A 552 -23.72 13.36 -17.22
N ASP A 553 -23.80 14.63 -16.88
CA ASP A 553 -23.52 15.71 -17.83
C ASP A 553 -23.10 16.95 -17.03
N GLN A 554 -22.98 18.11 -17.67
CA GLN A 554 -22.38 19.28 -17.04
C GLN A 554 -22.77 20.54 -17.72
N PHE A 555 -22.86 21.62 -16.96
CA PHE A 555 -22.90 22.93 -17.55
C PHE A 555 -22.14 23.92 -16.71
N VAL A 556 -21.91 25.08 -17.30
CA VAL A 556 -21.12 26.12 -16.70
C VAL A 556 -21.98 27.35 -16.56
N VAL A 557 -21.85 28.06 -15.45
CA VAL A 557 -22.52 29.36 -15.27
C VAL A 557 -21.45 30.44 -15.12
N VAL A 558 -21.63 31.56 -15.81
CA VAL A 558 -20.62 32.61 -15.83
C VAL A 558 -21.18 33.96 -15.48
N ALA A 559 -20.47 34.74 -14.67
CA ALA A 559 -20.87 36.12 -14.40
C ALA A 559 -20.54 37.01 -15.61
N THR A 560 -21.32 38.08 -15.78
CA THR A 560 -20.99 39.15 -16.73
C THR A 560 -20.32 40.31 -16.01
N LYS A 561 -19.22 40.81 -16.60
CA LYS A 561 -18.37 41.83 -15.97
C LYS A 561 -19.19 43.03 -15.64
N ASP A 562 -19.03 43.49 -14.39
CA ASP A 562 -19.69 44.67 -13.86
C ASP A 562 -21.24 44.68 -13.89
N LYS A 563 -21.88 43.54 -14.14
CA LYS A 563 -23.33 43.37 -13.93
C LYS A 563 -23.58 42.56 -12.65
N ILE A 564 -23.88 43.28 -11.57
CA ILE A 564 -23.85 42.76 -10.22
C ILE A 564 -25.24 42.35 -9.75
N VAL A 565 -25.73 41.22 -10.24
CA VAL A 565 -27.08 40.79 -9.95
C VAL A 565 -27.05 39.42 -9.32
N ASN A 566 -28.05 39.13 -8.50
CA ASN A 566 -28.22 37.84 -7.88
C ASN A 566 -29.50 37.26 -8.46
N GLY A 567 -29.49 36.00 -8.85
CA GLY A 567 -30.68 35.38 -9.42
C GLY A 567 -30.62 33.89 -9.26
N LYS A 568 -31.26 33.14 -10.14
CA LYS A 568 -31.17 31.71 -10.06
C LYS A 568 -31.26 30.99 -11.39
N VAL A 569 -30.74 29.76 -11.40
CA VAL A 569 -30.77 28.86 -12.56
C VAL A 569 -31.65 27.68 -12.26
N GLU A 570 -32.46 27.30 -13.24
CA GLU A 570 -33.40 26.21 -13.09
C GLU A 570 -32.98 25.06 -13.99
N VAL A 571 -32.99 23.85 -13.43
CA VAL A 571 -32.64 22.66 -14.16
C VAL A 571 -33.87 21.76 -14.16
N LYS A 572 -34.52 21.67 -15.30
CA LYS A 572 -35.82 21.02 -15.37
C LYS A 572 -35.76 19.67 -16.07
N TYR A 573 -36.25 18.63 -15.41
CA TYR A 573 -36.42 17.29 -16.03
C TYR A 573 -37.84 17.11 -16.60
N PHE A 574 -37.93 16.73 -17.87
CA PHE A 574 -39.20 16.38 -18.51
C PHE A 574 -39.22 14.89 -18.83
N LYS A 575 -40.15 14.14 -18.25
CA LYS A 575 -40.28 12.69 -18.49
C LYS A 575 -40.30 12.36 -19.97
N ASN A 576 -41.17 13.02 -20.71
CA ASN A 576 -41.17 12.92 -22.17
C ASN A 576 -40.71 14.24 -22.79
N ALA A 577 -39.84 14.12 -23.79
CA ALA A 577 -39.26 15.30 -24.42
C ALA A 577 -40.34 16.27 -24.86
N SER A 578 -41.48 15.74 -25.27
CA SER A 578 -42.57 16.56 -25.78
C SER A 578 -43.51 17.16 -24.73
N ASP A 579 -43.25 16.95 -23.44
CA ASP A 579 -44.15 17.50 -22.41
C ASP A 579 -44.02 19.01 -22.27
N THR A 580 -45.14 19.69 -22.08
CA THR A 580 -45.12 21.14 -21.86
C THR A 580 -44.80 21.51 -20.40
N THR A 581 -45.12 20.64 -19.45
CA THR A 581 -44.76 20.91 -18.05
C THR A 581 -43.68 19.96 -17.58
N PRO A 582 -42.71 20.48 -16.82
CA PRO A 582 -41.70 19.59 -16.27
C PRO A 582 -42.23 18.66 -15.19
N THR A 583 -41.49 17.57 -14.97
CA THR A 583 -41.76 16.55 -13.96
C THR A 583 -41.10 16.94 -12.63
N SER A 584 -39.92 17.54 -12.71
CA SER A 584 -39.33 18.19 -11.54
C SER A 584 -38.35 19.29 -11.95
N THR A 585 -38.01 20.11 -10.97
CA THR A 585 -37.20 21.27 -11.18
C THR A 585 -36.25 21.39 -10.02
N LYS A 586 -34.95 21.48 -10.31
CA LYS A 586 -33.95 21.79 -9.27
C LYS A 586 -33.50 23.23 -9.41
N THR A 587 -33.37 23.95 -8.30
CA THR A 587 -33.00 25.39 -8.34
C THR A 587 -31.61 25.65 -7.79
N ILE A 588 -30.88 26.55 -8.46
CA ILE A 588 -29.55 26.93 -8.00
C ILE A 588 -29.46 28.43 -7.85
N THR A 589 -29.29 28.91 -6.63
CA THR A 589 -29.23 30.34 -6.44
C THR A 589 -27.81 30.81 -6.78
N VAL A 590 -27.69 31.97 -7.39
CA VAL A 590 -26.41 32.49 -7.80
C VAL A 590 -26.25 33.93 -7.39
N ASN A 591 -25.17 34.21 -6.67
CA ASN A 591 -24.87 35.54 -6.22
C ASN A 591 -23.59 36.04 -6.87
N VAL A 592 -23.70 37.17 -7.59
CA VAL A 592 -22.54 37.81 -8.19
C VAL A 592 -22.09 38.98 -7.35
N VAL A 593 -20.87 38.92 -6.86
CA VAL A 593 -20.29 40.02 -6.10
C VAL A 593 -19.30 40.79 -6.98
N ASN A 594 -19.22 42.11 -6.80
CA ASN A 594 -18.27 42.93 -7.53
C ASN A 594 -16.84 42.90 -6.97
N VAL A 595 -15.88 42.63 -7.85
CA VAL A 595 -14.45 42.85 -7.56
C VAL A 595 -13.86 43.76 -8.62
N LYS A 596 -12.84 44.50 -8.23
CA LYS A 596 -12.12 45.43 -9.12
C LYS A 596 -11.08 44.71 -9.97
N ALA A 597 -10.93 45.14 -11.21
CA ALA A 597 -9.95 44.54 -12.15
C ALA A 597 -8.50 44.62 -11.66
N ASP A 598 -8.23 45.52 -10.73
CA ASP A 598 -6.87 45.74 -10.24
C ASP A 598 -6.77 45.64 -8.73
N ALA A 599 -7.63 44.79 -8.16
CA ALA A 599 -7.78 44.76 -6.71
C ALA A 599 -6.50 44.25 -6.09
N THR A 600 -6.17 44.75 -4.92
CA THR A 600 -5.03 44.24 -4.18
C THR A 600 -5.40 42.92 -3.50
N PRO A 601 -4.62 41.87 -3.76
CA PRO A 601 -4.80 40.60 -3.05
C PRO A 601 -4.28 40.70 -1.64
N VAL A 602 -5.11 40.33 -0.66
CA VAL A 602 -4.71 40.42 0.75
C VAL A 602 -4.85 39.15 1.56
N GLY A 603 -5.34 38.07 0.95
CA GLY A 603 -5.50 36.84 1.68
C GLY A 603 -5.75 35.69 0.74
N LEU A 604 -5.80 34.50 1.29
CA LEU A 604 -6.05 33.32 0.53
C LEU A 604 -7.21 32.51 1.05
N ASP A 605 -7.84 31.82 0.10
CA ASP A 605 -8.75 30.71 0.38
C ASP A 605 -8.08 29.42 -0.14
N ILE A 606 -7.67 28.57 0.81
CA ILE A 606 -7.01 27.31 0.53
C ILE A 606 -7.99 26.18 0.91
N VAL A 607 -8.55 25.57 -0.13
CA VAL A 607 -9.61 24.56 0.00
C VAL A 607 -8.98 23.18 0.18
N ALA A 608 -8.35 22.98 1.33
CA ALA A 608 -7.64 21.77 1.71
C ALA A 608 -8.54 20.86 2.47
N PRO A 609 -8.29 19.58 2.39
CA PRO A 609 -9.13 18.71 3.19
C PRO A 609 -8.75 18.94 4.63
N SER A 610 -9.72 18.77 5.56
CA SER A 610 -9.52 19.13 6.97
C SER A 610 -8.66 18.17 7.81
N GLU A 611 -8.53 16.93 7.36
CA GLU A 611 -8.13 15.77 8.18
C GLU A 611 -7.28 14.81 7.37
N ILE A 612 -6.20 14.28 7.91
CA ILE A 612 -5.56 13.14 7.28
C ILE A 612 -5.62 11.96 8.25
N ASP A 613 -5.85 10.77 7.72
CA ASP A 613 -6.02 9.54 8.51
C ASP A 613 -5.02 8.50 8.02
N VAL A 614 -4.20 7.98 8.93
CA VAL A 614 -3.20 7.01 8.56
C VAL A 614 -3.85 5.70 8.08
N ASN A 615 -5.12 5.47 8.43
CA ASN A 615 -5.84 4.23 8.07
C ASN A 615 -6.63 4.32 6.74
N ALA A 616 -6.62 5.51 6.14
CA ALA A 616 -7.33 5.79 4.88
C ALA A 616 -7.33 4.68 3.85
N PRO A 617 -6.15 4.11 3.56
CA PRO A 617 -6.12 3.00 2.60
C PRO A 617 -6.90 1.74 2.98
N ASN A 618 -7.30 1.61 4.24
CA ASN A 618 -8.04 0.41 4.64
C ASN A 618 -9.52 0.70 4.80
N THR A 619 -9.91 1.97 4.87
CA THR A 619 -11.34 2.31 5.03
C THR A 619 -12.08 2.16 3.70
N ALA A 620 -13.28 1.58 3.74
CA ALA A 620 -14.10 1.36 2.54
C ALA A 620 -14.28 2.69 1.82
N SER A 621 -14.57 3.74 2.57
CA SER A 621 -14.71 5.09 1.99
C SER A 621 -13.54 5.40 1.07
N THR A 622 -13.83 5.97 -0.09
CA THR A 622 -12.75 6.30 -1.01
C THR A 622 -12.44 7.77 -0.92
N ALA A 623 -13.09 8.44 0.05
CA ALA A 623 -13.05 9.92 0.19
C ALA A 623 -11.97 10.44 1.13
N ASP A 624 -11.47 9.58 2.01
CA ASP A 624 -10.47 9.98 3.00
C ASP A 624 -9.09 9.80 2.41
N VAL A 625 -8.14 10.56 2.92
CA VAL A 625 -6.78 10.58 2.38
C VAL A 625 -5.76 10.50 3.52
N ASP A 626 -4.57 10.00 3.20
CA ASP A 626 -3.54 9.88 4.22
C ASP A 626 -2.41 10.94 4.08
N PHE A 627 -2.66 11.95 3.25
CA PHE A 627 -1.69 13.00 2.94
C PHE A 627 -2.39 14.12 2.18
N ILE A 628 -1.73 15.28 2.10
CA ILE A 628 -2.24 16.36 1.26
C ILE A 628 -1.11 16.93 0.48
N ASN A 629 -1.29 17.01 -0.84
CA ASN A 629 -0.32 17.67 -1.70
C ASN A 629 -0.87 19.05 -2.01
N PHE A 630 -0.24 20.08 -1.46
CA PHE A 630 -0.76 21.45 -1.58
C PHE A 630 -0.63 22.03 -2.98
N GLU A 631 0.24 21.46 -3.83
CA GLU A 631 0.18 21.78 -5.28
C GLU A 631 -1.11 21.28 -5.94
N SER A 632 -1.89 20.45 -5.27
CA SER A 632 -3.12 19.91 -5.87
C SER A 632 -4.38 20.61 -5.39
N VAL A 633 -4.27 21.47 -4.39
CA VAL A 633 -5.49 22.00 -3.76
C VAL A 633 -5.87 23.33 -4.40
N GLU A 634 -7.15 23.54 -4.64
CA GLU A 634 -7.53 24.83 -5.17
C GLU A 634 -7.10 25.89 -4.15
N ILE A 635 -6.35 26.89 -4.59
CA ILE A 635 -6.07 28.09 -3.80
C ILE A 635 -6.47 29.38 -4.56
N TYR A 636 -7.11 30.33 -3.88
CA TYR A 636 -7.57 31.55 -4.54
C TYR A 636 -7.13 32.77 -3.75
N THR A 637 -6.72 33.83 -4.44
CA THR A 637 -6.38 35.07 -3.76
C THR A 637 -7.70 35.78 -3.48
N LEU A 638 -7.74 36.55 -2.40
CA LEU A 638 -8.96 37.29 -1.99
C LEU A 638 -8.68 38.83 -1.90
N ASP A 639 -9.68 39.64 -2.22
CA ASP A 639 -9.60 41.09 -1.96
C ASP A 639 -9.98 41.41 -0.51
N SER A 640 -9.93 42.68 -0.14
CA SER A 640 -10.19 43.04 1.23
C SER A 640 -11.63 42.72 1.68
N ASN A 641 -12.57 42.64 0.73
CA ASN A 641 -13.94 42.16 1.01
C ASN A 641 -14.12 40.65 1.22
N GLY A 642 -13.05 39.87 1.04
CA GLY A 642 -13.14 38.41 1.18
C GLY A 642 -13.63 37.69 -0.08
N ASN A 643 -13.72 38.41 -1.20
CA ASN A 643 -14.10 37.81 -2.48
C ASN A 643 -12.93 37.36 -3.36
N ARG A 644 -13.17 36.43 -4.27
CA ARG A 644 -12.08 35.80 -4.95
C ARG A 644 -11.66 36.60 -6.18
N LEU A 645 -10.37 36.60 -6.42
CA LEU A 645 -9.75 37.39 -7.45
C LEU A 645 -9.17 36.50 -8.54
N LYS A 646 -8.37 35.52 -8.11
CA LYS A 646 -7.51 34.72 -9.01
C LYS A 646 -7.21 33.30 -8.44
N LYS A 647 -6.91 32.35 -9.31
CA LYS A 647 -6.48 31.02 -8.91
C LYS A 647 -4.97 31.05 -8.86
N VAL A 648 -4.39 30.62 -7.76
CA VAL A 648 -2.93 30.60 -7.68
C VAL A 648 -2.44 29.24 -7.18
N THR A 649 -1.12 29.04 -7.26
CA THR A 649 -0.47 27.82 -6.85
C THR A 649 0.58 28.22 -5.82
N PRO A 650 0.90 27.31 -4.89
CA PRO A 650 1.79 27.61 -3.76
C PRO A 650 3.27 27.73 -4.08
N THR A 651 3.93 28.67 -3.42
CA THR A 651 5.34 28.94 -3.55
C THR A 651 6.18 28.21 -2.48
N ALA A 652 5.58 28.02 -1.31
CA ALA A 652 6.25 27.36 -0.21
C ALA A 652 5.18 26.70 0.67
N THR A 653 5.56 25.66 1.38
CA THR A 653 4.68 25.04 2.37
C THR A 653 5.63 24.66 3.49
N THR A 654 5.30 24.97 4.75
CA THR A 654 6.17 24.61 5.87
C THR A 654 5.36 24.33 7.14
N LEU A 655 5.77 23.30 7.86
CA LEU A 655 5.17 22.94 9.15
C LEU A 655 5.54 23.99 10.18
N VAL A 656 4.62 24.28 11.08
CA VAL A 656 4.91 25.13 12.22
C VAL A 656 5.22 24.22 13.40
N GLY A 657 6.40 24.37 13.96
CA GLY A 657 6.84 23.56 15.06
C GLY A 657 7.33 22.21 14.58
N THR A 658 7.26 21.23 15.49
CA THR A 658 7.53 19.84 15.18
C THR A 658 6.38 19.00 15.65
N ASN A 659 6.39 17.74 15.25
CA ASN A 659 5.33 16.82 15.61
C ASN A 659 5.83 15.42 15.50
N ASP A 660 5.40 14.55 16.38
CA ASP A 660 5.91 13.17 16.37
C ASP A 660 5.37 12.25 15.27
N TYR A 661 4.29 12.64 14.62
CA TYR A 661 3.58 11.76 13.71
C TYR A 661 3.54 12.23 12.27
N VAL A 662 3.57 13.54 12.04
CA VAL A 662 3.49 14.08 10.66
C VAL A 662 4.61 15.07 10.28
N GLU A 663 4.75 15.31 8.99
CA GLU A 663 5.77 16.24 8.51
C GLU A 663 5.38 16.76 7.16
N VAL A 664 6.13 17.77 6.74
CA VAL A 664 5.97 18.33 5.41
C VAL A 664 7.25 18.12 4.64
N ASN A 665 7.11 17.56 3.44
CA ASN A 665 8.24 17.33 2.53
C ASN A 665 7.90 17.95 1.20
N GLY A 666 8.52 19.09 0.92
CA GLY A 666 8.20 19.87 -0.27
C GLY A 666 6.89 20.58 -0.03
N ASN A 667 5.90 20.29 -0.85
CA ASN A 667 4.57 20.77 -0.60
C ASN A 667 3.59 19.68 -0.09
N VAL A 668 4.12 18.59 0.48
CA VAL A 668 3.26 17.45 0.91
C VAL A 668 3.21 17.26 2.42
N LEU A 669 2.02 17.42 3.02
CA LEU A 669 1.80 17.03 4.43
C LEU A 669 1.50 15.55 4.44
N GLN A 670 2.24 14.81 5.27
CA GLN A 670 2.07 13.37 5.35
C GLN A 670 2.57 12.80 6.65
N PHE A 671 2.22 11.54 6.89
CA PHE A 671 2.71 10.83 8.06
C PHE A 671 4.21 10.53 7.89
N LYS A 672 4.95 10.56 8.99
CA LYS A 672 6.41 10.39 8.89
C LYS A 672 6.81 9.07 8.30
N GLY A 673 6.01 8.04 8.52
CA GLY A 673 6.34 6.66 8.12
C GLY A 673 6.89 5.75 9.22
N ASN A 674 7.01 6.24 10.45
CA ASN A 674 7.58 5.39 11.53
C ASN A 674 6.45 4.62 12.22
N ASP A 675 5.76 3.77 11.44
CA ASP A 675 4.73 2.87 11.92
C ASP A 675 3.55 3.57 12.63
N GLU A 676 3.11 4.68 12.08
CA GLU A 676 2.02 5.39 12.68
C GLU A 676 0.74 4.59 12.62
N LEU A 677 0.63 3.65 11.69
CA LEU A 677 -0.59 2.87 11.57
C LEU A 677 -0.83 1.97 12.76
N THR A 678 0.23 1.41 13.30
CA THR A 678 0.04 0.50 14.44
C THR A 678 0.19 1.20 15.82
N LEU A 679 0.79 2.39 15.80
CA LEU A 679 1.24 3.02 17.06
C LEU A 679 0.50 4.29 17.44
N LEU A 680 -0.14 4.95 16.46
CA LEU A 680 -0.87 6.19 16.73
C LEU A 680 -2.25 5.89 17.32
N THR A 681 -2.46 6.41 18.53
CA THR A 681 -3.72 6.17 19.26
C THR A 681 -4.32 7.50 19.79
N SER A 682 -3.71 8.61 19.41
CA SER A 682 -4.19 9.90 19.81
C SER A 682 -4.54 10.65 18.53
N SER A 683 -4.89 11.90 18.67
CA SER A 683 -5.21 12.70 17.52
C SER A 683 -4.89 14.11 17.87
N SER A 684 -4.39 14.86 16.92
CA SER A 684 -4.21 16.27 17.19
C SER A 684 -4.29 17.05 15.90
N THR A 685 -4.00 18.35 16.02
CA THR A 685 -3.98 19.21 14.88
C THR A 685 -2.63 19.88 14.73
N VAL A 686 -2.20 19.98 13.50
CA VAL A 686 -0.96 20.57 13.17
C VAL A 686 -1.31 21.82 12.35
N ASN A 687 -0.43 22.81 12.33
CA ASN A 687 -0.58 23.98 11.45
C ASN A 687 0.49 23.98 10.34
N VAL A 688 0.08 24.43 9.17
CA VAL A 688 0.90 24.50 7.98
C VAL A 688 0.87 25.92 7.38
N ASP A 689 2.02 26.58 7.27
CA ASP A 689 2.08 27.87 6.57
C ASP A 689 2.25 27.64 5.07
N VAL A 690 1.32 28.24 4.31
CA VAL A 690 1.27 28.12 2.86
C VAL A 690 1.36 29.53 2.30
N THR A 691 2.32 29.70 1.39
CA THR A 691 2.57 30.95 0.66
C THR A 691 2.21 30.82 -0.82
N ALA A 692 1.38 31.73 -1.28
CA ALA A 692 0.96 31.79 -2.67
C ALA A 692 0.83 33.25 -3.03
N ASP A 693 1.42 33.63 -4.15
CA ASP A 693 1.29 34.96 -4.67
C ASP A 693 1.67 36.06 -3.65
N GLY A 694 2.77 35.85 -2.93
CA GLY A 694 3.30 36.84 -1.98
C GLY A 694 2.45 37.02 -0.71
N ILE A 695 1.57 36.04 -0.43
CA ILE A 695 0.75 36.00 0.76
C ILE A 695 0.93 34.66 1.48
N THR A 696 1.10 34.68 2.79
CA THR A 696 1.18 33.45 3.61
C THR A 696 -0.03 33.31 4.48
N LYS A 697 -0.60 32.11 4.49
CA LYS A 697 -1.73 31.75 5.35
C LYS A 697 -1.46 30.48 6.15
N ARG A 698 -1.87 30.51 7.41
CA ARG A 698 -1.69 29.38 8.29
C ARG A 698 -2.94 28.52 8.23
N ILE A 699 -2.77 27.26 7.85
CA ILE A 699 -3.92 26.42 7.85
C ILE A 699 -3.75 25.18 8.69
N PRO A 700 -4.83 24.84 9.42
CA PRO A 700 -4.83 23.74 10.38
C PRO A 700 -5.22 22.44 9.74
N VAL A 701 -4.54 21.37 10.16
CA VAL A 701 -4.90 20.04 9.73
C VAL A 701 -4.87 19.05 10.86
N LYS A 702 -5.98 18.32 10.96
CA LYS A 702 -6.08 17.27 11.94
C LYS A 702 -5.50 15.97 11.40
N TYR A 703 -4.83 15.22 12.27
CA TYR A 703 -4.43 13.86 11.93
C TYR A 703 -5.06 12.90 12.91
N ILE A 704 -5.57 11.78 12.39
CA ILE A 704 -6.17 10.68 13.18
C ILE A 704 -5.67 9.30 12.74
N ASN A 705 -6.14 8.28 13.44
CA ASN A 705 -5.90 6.92 13.05
C ASN A 705 -7.14 6.17 13.41
N SER A 706 -7.96 5.79 12.42
CA SER A 706 -9.21 5.11 12.73
C SER A 706 -9.01 3.60 12.82
N ALA A 707 -7.77 3.12 12.76
CA ALA A 707 -7.52 1.70 12.86
C ALA A 707 -7.76 1.32 14.29
N SER A 708 -8.27 0.10 14.49
CA SER A 708 -8.49 -0.41 15.80
C SER A 708 -7.23 -1.13 16.27
N VAL A 709 -6.30 -0.38 16.86
CA VAL A 709 -5.03 -0.95 17.29
C VAL A 709 -4.84 -0.79 18.78
N PRO A 710 -3.93 -1.57 19.34
CA PRO A 710 -3.87 -1.49 20.78
C PRO A 710 -3.50 -0.12 21.33
N ALA A 711 -4.29 0.35 22.28
CA ALA A 711 -4.06 1.66 22.91
C ALA A 711 -3.85 1.55 24.42
N SER A 712 -4.47 0.54 25.03
CA SER A 712 -4.28 0.35 26.46
C SER A 712 -4.45 -1.12 26.83
N ALA A 713 -3.90 -1.52 27.97
CA ALA A 713 -3.93 -2.93 28.39
C ALA A 713 -3.96 -2.98 29.87
N THR A 714 -4.49 -4.09 30.33
CA THR A 714 -4.81 -4.35 31.72
C THR A 714 -4.47 -5.78 32.10
N VAL A 715 -3.91 -5.96 33.29
CA VAL A 715 -3.45 -7.26 33.74
C VAL A 715 -4.27 -7.77 34.91
N ALA A 716 -4.86 -8.95 34.76
CA ALA A 716 -5.60 -9.58 35.86
C ALA A 716 -4.66 -9.88 37.01
N THR A 717 -5.18 -9.63 38.18
CA THR A 717 -4.38 -9.54 39.35
C THR A 717 -4.42 -10.83 40.19
N SER A 718 -5.43 -11.67 40.02
CA SER A 718 -5.59 -12.76 40.96
C SER A 718 -4.59 -13.93 40.73
N PRO A 719 -4.19 -14.59 41.81
CA PRO A 719 -3.14 -15.56 41.65
C PRO A 719 -3.47 -16.62 40.60
N VAL A 720 -2.44 -17.11 39.93
CA VAL A 720 -2.56 -18.09 38.87
C VAL A 720 -1.89 -19.37 39.33
N THR A 721 -2.62 -20.50 39.22
CA THR A 721 -2.06 -21.85 39.44
C THR A 721 -2.22 -22.66 38.15
N VAL A 722 -1.10 -23.20 37.67
CA VAL A 722 -1.06 -24.04 36.50
C VAL A 722 -0.67 -25.45 36.98
N LYS A 723 -1.46 -26.44 36.58
CA LYS A 723 -1.12 -27.83 36.85
C LYS A 723 -0.82 -28.49 35.51
N LEU A 724 0.45 -28.71 35.22
CA LEU A 724 0.86 -29.42 34.00
C LEU A 724 0.38 -30.89 34.03
N ASN A 725 0.05 -31.42 32.85
CA ASN A 725 -0.19 -32.83 32.70
C ASN A 725 1.09 -33.56 32.99
N SER A 726 0.97 -34.76 33.55
CA SER A 726 2.13 -35.64 33.79
C SER A 726 3.02 -35.86 32.55
N SER A 727 2.45 -35.66 31.36
CA SER A 727 3.20 -35.77 30.10
C SER A 727 4.13 -34.62 29.80
N ASP A 728 3.85 -33.44 30.34
CA ASP A 728 4.49 -32.20 29.87
C ASP A 728 5.47 -31.62 30.89
N ASN A 729 6.48 -30.88 30.43
CA ASN A 729 7.53 -30.35 31.31
C ASN A 729 7.66 -28.84 31.41
N ASP A 730 7.14 -28.13 30.42
CA ASP A 730 7.61 -26.77 30.16
C ASP A 730 6.51 -25.79 29.91
N LEU A 731 6.73 -24.56 30.35
CA LEU A 731 5.79 -23.50 30.10
C LEU A 731 6.61 -22.22 29.88
N THR A 732 6.49 -21.59 28.73
CA THR A 732 7.22 -20.35 28.55
C THR A 732 6.48 -19.23 29.22
N PHE A 733 7.17 -18.13 29.42
CA PHE A 733 6.50 -16.95 29.95
C PHE A 733 5.44 -16.37 29.03
N GLU A 734 5.67 -16.41 27.72
CA GLU A 734 4.70 -16.00 26.70
C GLU A 734 3.43 -16.84 26.83
N GLU A 735 3.60 -18.12 27.13
CA GLU A 735 2.46 -19.06 27.34
C GLU A 735 1.67 -18.80 28.61
N LEU A 736 2.41 -18.44 29.65
CA LEU A 736 1.80 -18.16 30.91
C LEU A 736 0.98 -16.87 30.85
N ILE A 737 1.60 -15.83 30.32
CA ILE A 737 0.99 -14.53 30.31
C ILE A 737 -0.20 -14.52 29.36
N PHE A 738 0.04 -14.95 28.11
CA PHE A 738 -0.96 -14.86 27.06
C PHE A 738 -1.78 -16.12 26.81
N GLY A 739 -1.34 -17.26 27.32
CA GLY A 739 -2.15 -18.48 27.29
C GLY A 739 -1.68 -19.51 26.31
N VAL A 740 -2.03 -20.78 26.60
CA VAL A 740 -1.72 -21.88 25.73
C VAL A 740 -2.98 -22.27 24.97
N ILE A 741 -2.94 -22.19 23.65
CA ILE A 741 -4.12 -22.50 22.85
C ILE A 741 -4.48 -23.97 22.98
N ASP A 742 -5.77 -24.27 23.15
CA ASP A 742 -6.26 -25.68 23.21
C ASP A 742 -7.26 -25.90 22.07
N PRO A 743 -6.85 -26.59 21.02
CA PRO A 743 -7.76 -26.75 19.91
C PRO A 743 -8.96 -27.59 20.23
N THR A 744 -8.91 -28.41 21.27
CA THR A 744 -10.09 -29.21 21.64
C THR A 744 -11.31 -28.34 22.01
N GLN A 745 -11.06 -27.08 22.33
CA GLN A 745 -12.11 -26.16 22.75
C GLN A 745 -12.54 -25.17 21.66
N LEU A 746 -12.00 -25.30 20.44
CA LEU A 746 -12.16 -24.28 19.40
C LEU A 746 -12.81 -24.86 18.15
N VAL A 747 -13.42 -24.01 17.30
CA VAL A 747 -13.97 -24.50 16.05
C VAL A 747 -13.06 -24.19 14.87
N LYS A 748 -12.71 -25.21 14.11
CA LYS A 748 -11.80 -25.04 12.96
C LYS A 748 -12.51 -25.15 11.60
N ASP A 749 -12.37 -24.11 10.76
CA ASP A 749 -12.82 -24.16 9.36
C ASP A 749 -11.77 -24.91 8.55
N GLU A 750 -12.09 -26.13 8.12
CA GLU A 750 -11.10 -26.96 7.41
C GLU A 750 -10.72 -26.38 6.07
N ASP A 751 -11.64 -25.66 5.44
CA ASP A 751 -11.40 -25.08 4.13
C ASP A 751 -10.21 -24.08 4.12
N ILE A 752 -10.03 -23.34 5.21
CA ILE A 752 -8.95 -22.32 5.34
C ILE A 752 -7.93 -22.68 6.45
N ASN A 753 -8.13 -23.83 7.10
CA ASN A 753 -7.23 -24.30 8.17
C ASN A 753 -6.96 -23.27 9.29
N GLU A 754 -8.02 -22.65 9.78
CA GLU A 754 -7.94 -21.62 10.80
C GLU A 754 -9.10 -21.77 11.76
N PHE A 755 -8.90 -21.31 12.97
CA PHE A 755 -9.96 -21.29 13.93
C PHE A 755 -10.82 -20.07 13.76
N ILE A 756 -12.11 -20.24 13.98
CA ILE A 756 -13.03 -19.15 13.83
C ILE A 756 -13.84 -18.85 15.08
N ALA A 757 -13.73 -19.69 16.11
CA ALA A 757 -14.56 -19.51 17.31
C ALA A 757 -14.10 -20.40 18.48
N VAL A 758 -14.56 -20.02 19.69
CA VAL A 758 -14.41 -20.81 20.86
C VAL A 758 -15.72 -21.56 20.93
N SER A 759 -15.66 -22.89 21.11
CA SER A 759 -16.88 -23.67 21.22
C SER A 759 -17.65 -23.15 22.40
N LYS A 760 -18.96 -23.30 22.34
CA LYS A 760 -19.79 -22.94 23.47
C LYS A 760 -19.65 -23.94 24.57
N ALA A 761 -19.28 -25.16 24.26
CA ALA A 761 -19.06 -26.17 25.30
C ALA A 761 -17.66 -26.06 25.91
N ALA A 762 -16.88 -25.04 25.52
CA ALA A 762 -15.47 -24.92 25.96
C ALA A 762 -15.39 -24.90 27.46
N LYS A 763 -14.56 -25.71 28.05
CA LYS A 763 -14.46 -25.69 29.49
C LYS A 763 -13.65 -24.48 30.01
N ASN A 764 -12.78 -23.87 29.19
CA ASN A 764 -11.80 -22.90 29.70
C ASN A 764 -11.44 -21.78 28.71
N ASP A 765 -12.47 -21.25 28.05
CA ASP A 765 -12.35 -20.15 27.09
C ASP A 765 -11.36 -20.39 25.95
N GLY A 766 -10.99 -21.64 25.71
CA GLY A 766 -10.07 -21.95 24.62
C GLY A 766 -8.64 -22.18 25.03
N TYR A 767 -8.38 -22.29 26.33
CA TYR A 767 -6.99 -22.30 26.82
C TYR A 767 -6.70 -23.53 27.65
N LEU A 768 -5.52 -24.12 27.44
CA LEU A 768 -5.17 -25.40 28.06
C LEU A 768 -4.93 -25.30 29.57
N TYR A 769 -4.22 -24.27 30.01
CA TYR A 769 -3.83 -24.13 31.43
C TYR A 769 -4.68 -22.97 31.98
N ASN A 770 -4.06 -21.96 32.56
CA ASN A 770 -4.75 -20.74 32.95
C ASN A 770 -5.25 -19.94 31.77
N LYS A 771 -6.24 -19.09 32.02
CA LYS A 771 -6.71 -18.09 31.04
C LYS A 771 -5.72 -16.95 30.92
N PRO A 772 -5.75 -16.21 29.80
CA PRO A 772 -4.79 -15.11 29.63
C PRO A 772 -4.88 -14.07 30.71
N LEU A 773 -3.75 -13.45 31.04
CA LEU A 773 -3.72 -12.38 32.07
C LEU A 773 -4.04 -10.99 31.52
N VAL A 774 -3.89 -10.80 30.21
CA VAL A 774 -3.92 -9.46 29.61
C VAL A 774 -5.20 -9.18 28.78
N THR A 775 -5.79 -8.00 28.96
CA THR A 775 -6.93 -7.60 28.21
C THR A 775 -6.48 -6.30 27.57
N VAL A 776 -6.68 -6.21 26.26
CA VAL A 776 -6.23 -5.10 25.49
C VAL A 776 -7.38 -4.38 24.83
N LYS A 777 -7.29 -3.05 24.83
CA LYS A 777 -8.31 -2.21 24.19
C LYS A 777 -7.75 -1.27 23.17
N ASP A 778 -8.66 -0.82 22.31
CA ASP A 778 -8.36 0.24 21.32
C ASP A 778 -8.68 1.63 21.82
N ALA A 779 -8.30 2.64 21.04
CA ALA A 779 -8.47 4.07 21.45
C ALA A 779 -9.91 4.46 21.83
N SER A 780 -10.89 3.82 21.23
CA SER A 780 -12.28 4.10 21.53
C SER A 780 -12.80 3.30 22.76
N GLY A 781 -11.94 2.51 23.40
CA GLY A 781 -12.29 1.79 24.62
C GLY A 781 -12.88 0.42 24.36
N GLU A 782 -12.91 0.03 23.12
CA GLU A 782 -13.41 -1.27 22.79
C GLU A 782 -12.35 -2.34 23.02
N VAL A 783 -12.72 -3.57 23.51
CA VAL A 783 -11.83 -4.70 23.69
C VAL A 783 -11.43 -5.25 22.34
N ILE A 784 -10.12 -5.34 22.09
CA ILE A 784 -9.62 -6.01 20.88
C ILE A 784 -9.54 -7.51 21.09
N PRO A 785 -10.15 -8.31 20.21
CA PRO A 785 -10.13 -9.75 20.48
C PRO A 785 -8.71 -10.28 20.42
N THR A 786 -8.29 -11.05 21.42
CA THR A 786 -6.92 -11.54 21.46
C THR A 786 -6.86 -13.05 21.63
N GLY A 787 -5.72 -13.62 21.23
CA GLY A 787 -5.46 -15.00 21.52
C GLY A 787 -6.52 -15.84 20.83
N ALA A 788 -7.20 -16.70 21.62
CA ALA A 788 -8.15 -17.67 21.11
C ALA A 788 -9.37 -17.02 20.46
N ASN A 789 -9.59 -15.74 20.74
CA ASN A 789 -10.68 -15.04 20.05
C ASN A 789 -10.31 -14.39 18.70
N VAL A 790 -9.06 -14.54 18.23
CA VAL A 790 -8.66 -13.88 16.96
C VAL A 790 -9.26 -14.70 15.83
N TYR A 791 -10.17 -14.11 15.07
CA TYR A 791 -10.77 -14.82 13.97
C TYR A 791 -9.60 -15.08 12.98
N GLY A 792 -9.50 -16.30 12.48
CA GLY A 792 -8.46 -16.65 11.48
C GLY A 792 -7.15 -17.12 12.09
N LEU A 793 -7.11 -17.26 13.41
CA LEU A 793 -5.97 -17.85 14.12
C LEU A 793 -5.59 -19.17 13.43
N ASN A 794 -4.33 -19.30 13.10
CA ASN A 794 -3.82 -20.50 12.46
C ASN A 794 -3.94 -21.79 13.28
N HIS A 795 -4.16 -22.90 12.58
CA HIS A 795 -4.40 -24.24 13.18
C HIS A 795 -3.29 -24.69 14.09
N ASP A 796 -2.08 -24.23 13.80
CA ASP A 796 -0.88 -24.60 14.57
C ASP A 796 -0.41 -23.53 15.57
N ALA A 797 -1.31 -22.65 16.02
CA ALA A 797 -0.95 -21.65 17.04
C ALA A 797 -0.86 -22.34 18.38
N THR A 798 0.13 -21.95 19.18
CA THR A 798 0.37 -22.64 20.44
C THR A 798 0.15 -21.72 21.59
N ASN A 799 0.26 -20.40 21.37
CA ASN A 799 -0.02 -19.43 22.43
C ASN A 799 -0.90 -18.26 21.99
N GLY A 800 -1.36 -17.47 22.95
CA GLY A 800 -2.35 -16.44 22.66
C GLY A 800 -1.75 -15.05 22.48
N ASN A 801 -0.46 -14.95 22.24
CA ASN A 801 0.17 -13.60 22.08
C ASN A 801 0.01 -13.18 20.64
N ILE A 802 -1.18 -12.67 20.37
CA ILE A 802 -1.64 -12.26 19.07
C ILE A 802 -2.93 -11.40 19.22
N TRP A 803 -3.01 -10.30 18.47
CA TRP A 803 -4.22 -9.45 18.45
C TRP A 803 -4.85 -9.27 17.08
N PHE A 804 -4.32 -9.95 16.08
CA PHE A 804 -4.89 -9.90 14.74
C PHE A 804 -4.43 -11.09 13.91
N ASP A 805 -5.22 -11.44 12.89
CA ASP A 805 -4.86 -12.48 11.89
C ASP A 805 -3.41 -12.39 11.38
N GLU A 806 -2.65 -13.47 11.53
CA GLU A 806 -1.20 -13.48 11.12
C GLU A 806 -0.95 -12.95 9.72
N GLU A 807 -1.77 -13.38 8.75
CA GLU A 807 -1.69 -12.94 7.35
C GLU A 807 -2.40 -11.60 7.11
N GLN A 808 -3.11 -11.08 8.13
CA GLN A 808 -3.80 -9.77 8.06
C GLN A 808 -4.70 -9.65 6.81
N ALA A 809 -5.52 -10.67 6.60
CA ALA A 809 -6.49 -10.73 5.51
C ALA A 809 -7.32 -9.45 5.43
N GLY A 810 -7.46 -8.89 4.22
CA GLY A 810 -8.38 -7.78 4.02
C GLY A 810 -7.74 -6.41 3.94
N LEU A 811 -6.63 -6.24 4.65
CA LEU A 811 -5.94 -4.94 4.69
C LEU A 811 -5.09 -4.58 3.46
N ALA A 812 -5.35 -3.42 2.86
CA ALA A 812 -4.46 -2.90 1.83
C ALA A 812 -3.16 -2.39 2.42
N LYS A 813 -3.18 -2.03 3.70
CA LYS A 813 -1.98 -1.55 4.37
C LYS A 813 -1.88 -2.18 5.72
N LYS A 814 -0.77 -2.83 5.97
CA LYS A 814 -0.65 -3.72 7.11
C LYS A 814 -0.05 -3.12 8.34
N PHE A 815 -0.35 -3.73 9.46
CA PHE A 815 0.25 -3.37 10.72
C PHE A 815 1.66 -3.96 10.72
N SER A 816 2.58 -3.37 11.46
CA SER A 816 3.94 -3.86 11.55
C SER A 816 3.99 -5.28 12.16
N ASP A 817 3.12 -5.56 13.13
CA ASP A 817 3.25 -6.78 13.93
C ASP A 817 1.97 -7.05 14.72
N VAL A 818 1.46 -8.28 14.67
CA VAL A 818 0.21 -8.59 15.32
C VAL A 818 0.43 -9.30 16.68
N HIS A 819 1.61 -9.12 17.28
CA HIS A 819 1.94 -9.71 18.57
C HIS A 819 2.38 -8.65 19.54
N PHE A 820 2.43 -9.04 20.81
CA PHE A 820 2.97 -8.16 21.85
C PHE A 820 4.33 -8.59 22.34
N ASP A 821 5.06 -7.64 22.93
CA ASP A 821 6.22 -7.92 23.78
C ASP A 821 5.93 -7.41 25.20
N VAL A 822 6.69 -7.89 26.16
CA VAL A 822 6.43 -7.59 27.53
C VAL A 822 7.76 -7.28 28.20
N ASP A 823 7.78 -6.25 29.04
CA ASP A 823 8.90 -5.98 29.97
C ASP A 823 8.45 -6.40 31.35
N PHE A 824 9.14 -7.37 31.92
CA PHE A 824 8.76 -7.91 33.22
C PHE A 824 9.93 -8.39 34.04
N SER A 825 9.66 -8.55 35.32
CA SER A 825 10.62 -9.10 36.26
C SER A 825 10.02 -10.25 37.02
N LEU A 826 10.89 -11.05 37.60
CA LEU A 826 10.53 -12.24 38.34
C LEU A 826 10.99 -12.04 39.76
N ALA A 827 10.08 -12.16 40.73
CA ALA A 827 10.47 -12.14 42.15
C ALA A 827 9.94 -13.36 42.89
N ASN A 828 10.42 -13.49 44.12
CA ASN A 828 9.92 -14.49 45.04
C ASN A 828 10.00 -15.91 44.50
N VAL A 829 11.08 -16.22 43.78
CA VAL A 829 11.29 -17.53 43.20
C VAL A 829 11.49 -18.55 44.32
N VAL A 830 10.71 -19.62 44.29
CA VAL A 830 10.89 -20.76 45.17
C VAL A 830 10.77 -22.04 44.35
N LYS A 831 11.82 -22.83 44.33
CA LYS A 831 11.85 -24.05 43.57
C LYS A 831 11.58 -25.25 44.44
N THR A 832 10.82 -26.20 43.92
CA THR A 832 10.60 -27.44 44.62
C THR A 832 11.14 -28.60 43.79
N GLY A 833 11.79 -29.53 44.49
CA GLY A 833 12.46 -30.65 43.86
C GLY A 833 13.38 -30.18 42.74
N SER A 834 13.12 -30.71 41.56
CA SER A 834 13.88 -30.36 40.36
C SER A 834 13.38 -29.16 39.53
N GLY A 835 12.30 -28.53 39.96
CA GLY A 835 11.78 -27.37 39.25
C GLY A 835 12.83 -26.29 39.05
N THR A 836 12.81 -25.67 37.86
CA THR A 836 13.77 -24.61 37.52
C THR A 836 13.22 -23.54 36.60
N VAL A 837 13.89 -22.42 36.63
CA VAL A 837 13.50 -21.24 35.93
C VAL A 837 14.64 -20.27 36.04
N SER A 838 14.82 -19.43 35.04
CA SER A 838 15.89 -18.44 35.06
C SER A 838 15.63 -17.31 36.08
N SER A 839 16.72 -16.79 36.67
CA SER A 839 16.70 -15.60 37.56
C SER A 839 16.08 -14.41 36.85
N SER A 840 16.39 -14.25 35.56
CA SER A 840 15.85 -13.13 34.76
C SER A 840 15.46 -13.52 33.32
N PRO A 841 14.24 -14.05 33.18
CA PRO A 841 13.84 -14.62 31.92
C PRO A 841 13.38 -13.58 30.91
N SER A 842 13.40 -13.97 29.64
CA SER A 842 12.64 -13.27 28.63
C SER A 842 11.32 -14.00 28.46
N LEU A 843 10.47 -13.44 27.61
CA LEU A 843 9.21 -14.07 27.22
C LEU A 843 9.40 -15.51 26.75
N SER A 844 10.53 -15.79 26.12
CA SER A 844 10.71 -17.09 25.46
C SER A 844 11.34 -18.14 26.37
N ASP A 845 11.83 -17.74 27.53
CA ASP A 845 12.33 -18.70 28.51
C ASP A 845 11.21 -19.44 29.21
N ALA A 846 11.57 -20.56 29.84
CA ALA A 846 10.59 -21.53 30.31
C ALA A 846 10.75 -21.91 31.79
N ILE A 847 9.61 -22.15 32.42
CA ILE A 847 9.57 -22.92 33.65
C ILE A 847 9.76 -24.39 33.26
N GLN A 848 10.69 -25.10 33.92
CA GLN A 848 10.96 -26.51 33.64
C GLN A 848 10.68 -27.37 34.86
N LEU A 849 9.76 -28.32 34.70
CA LEU A 849 9.42 -29.29 35.73
C LEU A 849 9.61 -30.71 35.19
N THR A 850 10.52 -31.51 35.78
CA THR A 850 10.83 -32.86 35.30
C THR A 850 9.96 -33.97 35.88
N ASN A 851 9.94 -34.09 37.20
CA ASN A 851 9.16 -35.15 37.84
C ASN A 851 7.86 -34.58 38.35
N SER A 852 6.85 -35.44 38.51
CA SER A 852 5.66 -35.06 39.29
C SER A 852 6.12 -34.60 40.68
N GLY A 853 5.41 -33.66 41.30
CA GLY A 853 5.88 -33.12 42.57
C GLY A 853 6.87 -31.96 42.48
N ASP A 854 7.64 -31.87 41.38
CA ASP A 854 8.42 -30.66 41.05
C ASP A 854 7.48 -29.44 40.99
N ALA A 855 7.89 -28.30 41.53
CA ALA A 855 7.10 -27.07 41.42
C ALA A 855 7.98 -25.81 41.34
N VAL A 856 7.47 -24.74 40.71
CA VAL A 856 8.07 -23.41 40.87
C VAL A 856 6.98 -22.41 41.19
N SER A 857 7.31 -21.51 42.09
CA SER A 857 6.38 -20.50 42.55
C SER A 857 7.11 -19.18 42.39
N PHE A 858 6.39 -18.10 42.12
CA PHE A 858 7.03 -16.79 41.96
C PHE A 858 5.99 -15.71 41.68
N THR A 859 6.48 -14.49 41.56
CA THR A 859 5.61 -13.35 41.31
C THR A 859 6.10 -12.63 40.08
N LEU A 860 5.19 -12.39 39.16
CA LEU A 860 5.46 -11.61 37.96
C LEU A 860 5.22 -10.17 38.29
N VAL A 861 6.15 -9.30 37.89
CA VAL A 861 5.95 -7.86 37.95
C VAL A 861 6.02 -7.42 36.50
N ILE A 862 4.87 -7.17 35.90
CA ILE A 862 4.77 -6.75 34.52
C ILE A 862 4.87 -5.23 34.46
N LYS A 863 5.87 -4.71 33.75
CA LYS A 863 6.13 -3.28 33.70
C LYS A 863 5.71 -2.58 32.37
N SER A 864 5.90 -3.23 31.23
CA SER A 864 5.38 -2.69 29.99
C SER A 864 4.83 -3.82 29.17
N ILE A 865 3.81 -3.49 28.37
CA ILE A 865 3.22 -4.38 27.39
C ILE A 865 3.06 -3.50 26.17
N TYR A 866 3.51 -3.99 25.03
CA TYR A 866 3.54 -3.14 23.86
C TYR A 866 3.57 -3.99 22.61
N VAL A 867 3.17 -3.38 21.49
CA VAL A 867 3.25 -4.09 20.22
C VAL A 867 4.68 -4.50 19.92
N LYS A 868 4.85 -5.76 19.56
CA LYS A 868 6.19 -6.30 19.28
C LYS A 868 6.90 -5.54 18.21
N GLY A 869 8.11 -5.12 18.54
CA GLY A 869 8.96 -4.35 17.66
C GLY A 869 8.90 -2.86 17.95
N ALA A 870 7.92 -2.44 18.74
CA ALA A 870 7.80 -1.01 19.07
C ALA A 870 8.70 -0.76 20.26
N ASP A 871 8.52 0.39 20.89
CA ASP A 871 9.39 0.83 22.01
C ASP A 871 8.73 0.60 23.38
N LYS A 872 9.43 -0.04 24.31
CA LYS A 872 8.82 -0.37 25.60
C LYS A 872 8.39 0.80 26.48
N ASP A 873 8.89 2.00 26.18
CA ASP A 873 8.54 3.17 26.96
C ASP A 873 7.51 3.97 26.19
N ASP A 874 7.86 4.42 24.98
CA ASP A 874 6.96 5.26 24.19
C ASP A 874 5.61 4.62 23.79
N ASN A 875 5.59 3.31 23.59
CA ASN A 875 4.39 2.62 23.14
C ASN A 875 3.85 1.70 24.20
N ASN A 876 4.18 1.98 25.45
CA ASN A 876 3.66 1.16 26.58
C ASN A 876 2.18 1.24 26.65
N LEU A 877 1.52 0.09 26.75
CA LEU A 877 0.08 0.08 26.85
C LEU A 877 -0.43 0.05 28.28
N LEU A 878 0.46 -0.20 29.23
CA LEU A 878 0.12 -0.42 30.65
C LEU A 878 0.40 0.85 31.43
N ALA A 879 -0.62 1.38 32.10
CA ALA A 879 -0.55 2.66 32.87
C ALA A 879 0.38 2.61 34.09
N ALA A 880 0.32 1.49 34.83
CA ALA A 880 1.12 1.26 36.05
C ALA A 880 1.54 -0.22 36.07
N PRO A 881 2.72 -0.53 36.63
CA PRO A 881 3.07 -1.95 36.73
C PRO A 881 2.13 -2.74 37.65
N VAL A 882 2.09 -4.05 37.48
CA VAL A 882 1.27 -4.88 38.36
C VAL A 882 1.99 -6.18 38.66
N SER A 883 1.70 -6.73 39.84
CA SER A 883 2.28 -7.96 40.36
C SER A 883 1.28 -9.07 40.33
N VAL A 884 1.72 -10.28 39.98
CA VAL A 884 0.83 -11.43 40.00
C VAL A 884 1.56 -12.65 40.59
N ASN A 885 0.96 -13.25 41.62
CA ASN A 885 1.53 -14.53 42.16
C ASN A 885 1.19 -15.76 41.31
N VAL A 886 2.19 -16.59 41.03
CA VAL A 886 2.01 -17.74 40.17
C VAL A 886 2.62 -18.98 40.80
N THR A 887 1.91 -20.09 40.68
CA THR A 887 2.43 -21.41 41.01
C THR A 887 2.32 -22.39 39.83
N VAL A 888 3.40 -23.10 39.52
CA VAL A 888 3.39 -24.08 38.45
C VAL A 888 3.81 -25.42 39.01
N THR A 889 2.90 -26.39 39.02
CA THR A 889 3.22 -27.75 39.46
C THR A 889 2.96 -28.76 38.34
N LYS A 890 3.43 -29.97 38.53
CA LYS A 890 3.18 -31.06 37.58
C LYS A 890 2.31 -32.15 38.20
N GLY A 891 1.25 -32.57 37.45
CA GLY A 891 0.40 -33.73 37.83
C GLY A 891 1.10 -35.08 37.93
N SER A 892 0.53 -36.00 38.72
CA SER A 892 1.18 -37.32 39.01
C SER A 892 1.06 -38.37 37.88
N GLN B 1 -18.09 63.69 -24.49
CA GLN B 1 -19.03 63.42 -23.39
C GLN B 1 -20.45 63.49 -23.92
N VAL B 2 -21.28 62.52 -23.56
CA VAL B 2 -22.63 62.41 -24.06
C VAL B 2 -23.43 61.64 -23.05
N GLN B 3 -24.74 61.83 -23.07
CA GLN B 3 -25.62 61.06 -22.23
C GLN B 3 -26.80 60.53 -23.02
N LEU B 4 -27.20 59.32 -22.66
CA LEU B 4 -28.18 58.58 -23.41
C LEU B 4 -29.26 58.10 -22.48
N GLN B 5 -30.51 58.25 -22.88
CA GLN B 5 -31.64 57.81 -22.08
C GLN B 5 -32.65 57.03 -22.93
N GLU B 6 -32.88 55.78 -22.52
CA GLU B 6 -33.75 54.87 -23.23
C GLU B 6 -35.19 55.09 -22.80
N SER B 7 -36.14 54.72 -23.65
CA SER B 7 -37.53 54.64 -23.24
C SER B 7 -38.29 53.62 -24.04
N GLY B 8 -39.47 53.25 -23.54
CA GLY B 8 -40.43 52.47 -24.30
C GLY B 8 -40.35 50.98 -24.09
N GLY B 9 -39.73 50.55 -23.00
CA GLY B 9 -39.66 49.13 -22.68
C GLY B 9 -40.99 48.66 -22.11
N GLY B 10 -41.17 47.35 -22.07
CA GLY B 10 -42.36 46.78 -21.42
C GLY B 10 -42.71 45.40 -21.89
N LEU B 11 -43.92 44.97 -21.52
CA LEU B 11 -44.47 43.66 -21.88
C LEU B 11 -45.11 43.70 -23.25
N VAL B 12 -44.93 42.65 -24.03
CA VAL B 12 -45.58 42.50 -25.31
C VAL B 12 -45.83 41.01 -25.51
N GLN B 13 -46.85 40.65 -26.32
CA GLN B 13 -47.22 39.25 -26.59
C GLN B 13 -46.49 38.79 -27.84
N ALA B 14 -46.32 37.48 -28.00
CA ALA B 14 -45.63 36.94 -29.17
C ALA B 14 -46.31 37.41 -30.47
N GLY B 15 -45.53 37.63 -31.52
CA GLY B 15 -46.05 38.14 -32.79
C GLY B 15 -46.17 39.66 -32.89
N GLY B 16 -46.15 40.33 -31.70
CA GLY B 16 -46.32 41.77 -31.61
C GLY B 16 -45.10 42.65 -31.94
N SER B 17 -45.29 43.94 -31.68
CA SER B 17 -44.49 45.03 -32.22
C SER B 17 -44.22 46.09 -31.19
N LEU B 18 -42.96 46.48 -31.02
CA LEU B 18 -42.62 47.49 -30.04
C LEU B 18 -41.56 48.42 -30.59
N ARG B 19 -41.53 49.66 -30.12
CA ARG B 19 -40.52 50.62 -30.50
C ARG B 19 -39.77 51.12 -29.28
N LEU B 20 -38.45 51.11 -29.32
CA LEU B 20 -37.66 51.70 -28.24
C LEU B 20 -37.09 52.99 -28.76
N SER B 21 -36.82 53.93 -27.87
CA SER B 21 -36.25 55.20 -28.26
C SER B 21 -35.12 55.58 -27.35
N CYS B 22 -34.15 56.29 -27.90
CA CYS B 22 -33.04 56.73 -27.13
C CYS B 22 -32.65 58.15 -27.54
N ALA B 23 -32.62 59.04 -26.57
CA ALA B 23 -32.40 60.46 -26.84
C ALA B 23 -30.99 60.80 -26.39
N ALA B 24 -30.28 61.54 -27.23
CA ALA B 24 -28.89 61.89 -26.99
C ALA B 24 -28.72 63.35 -26.58
N SER B 25 -28.02 63.58 -25.47
CA SER B 25 -27.86 64.92 -24.89
C SER B 25 -26.38 65.24 -24.81
N GLY B 26 -26.00 66.46 -25.16
CA GLY B 26 -24.58 66.81 -25.17
C GLY B 26 -24.39 68.14 -25.84
N ARG B 27 -23.23 68.32 -26.47
CA ARG B 27 -22.86 69.62 -27.06
C ARG B 27 -22.65 69.54 -28.57
N THR B 28 -21.85 68.58 -29.02
CA THR B 28 -21.84 68.21 -30.42
C THR B 28 -22.36 66.78 -30.42
N SER B 29 -23.42 66.56 -29.64
CA SER B 29 -24.05 65.24 -29.50
C SER B 29 -24.78 64.79 -30.79
N SER B 30 -25.27 65.77 -31.55
CA SER B 30 -25.81 65.53 -32.89
C SER B 30 -24.83 64.67 -33.70
N ALA B 31 -23.54 64.93 -33.53
CA ALA B 31 -22.50 64.27 -34.29
C ALA B 31 -22.22 62.82 -33.88
N TYR B 32 -23.06 62.19 -33.04
CA TYR B 32 -22.72 60.84 -32.53
C TYR B 32 -23.46 59.71 -33.20
N ALA B 33 -22.72 58.81 -33.85
CA ALA B 33 -23.22 57.49 -34.22
C ALA B 33 -23.73 56.77 -33.00
N MET B 34 -24.82 56.02 -33.16
CA MET B 34 -25.47 55.36 -32.05
C MET B 34 -25.89 53.97 -32.47
N GLY B 35 -26.09 53.12 -31.47
CA GLY B 35 -26.42 51.73 -31.71
C GLY B 35 -27.19 51.07 -30.58
N TRP B 36 -27.64 49.84 -30.79
CA TRP B 36 -28.41 49.07 -29.80
C TRP B 36 -27.79 47.76 -29.56
N PHE B 37 -27.69 47.39 -28.28
CA PHE B 37 -27.21 46.06 -27.84
C PHE B 37 -28.28 45.42 -27.02
N ARG B 38 -28.13 44.12 -26.77
CA ARG B 38 -29.07 43.43 -25.88
C ARG B 38 -28.43 42.29 -25.12
N GLN B 39 -28.87 42.08 -23.89
CA GLN B 39 -28.51 40.89 -23.15
C GLN B 39 -29.74 40.12 -22.74
N ALA B 40 -30.00 39.02 -23.44
CA ALA B 40 -31.03 38.08 -23.01
C ALA B 40 -30.54 37.27 -21.81
N PRO B 41 -31.48 36.84 -20.97
CA PRO B 41 -31.10 36.02 -19.82
C PRO B 41 -30.47 34.66 -20.25
N GLY B 42 -29.33 34.35 -19.66
CA GLY B 42 -28.58 33.13 -20.01
C GLY B 42 -27.58 33.32 -21.15
N LYS B 43 -27.61 34.48 -21.80
CA LYS B 43 -26.80 34.72 -22.98
C LYS B 43 -25.88 35.89 -22.74
N GLU B 44 -24.82 35.91 -23.53
CA GLU B 44 -23.87 37.03 -23.56
C GLU B 44 -24.48 38.21 -24.30
N ARG B 45 -24.00 39.40 -23.97
CA ARG B 45 -24.44 40.63 -24.64
C ARG B 45 -24.15 40.52 -26.14
N GLU B 46 -25.03 41.06 -26.95
CA GLU B 46 -24.92 40.96 -28.41
C GLU B 46 -25.45 42.21 -29.13
N PHE B 47 -24.86 42.46 -30.29
CA PHE B 47 -25.14 43.64 -31.05
C PHE B 47 -26.42 43.43 -31.86
N VAL B 48 -27.30 44.43 -31.87
CA VAL B 48 -28.52 44.41 -32.67
C VAL B 48 -28.42 45.26 -33.96
N ALA B 49 -28.22 46.56 -33.77
CA ALA B 49 -28.18 47.46 -34.91
C ALA B 49 -27.63 48.82 -34.57
N GLY B 50 -27.11 49.48 -35.61
CA GLY B 50 -26.42 50.76 -35.45
C GLY B 50 -26.71 51.73 -36.54
N ILE B 51 -26.52 53.02 -36.21
CA ILE B 51 -26.81 54.10 -37.17
C ILE B 51 -25.78 55.24 -37.14
N SER B 52 -25.47 55.76 -38.32
CA SER B 52 -24.63 56.97 -38.47
C SER B 52 -25.28 58.23 -37.97
N SER B 53 -24.44 59.24 -37.74
CA SER B 53 -24.83 60.45 -37.02
C SER B 53 -26.07 61.15 -37.59
N LYS B 54 -26.26 61.05 -38.90
CA LYS B 54 -27.40 61.70 -39.54
C LYS B 54 -28.29 60.71 -40.28
N GLY B 55 -28.14 59.43 -39.99
CA GLY B 55 -29.07 58.42 -40.47
C GLY B 55 -28.88 58.04 -41.93
N GLY B 56 -27.78 58.45 -42.54
CA GLY B 56 -27.47 58.06 -43.92
C GLY B 56 -27.07 56.60 -44.05
N SER B 57 -26.46 56.05 -42.98
CA SER B 57 -26.01 54.67 -42.92
C SER B 57 -26.51 53.93 -41.66
N THR B 58 -26.90 52.67 -41.85
CA THR B 58 -27.20 51.73 -40.75
C THR B 58 -26.50 50.37 -40.96
N TYR B 59 -26.35 49.63 -39.87
CA TYR B 59 -25.83 48.27 -40.01
C TYR B 59 -26.47 47.38 -38.96
N TYR B 60 -26.42 46.08 -39.22
CA TYR B 60 -27.10 45.12 -38.35
C TYR B 60 -26.30 43.90 -38.03
N GLY B 61 -26.56 43.33 -36.86
CA GLY B 61 -26.04 42.00 -36.55
C GLY B 61 -26.65 40.96 -37.47
N ALA B 62 -25.92 39.85 -37.62
CA ALA B 62 -26.39 38.69 -38.38
C ALA B 62 -27.87 38.43 -38.10
N SER B 63 -28.66 38.37 -39.16
CA SER B 63 -30.04 37.93 -39.10
C SER B 63 -30.95 38.88 -38.33
N MET B 64 -30.43 40.00 -37.83
CA MET B 64 -31.22 40.96 -37.03
C MET B 64 -32.14 41.86 -37.85
N LYS B 65 -31.78 42.16 -39.11
CA LYS B 65 -32.60 43.07 -39.93
C LYS B 65 -33.87 42.39 -40.41
N GLY B 66 -35.00 43.00 -40.07
CA GLY B 66 -36.33 42.46 -40.36
C GLY B 66 -37.03 42.54 -39.04
N ARG B 67 -36.74 41.55 -38.20
CA ARG B 67 -37.08 41.58 -36.79
C ARG B 67 -36.77 42.96 -36.20
N PHE B 68 -35.68 43.59 -36.65
CA PHE B 68 -35.31 44.90 -36.14
C PHE B 68 -35.06 45.89 -37.27
N THR B 69 -35.37 47.15 -36.99
CA THR B 69 -35.10 48.26 -37.91
C THR B 69 -34.67 49.48 -37.10
N ILE B 70 -33.52 50.05 -37.48
CA ILE B 70 -33.03 51.24 -36.79
C ILE B 70 -33.25 52.48 -37.67
N SER B 71 -33.61 53.58 -37.03
CA SER B 71 -33.75 54.86 -37.70
C SER B 71 -33.51 56.01 -36.73
N ARG B 72 -33.56 57.23 -37.25
CA ARG B 72 -33.19 58.39 -36.46
C ARG B 72 -33.95 59.63 -36.85
N ASP B 73 -34.38 60.41 -35.86
CA ASP B 73 -34.86 61.78 -36.10
C ASP B 73 -33.80 62.79 -35.70
N ASN B 74 -33.26 63.49 -36.69
CA ASN B 74 -32.15 64.40 -36.47
C ASN B 74 -32.50 65.62 -35.65
N ALA B 75 -33.69 66.18 -35.91
CA ALA B 75 -34.21 67.31 -35.12
C ALA B 75 -34.33 66.96 -33.64
N LYS B 76 -34.81 65.77 -33.32
CA LYS B 76 -34.99 65.36 -31.92
C LYS B 76 -33.73 64.75 -31.31
N ASN B 77 -32.68 64.63 -32.12
CA ASN B 77 -31.46 63.92 -31.76
C ASN B 77 -31.72 62.56 -31.05
N THR B 78 -32.79 61.88 -31.46
CA THR B 78 -33.14 60.59 -30.86
C THR B 78 -33.11 59.47 -31.88
N VAL B 79 -32.80 58.29 -31.37
CA VAL B 79 -32.69 57.13 -32.20
C VAL B 79 -33.74 56.12 -31.78
N TYR B 80 -34.20 55.31 -32.73
CA TYR B 80 -35.35 54.43 -32.52
C TYR B 80 -35.02 53.01 -32.93
N LEU B 81 -35.37 52.05 -32.08
CA LEU B 81 -35.34 50.65 -32.49
C LEU B 81 -36.73 50.08 -32.66
N GLN B 82 -37.11 49.78 -33.89
CA GLN B 82 -38.45 49.21 -34.14
C GLN B 82 -38.42 47.68 -34.19
N MET B 83 -39.12 47.01 -33.28
CA MET B 83 -39.13 45.53 -33.25
C MET B 83 -40.45 44.99 -33.78
N ASN B 84 -40.40 44.21 -34.87
CA ASN B 84 -41.61 43.61 -35.44
C ASN B 84 -41.56 42.06 -35.41
N GLY B 85 -42.70 41.44 -35.05
CA GLY B 85 -42.85 39.99 -35.12
C GLY B 85 -42.12 39.27 -34.01
N LEU B 86 -42.17 39.85 -32.82
CA LEU B 86 -41.38 39.38 -31.70
C LEU B 86 -41.74 37.94 -31.30
N ALA B 87 -40.75 37.26 -30.70
CA ALA B 87 -40.88 35.92 -30.15
C ALA B 87 -40.16 35.87 -28.81
N PRO B 88 -40.48 34.88 -27.97
CA PRO B 88 -39.91 34.78 -26.61
C PRO B 88 -38.37 34.96 -26.49
N GLU B 89 -37.61 34.60 -27.52
CA GLU B 89 -36.15 34.81 -27.48
C GLU B 89 -35.70 36.29 -27.61
N ASP B 90 -36.64 37.21 -27.67
CA ASP B 90 -36.28 38.62 -27.68
C ASP B 90 -36.45 39.23 -26.30
N THR B 91 -36.81 38.43 -25.31
CA THR B 91 -36.86 38.93 -23.94
C THR B 91 -35.45 39.33 -23.54
N ALA B 92 -35.28 40.57 -23.11
CA ALA B 92 -33.95 41.09 -22.89
C ALA B 92 -33.86 42.50 -22.36
N VAL B 93 -32.75 42.82 -21.72
CA VAL B 93 -32.37 44.22 -21.52
C VAL B 93 -31.78 44.76 -22.84
N TYR B 94 -32.44 45.77 -23.39
CA TYR B 94 -31.94 46.46 -24.58
C TYR B 94 -31.19 47.73 -24.13
N TYR B 95 -29.95 47.85 -24.58
CA TYR B 95 -29.13 49.01 -24.21
C TYR B 95 -28.89 49.88 -25.43
N CYS B 96 -28.91 51.18 -25.21
CA CYS B 96 -28.48 52.16 -26.20
C CYS B 96 -26.99 52.43 -25.99
N ALA B 97 -26.27 52.63 -27.09
CA ALA B 97 -24.87 52.99 -27.02
C ALA B 97 -24.52 54.05 -28.05
N ALA B 98 -23.47 54.81 -27.78
CA ALA B 98 -23.04 55.87 -28.69
C ALA B 98 -21.55 55.87 -28.85
N SER B 99 -21.14 56.39 -30.01
CA SER B 99 -19.76 56.38 -30.37
C SER B 99 -19.23 57.58 -31.17
N ASP B 100 -17.97 57.93 -30.88
CA ASP B 100 -17.22 58.99 -31.58
C ASP B 100 -17.12 58.70 -33.06
N LYS B 101 -17.10 57.42 -33.41
CA LYS B 101 -16.81 57.01 -34.78
C LYS B 101 -17.83 56.02 -35.34
N TYR B 102 -17.95 56.03 -36.65
CA TYR B 102 -18.83 55.09 -37.35
C TYR B 102 -18.07 54.19 -38.32
N ASN B 103 -17.92 52.92 -38.00
CA ASN B 103 -17.17 51.98 -38.85
C ASN B 103 -17.74 50.53 -38.77
N PHE B 104 -19.07 50.44 -38.75
CA PHE B 104 -19.74 49.14 -38.76
C PHE B 104 -19.27 48.18 -37.66
N ASP B 105 -18.94 48.73 -36.50
CA ASP B 105 -18.38 47.88 -35.46
C ASP B 105 -19.50 47.26 -34.67
N THR B 106 -19.46 45.94 -34.55
CA THR B 106 -20.54 45.22 -33.89
C THR B 106 -20.13 44.67 -32.53
N SER B 107 -19.14 45.26 -31.87
CA SER B 107 -18.69 44.79 -30.56
C SER B 107 -18.83 45.93 -29.59
N HIS B 108 -18.87 45.59 -28.30
CA HIS B 108 -18.85 46.61 -27.25
C HIS B 108 -17.73 47.57 -27.40
N ALA B 109 -16.56 47.11 -27.85
CA ALA B 109 -15.33 47.92 -27.80
C ALA B 109 -15.34 49.03 -28.85
N GLY B 110 -16.28 48.97 -29.80
CA GLY B 110 -16.48 50.06 -30.76
C GLY B 110 -17.34 51.21 -30.26
N TYR B 111 -17.75 51.16 -28.99
CA TYR B 111 -18.68 52.16 -28.43
C TYR B 111 -18.21 52.65 -27.07
N GLY B 112 -18.09 53.97 -26.92
CA GLY B 112 -17.59 54.58 -25.68
C GLY B 112 -18.64 55.13 -24.73
N TYR B 113 -19.91 55.14 -25.09
CA TYR B 113 -20.93 55.64 -24.15
C TYR B 113 -22.17 54.74 -24.14
N TRP B 114 -22.75 54.59 -22.96
CA TRP B 114 -23.82 53.62 -22.70
C TRP B 114 -24.94 54.24 -21.95
N GLY B 115 -26.17 53.85 -22.27
CA GLY B 115 -27.31 54.14 -21.45
C GLY B 115 -27.46 53.00 -20.50
N GLN B 116 -28.46 53.03 -19.63
CA GLN B 116 -28.51 52.05 -18.55
C GLN B 116 -29.37 50.80 -18.81
N GLY B 117 -30.05 50.78 -19.95
CA GLY B 117 -30.83 49.62 -20.34
C GLY B 117 -32.31 49.81 -20.08
N THR B 118 -33.14 49.15 -20.89
CA THR B 118 -34.55 48.93 -20.60
C THR B 118 -34.88 47.47 -20.88
N GLN B 119 -35.79 46.95 -20.08
CA GLN B 119 -36.27 45.58 -20.15
C GLN B 119 -37.43 45.43 -21.13
N VAL B 120 -37.33 44.47 -22.02
CA VAL B 120 -38.44 44.08 -22.89
C VAL B 120 -38.73 42.60 -22.68
N THR B 121 -39.98 42.29 -22.35
CA THR B 121 -40.39 40.92 -22.00
C THR B 121 -41.51 40.43 -22.90
N VAL B 122 -41.36 39.24 -23.47
CA VAL B 122 -42.29 38.77 -24.54
C VAL B 122 -43.02 37.43 -24.21
N SER B 123 -44.31 37.53 -23.88
CA SER B 123 -45.16 36.37 -23.49
C SER B 123 -45.47 35.38 -24.63
N SER B 124 -46.38 34.45 -24.36
CA SER B 124 -46.85 33.47 -25.34
C SER B 124 -48.36 33.50 -25.54
N ASP C 265 38.36 5.07 8.73
CA ASP C 265 37.38 4.23 9.50
C ASP C 265 36.23 3.67 8.64
N ALA C 266 36.37 2.42 8.23
CA ALA C 266 35.31 1.74 7.49
C ALA C 266 34.27 1.20 8.47
N VAL C 267 33.01 1.40 8.14
CA VAL C 267 31.93 0.86 8.90
C VAL C 267 31.25 -0.13 8.02
N THR C 268 30.92 -1.31 8.57
CA THR C 268 30.26 -2.34 7.78
C THR C 268 28.81 -2.50 8.22
N VAL C 269 27.98 -2.94 7.28
CA VAL C 269 26.56 -3.12 7.54
C VAL C 269 26.16 -4.53 7.10
N ALA C 270 25.62 -5.31 8.04
CA ALA C 270 25.40 -6.72 7.84
C ALA C 270 23.99 -7.12 8.24
N LEU C 271 23.37 -7.91 7.38
CA LEU C 271 22.09 -8.49 7.72
C LEU C 271 22.45 -9.76 8.47
N ASN C 272 21.84 -10.01 9.63
CA ASN C 272 22.28 -11.12 10.50
C ASN C 272 22.05 -12.49 9.89
N ASN C 273 20.93 -12.66 9.22
CA ASN C 273 20.57 -13.94 8.66
C ASN C 273 19.69 -13.72 7.45
N SER C 274 20.25 -13.97 6.26
CA SER C 274 19.57 -13.72 5.01
C SER C 274 18.69 -14.88 4.50
N SER C 275 18.70 -16.02 5.22
CA SER C 275 17.79 -17.14 4.91
C SER C 275 16.90 -17.39 6.08
N LEU C 276 15.62 -17.15 5.87
CA LEU C 276 14.63 -17.21 6.93
C LEU C 276 13.51 -18.20 6.63
N LYS C 277 12.93 -18.75 7.69
CA LYS C 277 11.73 -19.56 7.58
C LYS C 277 10.55 -18.63 7.80
N VAL C 278 9.39 -18.94 7.22
CA VAL C 278 8.19 -18.12 7.38
C VAL C 278 7.91 -17.80 8.86
N GLY C 279 7.85 -16.52 9.21
CA GLY C 279 7.69 -16.11 10.61
C GLY C 279 8.95 -15.61 11.31
N GLU C 280 10.11 -16.05 10.85
CA GLU C 280 11.37 -15.62 11.45
C GLU C 280 11.78 -14.18 11.09
N GLU C 281 12.63 -13.63 11.95
CA GLU C 281 13.16 -12.30 11.82
C GLU C 281 14.66 -12.34 11.77
N SER C 282 15.24 -11.27 11.24
CA SER C 282 16.68 -11.06 11.33
C SER C 282 16.90 -9.61 11.61
N GLY C 283 17.89 -9.33 12.43
CA GLY C 283 18.32 -7.97 12.65
C GLY C 283 19.47 -7.59 11.74
N LEU C 284 20.01 -6.40 12.03
CA LEU C 284 21.20 -5.85 11.38
C LEU C 284 22.26 -5.49 12.40
N THR C 285 23.51 -5.68 12.00
CA THR C 285 24.67 -5.34 12.79
C THR C 285 25.45 -4.30 12.01
N VAL C 286 25.75 -3.17 12.67
CA VAL C 286 26.53 -2.09 12.08
C VAL C 286 27.70 -1.80 12.97
N LYS C 287 28.91 -2.07 12.47
CA LYS C 287 30.12 -1.98 13.30
C LYS C 287 31.23 -1.10 12.67
N ASP C 288 32.15 -0.61 13.50
CA ASP C 288 33.31 0.20 13.05
C ASP C 288 34.61 -0.62 12.88
N GLN C 289 35.70 0.05 12.44
CA GLN C 289 37.02 -0.60 12.26
C GLN C 289 37.43 -1.51 13.44
N ASP C 290 37.15 -1.03 14.66
CA ASP C 290 37.54 -1.73 15.89
C ASP C 290 36.58 -2.86 16.33
N GLY C 291 35.47 -3.05 15.62
CA GLY C 291 34.53 -4.14 15.92
C GLY C 291 33.40 -3.82 16.90
N LYS C 292 33.25 -2.56 17.28
CA LYS C 292 32.14 -2.13 18.14
C LYS C 292 30.90 -1.64 17.35
N ASP C 293 29.71 -1.83 17.92
CA ASP C 293 28.45 -1.36 17.33
C ASP C 293 28.41 0.16 17.29
N VAL C 294 27.90 0.76 16.22
CA VAL C 294 27.89 2.20 16.09
C VAL C 294 26.72 2.81 16.83
N VAL C 295 27.05 3.71 17.76
CA VAL C 295 26.08 4.38 18.61
C VAL C 295 25.40 5.50 17.83
N GLY C 296 24.10 5.67 18.04
CA GLY C 296 23.33 6.70 17.35
C GLY C 296 23.18 6.48 15.84
N ALA C 297 23.14 5.23 15.41
CA ALA C 297 22.96 4.94 14.00
C ALA C 297 21.47 4.85 13.67
N LYS C 298 21.11 5.34 12.49
CA LYS C 298 19.74 5.20 11.96
C LYS C 298 19.67 4.40 10.65
N VAL C 299 18.62 3.60 10.49
CA VAL C 299 18.39 2.88 9.24
C VAL C 299 16.99 3.04 8.61
N GLU C 300 16.96 3.15 7.28
CA GLU C 300 15.73 3.11 6.48
C GLU C 300 15.76 1.83 5.65
N LEU C 301 14.84 0.90 5.87
CA LEU C 301 14.85 -0.36 5.14
C LEU C 301 13.78 -0.33 4.10
N THR C 302 13.95 -1.06 3.01
CA THR C 302 12.88 -1.17 2.00
C THR C 302 12.93 -2.48 1.23
N SER C 303 11.83 -3.24 1.23
CA SER C 303 11.76 -4.51 0.49
C SER C 303 11.26 -4.36 -0.93
N SER C 304 11.92 -5.02 -1.87
CA SER C 304 11.47 -5.08 -3.26
C SER C 304 10.23 -5.96 -3.45
N ASN C 305 9.93 -6.83 -2.47
CA ASN C 305 8.78 -7.74 -2.58
C ASN C 305 8.14 -8.03 -1.25
N THR C 306 7.07 -7.31 -1.04
CA THR C 306 6.36 -7.25 0.20
C THR C 306 5.43 -8.48 0.41
N ASN C 307 5.19 -9.31 -0.60
CA ASN C 307 4.49 -10.56 -0.41
C ASN C 307 5.36 -11.56 0.33
N ILE C 308 6.68 -11.35 0.27
CA ILE C 308 7.68 -12.33 0.70
C ILE C 308 8.39 -11.91 1.98
N VAL C 309 8.90 -10.67 1.97
CA VAL C 309 9.67 -10.13 3.07
C VAL C 309 9.20 -8.72 3.36
N VAL C 310 8.97 -8.49 4.64
CA VAL C 310 8.48 -7.22 5.12
C VAL C 310 9.53 -6.73 6.10
N VAL C 311 9.70 -5.39 6.12
CA VAL C 311 10.77 -4.72 6.85
C VAL C 311 10.23 -3.59 7.71
N SER C 312 10.94 -3.23 8.77
CA SER C 312 10.62 -2.03 9.53
C SER C 312 10.35 -0.86 8.57
N SER C 313 9.30 -0.06 8.82
CA SER C 313 9.03 1.12 7.99
C SER C 313 9.72 2.35 8.56
N GLY C 314 9.95 3.30 7.67
CA GLY C 314 10.45 4.62 8.05
C GLY C 314 11.89 4.61 8.48
N GLU C 315 12.21 5.46 9.47
CA GLU C 315 13.57 5.69 9.93
C GLU C 315 13.69 5.26 11.39
N VAL C 316 14.13 4.03 11.60
CA VAL C 316 14.29 3.45 12.93
C VAL C 316 15.78 3.30 13.32
N SER C 317 16.03 3.04 14.60
CA SER C 317 17.40 2.79 15.09
C SER C 317 17.93 1.44 14.58
N VAL C 318 19.21 1.18 14.80
CA VAL C 318 19.82 -0.05 14.32
C VAL C 318 19.31 -1.26 15.08
N SER C 319 19.32 -1.22 16.40
CA SER C 319 18.88 -2.39 17.18
C SER C 319 17.39 -2.73 16.96
N ALA C 320 16.60 -1.76 16.52
CA ALA C 320 15.17 -1.99 16.26
C ALA C 320 14.88 -2.38 14.84
N ALA C 321 15.85 -2.23 13.93
CA ALA C 321 15.65 -2.64 12.53
C ALA C 321 15.32 -4.13 12.42
N LYS C 322 14.25 -4.45 11.69
CA LYS C 322 13.84 -5.85 11.56
C LYS C 322 13.43 -6.22 10.13
N VAL C 323 13.73 -7.45 9.76
CA VAL C 323 13.40 -8.03 8.46
C VAL C 323 12.64 -9.32 8.74
N THR C 324 11.46 -9.44 8.20
CA THR C 324 10.58 -10.53 8.55
C THR C 324 10.12 -11.31 7.35
N ALA C 325 10.09 -12.63 7.52
CA ALA C 325 9.73 -13.57 6.48
C ALA C 325 8.23 -13.78 6.51
N VAL C 326 7.58 -13.50 5.40
CA VAL C 326 6.14 -13.59 5.30
C VAL C 326 5.70 -14.86 4.57
N LYS C 327 6.34 -15.18 3.46
CA LYS C 327 5.87 -16.26 2.58
C LYS C 327 7.05 -16.71 1.70
N PRO C 328 7.09 -17.98 1.24
CA PRO C 328 8.34 -18.39 0.61
C PRO C 328 8.65 -17.71 -0.72
N GLY C 329 9.94 -17.50 -0.99
CA GLY C 329 10.44 -16.92 -2.24
C GLY C 329 11.65 -16.06 -1.94
N THR C 330 11.77 -14.96 -2.68
CA THR C 330 12.97 -14.16 -2.67
C THR C 330 12.65 -12.69 -2.64
N ALA C 331 13.47 -11.91 -1.95
CA ALA C 331 13.34 -10.46 -2.03
C ALA C 331 14.68 -9.77 -1.83
N ASP C 332 14.76 -8.52 -2.29
CA ASP C 332 15.89 -7.65 -2.05
C ASP C 332 15.55 -6.67 -0.98
N VAL C 333 16.45 -6.49 -0.02
CA VAL C 333 16.24 -5.50 1.00
C VAL C 333 17.36 -4.47 0.95
N THR C 334 16.97 -3.22 0.83
CA THR C 334 17.90 -2.12 0.71
C THR C 334 18.02 -1.46 2.08
N ALA C 335 19.25 -1.39 2.58
CA ALA C 335 19.49 -0.77 3.89
C ALA C 335 20.24 0.57 3.68
N LYS C 336 19.63 1.65 4.12
CA LYS C 336 20.23 2.98 4.00
C LYS C 336 20.54 3.45 5.40
N VAL C 337 21.82 3.57 5.72
CA VAL C 337 22.17 3.93 7.08
C VAL C 337 22.80 5.31 7.11
N THR C 338 22.38 6.11 8.09
CA THR C 338 23.00 7.39 8.33
C THR C 338 23.69 7.36 9.67
N LEU C 339 24.92 7.83 9.65
CA LEU C 339 25.75 7.81 10.83
C LEU C 339 25.55 9.14 11.53
N PRO C 340 25.92 9.23 12.81
CA PRO C 340 25.92 10.48 13.55
C PRO C 340 26.63 11.63 12.85
N ASP C 341 27.70 11.33 12.12
CA ASP C 341 28.43 12.36 11.37
C ASP C 341 27.64 12.85 10.14
N GLY C 342 26.58 12.15 9.79
CA GLY C 342 25.72 12.53 8.66
C GLY C 342 25.97 11.78 7.35
N VAL C 343 26.87 10.80 7.34
CA VAL C 343 27.17 10.11 6.07
C VAL C 343 26.28 8.88 5.90
N VAL C 344 26.05 8.55 4.64
CA VAL C 344 25.03 7.59 4.26
C VAL C 344 25.63 6.37 3.57
N LEU C 345 25.51 5.23 4.24
CA LEU C 345 25.95 3.94 3.70
C LEU C 345 24.73 3.16 3.19
N THR C 346 24.80 2.71 1.95
CA THR C 346 23.69 1.99 1.36
C THR C 346 24.16 0.65 0.85
N ASN C 347 23.42 -0.39 1.20
CA ASN C 347 23.66 -1.67 0.60
C ASN C 347 22.37 -2.46 0.48
N THR C 348 22.33 -3.37 -0.49
CA THR C 348 21.17 -4.20 -0.76
C THR C 348 21.50 -5.65 -0.44
N PHE C 349 20.59 -6.32 0.25
CA PHE C 349 20.77 -7.70 0.67
C PHE C 349 19.79 -8.57 -0.09
N LYS C 350 20.23 -9.77 -0.42
CA LYS C 350 19.38 -10.79 -1.04
C LYS C 350 18.84 -11.64 0.08
N VAL C 351 17.54 -11.63 0.31
CA VAL C 351 16.93 -12.44 1.36
C VAL C 351 16.17 -13.58 0.73
N THR C 352 16.33 -14.79 1.21
CA THR C 352 15.48 -15.88 0.69
C THR C 352 14.61 -16.47 1.81
N VAL C 353 13.33 -16.73 1.53
CA VAL C 353 12.45 -17.31 2.53
C VAL C 353 12.09 -18.71 2.10
N THR C 354 12.58 -19.65 2.86
CA THR C 354 12.31 -21.05 2.62
C THR C 354 11.04 -21.47 3.37
N GLU C 355 10.42 -22.55 2.92
CA GLU C 355 9.23 -23.09 3.61
C GLU C 355 9.61 -24.24 4.53
N VAL C 356 9.15 -24.19 5.79
CA VAL C 356 9.12 -25.38 6.65
C VAL C 356 8.05 -26.33 6.06
N PRO C 357 8.47 -27.45 5.42
CA PRO C 357 7.54 -28.25 4.58
C PRO C 357 6.23 -28.74 5.26
N VAL C 358 5.18 -28.93 4.46
CA VAL C 358 3.86 -29.26 4.98
C VAL C 358 3.88 -30.61 5.66
N GLN C 359 3.43 -30.63 6.91
CA GLN C 359 3.41 -31.86 7.73
C GLN C 359 2.21 -32.81 7.42
N VAL C 360 2.46 -33.85 6.63
CA VAL C 360 1.44 -34.84 6.25
C VAL C 360 1.11 -35.83 7.38
N GLN C 361 -0.16 -36.17 7.56
CA GLN C 361 -0.53 -37.25 8.49
C GLN C 361 0.24 -38.53 8.14
N ASN C 362 0.89 -39.10 9.14
CA ASN C 362 1.59 -40.36 8.96
C ASN C 362 0.59 -41.54 8.93
N GLN C 363 0.49 -42.18 7.77
CA GLN C 363 -0.42 -43.30 7.61
C GLN C 363 0.32 -44.61 7.36
N GLY C 364 1.62 -44.60 7.53
CA GLY C 364 2.43 -45.80 7.34
C GLY C 364 2.61 -46.16 5.88
N PHE C 365 2.39 -45.22 4.98
CA PHE C 365 2.69 -45.45 3.58
C PHE C 365 3.01 -44.17 2.84
N THR C 366 3.60 -44.32 1.66
CA THR C 366 3.91 -43.23 0.75
C THR C 366 3.61 -43.73 -0.69
N LEU C 367 3.27 -42.80 -1.57
CA LEU C 367 2.90 -43.14 -2.95
C LEU C 367 4.06 -42.82 -3.81
N VAL C 368 4.30 -43.67 -4.80
CA VAL C 368 5.60 -43.83 -5.44
C VAL C 368 5.39 -44.30 -6.88
N ASP C 369 6.37 -44.05 -7.76
CA ASP C 369 6.19 -44.35 -9.20
C ASP C 369 6.32 -45.80 -9.46
N ASN C 370 7.41 -46.40 -9.02
CA ASN C 370 7.39 -47.85 -8.90
C ASN C 370 8.18 -48.37 -7.72
N LEU C 371 7.98 -49.64 -7.41
CA LEU C 371 8.55 -50.24 -6.22
C LEU C 371 10.06 -50.15 -6.19
N THR C 372 10.67 -49.94 -7.30
CA THR C 372 12.12 -49.82 -7.24
C THR C 372 12.58 -48.47 -6.65
N ASN C 373 11.82 -47.30 -6.77
CA ASN C 373 12.21 -46.07 -6.07
C ASN C 373 11.72 -46.01 -4.62
N ALA C 374 11.19 -47.12 -4.10
CA ALA C 374 10.68 -47.13 -2.74
C ALA C 374 11.81 -47.10 -1.69
N PRO C 375 11.54 -46.51 -0.50
CA PRO C 375 12.43 -46.63 0.64
C PRO C 375 12.72 -48.08 1.02
N GLN C 376 13.98 -48.32 1.38
CA GLN C 376 14.49 -49.66 1.58
C GLN C 376 13.83 -50.42 2.72
N ASN C 377 13.26 -49.70 3.68
CA ASN C 377 12.81 -50.29 4.94
C ASN C 377 12.04 -49.29 5.80
N THR C 378 11.45 -49.75 6.89
CA THR C 378 10.61 -48.87 7.72
C THR C 378 11.38 -47.68 8.24
N VAL C 379 12.66 -47.87 8.55
CA VAL C 379 13.48 -46.77 9.09
C VAL C 379 13.72 -45.70 8.05
N ALA C 380 14.05 -46.11 6.81
CA ALA C 380 14.23 -45.11 5.71
C ALA C 380 12.89 -44.44 5.42
N PHE C 381 11.81 -45.21 5.45
CA PHE C 381 10.51 -44.62 5.19
C PHE C 381 10.18 -43.51 6.17
N ASN C 382 10.43 -43.74 7.46
CA ASN C 382 10.09 -42.74 8.47
C ASN C 382 10.98 -41.52 8.39
N LYS C 383 12.15 -41.66 7.79
CA LYS C 383 13.10 -40.55 7.64
C LYS C 383 12.77 -39.68 6.44
N ALA C 384 12.06 -40.21 5.45
CA ALA C 384 11.85 -39.51 4.20
C ALA C 384 10.54 -38.74 4.23
N GLU C 385 10.40 -37.78 3.32
CA GLU C 385 9.16 -37.06 3.13
C GLU C 385 8.14 -38.03 2.58
N LYS C 386 6.91 -37.96 3.05
CA LYS C 386 5.90 -38.87 2.60
C LYS C 386 4.86 -38.15 1.74
N VAL C 387 4.28 -38.91 0.84
CA VAL C 387 3.35 -38.43 -0.16
C VAL C 387 2.13 -39.30 -0.08
N THR C 388 0.99 -38.73 0.31
CA THR C 388 -0.24 -39.50 0.41
C THR C 388 -1.39 -38.86 -0.41
N SER C 389 -0.98 -38.12 -1.41
CA SER C 389 -1.87 -37.30 -2.22
C SER C 389 -1.44 -37.51 -3.66
N MET C 390 -2.34 -37.37 -4.63
CA MET C 390 -1.99 -37.60 -6.03
C MET C 390 -2.95 -36.83 -6.96
N PHE C 391 -2.58 -36.66 -8.22
CA PHE C 391 -3.46 -35.99 -9.16
C PHE C 391 -4.50 -36.92 -9.81
N ALA C 392 -5.72 -36.41 -10.01
CA ALA C 392 -6.73 -37.12 -10.78
C ALA C 392 -6.09 -37.47 -12.11
N GLY C 393 -6.32 -38.67 -12.61
CA GLY C 393 -5.74 -39.15 -13.87
C GLY C 393 -4.44 -39.93 -13.74
N GLU C 394 -3.88 -40.00 -12.54
CA GLU C 394 -2.62 -40.72 -12.32
C GLU C 394 -2.84 -42.08 -11.72
N THR C 395 -1.82 -42.94 -11.88
CA THR C 395 -1.73 -44.15 -11.06
C THR C 395 -0.38 -44.22 -10.32
N LYS C 396 -0.45 -44.58 -9.03
CA LYS C 396 0.71 -44.69 -8.19
C LYS C 396 0.70 -46.03 -7.45
N THR C 397 1.89 -46.47 -7.03
CA THR C 397 1.99 -47.72 -6.29
C THR C 397 2.24 -47.44 -4.81
N VAL C 398 1.59 -48.23 -3.94
CA VAL C 398 1.59 -48.00 -2.52
C VAL C 398 2.76 -48.67 -1.81
N ALA C 399 3.67 -47.82 -1.29
CA ALA C 399 4.83 -48.29 -0.49
C ALA C 399 4.48 -48.15 0.98
N MET C 400 4.13 -49.29 1.59
CA MET C 400 3.64 -49.32 2.96
C MET C 400 4.65 -50.10 3.85
N TYR C 401 4.79 -49.66 5.11
CA TYR C 401 5.84 -50.13 5.97
C TYR C 401 5.30 -50.45 7.37
N ASP C 402 5.71 -51.61 7.85
CA ASP C 402 5.27 -52.12 9.12
C ASP C 402 6.47 -52.24 10.08
N THR C 403 6.18 -52.21 11.39
CA THR C 403 7.10 -52.74 12.39
C THR C 403 6.43 -53.98 12.94
N LYS C 404 7.23 -54.85 13.55
CA LYS C 404 6.78 -56.10 14.18
C LYS C 404 7.60 -56.21 15.43
N ASN C 405 6.94 -56.53 16.53
CA ASN C 405 7.51 -56.41 17.86
C ASN C 405 8.29 -55.15 18.02
N GLY C 406 7.78 -54.07 17.47
CA GLY C 406 8.46 -52.79 17.55
C GLY C 406 9.67 -52.63 16.65
N ASP C 407 10.11 -53.70 15.97
CA ASP C 407 11.30 -53.64 15.13
C ASP C 407 10.92 -53.34 13.68
N PRO C 408 11.71 -52.52 12.99
CA PRO C 408 11.32 -52.13 11.65
C PRO C 408 11.43 -53.29 10.67
N GLU C 409 10.47 -53.41 9.77
CA GLU C 409 10.59 -54.41 8.70
C GLU C 409 11.68 -53.98 7.72
N THR C 410 12.19 -54.92 6.94
CA THR C 410 13.29 -54.63 6.05
C THR C 410 12.89 -54.52 4.57
N LYS C 411 11.61 -54.25 4.35
CA LYS C 411 11.08 -53.98 3.00
C LYS C 411 9.63 -53.68 3.12
N PRO C 412 9.03 -53.16 2.05
CA PRO C 412 7.65 -52.73 2.08
C PRO C 412 6.67 -53.91 2.15
N VAL C 413 5.47 -53.67 2.66
CA VAL C 413 4.48 -54.73 2.74
C VAL C 413 4.23 -55.34 1.34
N ASP C 414 4.16 -56.67 1.33
CA ASP C 414 3.82 -57.48 0.17
C ASP C 414 2.35 -57.86 0.23
N PHE C 415 1.62 -57.61 -0.86
CA PHE C 415 0.16 -57.84 -0.91
C PHE C 415 -0.20 -59.11 -1.70
N LYS C 416 0.76 -59.98 -1.93
CA LYS C 416 0.51 -61.32 -2.46
C LYS C 416 -0.62 -61.92 -1.63
N ASP C 417 -1.63 -62.47 -2.28
CA ASP C 417 -2.71 -63.16 -1.56
C ASP C 417 -3.68 -62.24 -0.82
N ALA C 418 -3.47 -60.93 -0.88
CA ALA C 418 -4.33 -59.94 -0.25
C ALA C 418 -5.38 -59.46 -1.24
N THR C 419 -6.54 -59.01 -0.75
CA THR C 419 -7.53 -58.35 -1.58
C THR C 419 -7.76 -56.92 -1.07
N VAL C 420 -8.15 -56.01 -2.00
CA VAL C 420 -8.41 -54.61 -1.68
C VAL C 420 -9.78 -54.09 -2.16
N ARG C 421 -10.52 -53.51 -1.22
CA ARG C 421 -11.75 -52.81 -1.47
C ARG C 421 -11.46 -51.31 -1.62
N SER C 422 -12.16 -50.67 -2.55
CA SER C 422 -12.17 -49.24 -2.72
C SER C 422 -13.50 -48.67 -2.20
N LEU C 423 -13.41 -47.85 -1.17
CA LEU C 423 -14.58 -47.36 -0.50
C LEU C 423 -15.15 -46.16 -1.27
N ASN C 424 -14.37 -45.54 -2.15
CA ASN C 424 -14.83 -44.34 -2.91
C ASN C 424 -14.47 -44.55 -4.42
N PRO C 425 -15.03 -45.58 -5.05
CA PRO C 425 -14.54 -46.01 -6.37
C PRO C 425 -14.71 -44.98 -7.50
N ILE C 426 -15.69 -44.10 -7.40
CA ILE C 426 -15.82 -43.07 -8.41
C ILE C 426 -14.59 -42.14 -8.39
N ILE C 427 -14.07 -41.82 -7.19
CA ILE C 427 -12.85 -41.00 -7.05
C ILE C 427 -11.60 -41.78 -7.44
N ALA C 428 -11.41 -42.95 -6.82
CA ALA C 428 -10.21 -43.74 -7.05
C ALA C 428 -10.44 -45.19 -6.73
N THR C 429 -9.68 -46.00 -7.45
CA THR C 429 -9.80 -47.42 -7.53
C THR C 429 -8.45 -48.04 -7.17
N ALA C 430 -8.43 -49.25 -6.58
CA ALA C 430 -7.20 -50.00 -6.31
C ALA C 430 -7.26 -51.47 -6.76
N ALA C 431 -6.09 -51.93 -7.21
CA ALA C 431 -5.89 -53.27 -7.71
C ALA C 431 -4.64 -53.89 -7.04
N ILE C 432 -4.65 -55.20 -6.87
CA ILE C 432 -3.43 -55.91 -6.54
C ILE C 432 -3.00 -56.72 -7.73
N ASN C 433 -1.77 -56.48 -8.14
CA ASN C 433 -1.19 -57.07 -9.31
C ASN C 433 0.08 -57.76 -8.81
N GLY C 434 -0.08 -59.03 -8.44
CA GLY C 434 0.97 -59.84 -7.83
C GLY C 434 1.26 -59.44 -6.40
N SER C 435 2.44 -58.88 -6.18
CA SER C 435 2.79 -58.39 -4.87
C SER C 435 2.42 -56.94 -4.70
N GLU C 436 2.08 -56.27 -5.81
CA GLU C 436 1.96 -54.79 -5.79
C GLU C 436 0.55 -54.24 -5.72
N LEU C 437 0.41 -53.14 -4.98
CA LEU C 437 -0.85 -52.43 -4.82
C LEU C 437 -0.81 -51.09 -5.58
N LEU C 438 -1.72 -50.93 -6.53
CA LEU C 438 -1.80 -49.71 -7.35
C LEU C 438 -3.10 -48.99 -7.12
N VAL C 439 -3.03 -47.67 -7.11
CA VAL C 439 -4.19 -46.82 -6.94
C VAL C 439 -4.26 -45.93 -8.17
N THR C 440 -5.41 -45.92 -8.83
CA THR C 440 -5.66 -45.06 -9.97
C THR C 440 -6.72 -44.06 -9.65
N ALA C 441 -6.37 -42.77 -9.80
CA ALA C 441 -7.32 -41.67 -9.58
C ALA C 441 -8.06 -41.39 -10.88
N ASN C 442 -9.39 -41.30 -10.82
CA ASN C 442 -10.23 -41.16 -12.02
C ASN C 442 -10.24 -39.73 -12.50
N ALA C 443 -10.15 -39.52 -13.82
CA ALA C 443 -10.12 -38.17 -14.42
C ALA C 443 -11.25 -37.28 -13.91
N GLY C 444 -10.93 -36.03 -13.58
CA GLY C 444 -11.94 -35.04 -13.21
C GLY C 444 -12.71 -35.33 -11.95
N GLN C 445 -12.12 -36.07 -11.05
CA GLN C 445 -12.72 -36.35 -9.76
C GLN C 445 -11.72 -35.84 -8.77
N SER C 446 -12.19 -35.54 -7.57
CA SER C 446 -11.29 -35.07 -6.50
C SER C 446 -11.87 -35.38 -5.11
N GLY C 447 -11.00 -35.41 -4.10
CA GLY C 447 -11.45 -35.67 -2.72
C GLY C 447 -10.72 -36.82 -2.01
N LYS C 448 -11.27 -37.20 -0.87
CA LYS C 448 -10.72 -38.28 -0.10
C LYS C 448 -11.22 -39.60 -0.66
N ALA C 449 -10.29 -40.51 -0.91
CA ALA C 449 -10.59 -41.87 -1.31
C ALA C 449 -9.90 -42.91 -0.39
N SER C 450 -10.72 -43.74 0.24
CA SER C 450 -10.26 -44.73 1.19
C SER C 450 -10.26 -46.12 0.62
N PHE C 451 -9.44 -46.97 1.24
CA PHE C 451 -9.25 -48.37 0.84
C PHE C 451 -9.08 -49.28 2.06
N GLU C 452 -9.57 -50.51 1.93
CA GLU C 452 -9.51 -51.52 2.97
C GLU C 452 -8.85 -52.73 2.37
N VAL C 453 -7.72 -53.14 2.95
CA VAL C 453 -6.98 -54.31 2.51
C VAL C 453 -7.20 -55.46 3.51
N THR C 454 -7.48 -56.66 2.98
CA THR C 454 -7.68 -57.87 3.80
C THR C 454 -6.59 -58.83 3.46
N PHE C 455 -5.90 -59.34 4.48
CA PHE C 455 -4.76 -60.26 4.28
C PHE C 455 -5.18 -61.69 4.47
N LYS C 456 -4.32 -62.62 4.04
CA LYS C 456 -4.61 -64.08 4.13
C LYS C 456 -4.87 -64.48 5.58
N ASP C 457 -4.15 -63.85 6.52
CA ASP C 457 -4.25 -64.16 7.95
C ASP C 457 -5.46 -63.53 8.62
N ASN C 458 -6.28 -62.88 7.80
CA ASN C 458 -7.49 -62.21 8.26
C ASN C 458 -7.32 -60.92 9.08
N THR C 459 -6.12 -60.35 9.07
CA THR C 459 -5.94 -58.97 9.48
C THR C 459 -6.45 -57.99 8.41
N LYS C 460 -6.97 -56.86 8.84
CA LYS C 460 -7.41 -55.83 7.91
C LYS C 460 -6.87 -54.45 8.27
N ARG C 461 -6.59 -53.65 7.23
CA ARG C 461 -6.24 -52.24 7.40
C ARG C 461 -6.91 -51.34 6.37
N THR C 462 -7.04 -50.06 6.73
CA THR C 462 -7.52 -49.05 5.81
C THR C 462 -6.48 -47.97 5.67
N PHE C 463 -6.52 -47.26 4.57
CA PHE C 463 -5.75 -46.06 4.41
C PHE C 463 -6.46 -45.14 3.41
N THR C 464 -6.04 -43.87 3.39
CA THR C 464 -6.73 -42.82 2.68
C THR C 464 -5.80 -41.99 1.87
N VAL C 465 -6.21 -41.69 0.65
CA VAL C 465 -5.39 -40.96 -0.32
C VAL C 465 -6.14 -39.72 -0.74
N ASP C 466 -5.50 -38.55 -0.70
CA ASP C 466 -6.13 -37.30 -1.13
C ASP C 466 -5.96 -37.15 -2.66
N VAL C 467 -7.06 -37.08 -3.38
CA VAL C 467 -7.01 -37.01 -4.82
C VAL C 467 -7.26 -35.57 -5.19
N LYS C 468 -6.34 -34.94 -5.90
CA LYS C 468 -6.41 -33.48 -6.16
C LYS C 468 -6.80 -33.17 -7.62
N LYS C 469 -7.57 -32.10 -7.81
CA LYS C 469 -7.90 -31.71 -9.16
C LYS C 469 -6.65 -31.50 -10.04
N GLU C 470 -6.76 -31.71 -11.32
CA GLU C 470 -5.67 -31.41 -12.25
C GLU C 470 -5.24 -29.93 -12.17
N PRO C 471 -3.99 -29.80 -12.36
CA PRO C 471 -3.52 -28.40 -12.25
C PRO C 471 -4.07 -27.50 -13.34
N VAL C 472 -4.64 -26.36 -12.96
CA VAL C 472 -5.28 -25.46 -13.89
C VAL C 472 -4.91 -24.01 -13.62
N LEU C 473 -4.71 -23.23 -14.69
CA LEU C 473 -4.36 -21.80 -14.57
C LEU C 473 -5.36 -21.02 -13.70
N GLN C 474 -4.82 -20.37 -12.67
CA GLN C 474 -5.62 -19.71 -11.64
C GLN C 474 -5.20 -18.28 -11.40
N ASP C 475 -3.90 -17.98 -11.53
CA ASP C 475 -3.44 -16.65 -11.20
C ASP C 475 -2.06 -16.38 -11.80
N ILE C 476 -1.55 -15.18 -11.53
CA ILE C 476 -0.21 -14.84 -11.92
C ILE C 476 0.54 -14.40 -10.71
N LYS C 477 1.84 -14.32 -10.89
CA LYS C 477 2.69 -13.86 -9.83
C LYS C 477 3.75 -12.90 -10.40
N VAL C 478 3.93 -11.76 -9.74
CA VAL C 478 5.01 -10.85 -10.12
C VAL C 478 6.10 -10.88 -9.05
N ASP C 479 7.34 -10.76 -9.50
CA ASP C 479 8.49 -10.90 -8.60
C ASP C 479 8.90 -9.60 -7.88
N ALA C 480 8.14 -8.52 -8.07
CA ALA C 480 8.35 -7.31 -7.31
C ALA C 480 7.06 -6.60 -6.87
N THR C 481 7.24 -5.81 -5.83
CA THR C 481 6.20 -5.03 -5.23
C THR C 481 6.53 -3.56 -5.29
N SER C 482 7.83 -3.25 -5.34
CA SER C 482 8.24 -1.89 -5.39
C SER C 482 9.63 -1.80 -5.96
N VAL C 483 9.92 -0.66 -6.56
CA VAL C 483 11.12 -0.46 -7.35
C VAL C 483 11.60 0.99 -7.22
N LYS C 484 12.90 1.17 -7.09
CA LYS C 484 13.50 2.50 -7.07
C LYS C 484 14.45 2.63 -8.26
N LEU C 485 14.23 3.71 -9.02
CA LEU C 485 14.97 4.00 -10.21
C LEU C 485 15.62 5.36 -10.11
N SER C 486 16.81 5.47 -10.67
CA SER C 486 17.42 6.77 -10.86
C SER C 486 16.87 7.32 -12.17
N ASP C 487 16.70 8.62 -12.27
CA ASP C 487 16.16 9.22 -13.52
C ASP C 487 17.03 8.96 -14.76
N GLU C 488 18.33 8.77 -14.53
CA GLU C 488 19.29 8.56 -15.60
C GLU C 488 20.52 7.77 -15.08
N ALA C 489 21.26 7.18 -16.01
CA ALA C 489 22.52 6.51 -15.73
C ALA C 489 23.63 7.48 -16.15
N VAL C 490 24.70 7.56 -15.37
CA VAL C 490 25.88 8.35 -15.76
C VAL C 490 26.55 7.72 -16.98
N GLY C 491 26.63 8.52 -18.07
CA GLY C 491 27.05 8.09 -19.40
C GLY C 491 25.99 7.35 -20.22
N GLY C 492 25.00 6.82 -19.54
CA GLY C 492 24.30 5.66 -20.05
C GLY C 492 23.21 5.97 -21.03
N GLY C 493 22.65 4.90 -21.55
CA GLY C 493 21.30 4.91 -22.04
C GLY C 493 20.57 4.33 -20.86
N GLU C 494 20.02 3.14 -21.06
CA GLU C 494 19.20 2.50 -20.06
C GLU C 494 19.94 1.32 -19.47
N VAL C 495 20.36 1.41 -18.21
CA VAL C 495 21.12 0.29 -17.61
C VAL C 495 20.37 -0.37 -16.44
N GLU C 496 20.42 -1.70 -16.44
CA GLU C 496 19.65 -2.50 -15.49
C GLU C 496 20.10 -2.23 -14.06
N GLY C 497 19.12 -1.85 -13.23
CA GLY C 497 19.37 -1.58 -11.84
C GLY C 497 19.69 -0.13 -11.54
N VAL C 498 19.81 0.70 -12.56
CA VAL C 498 20.08 2.10 -12.35
C VAL C 498 18.82 2.85 -12.71
N ASN C 499 18.55 3.01 -14.00
CA ASN C 499 17.33 3.68 -14.46
C ASN C 499 16.30 2.77 -15.14
N GLN C 500 16.50 1.47 -15.05
CA GLN C 500 15.47 0.52 -15.44
C GLN C 500 15.54 -0.74 -14.59
N LYS C 501 14.39 -1.43 -14.54
CA LYS C 501 14.27 -2.68 -13.81
C LYS C 501 13.48 -3.67 -14.62
N THR C 502 14.02 -4.87 -14.79
CA THR C 502 13.24 -5.97 -15.36
C THR C 502 12.38 -6.57 -14.27
N ILE C 503 11.11 -6.80 -14.60
CA ILE C 503 10.15 -7.45 -13.71
C ILE C 503 9.70 -8.82 -14.24
N LYS C 504 9.84 -9.86 -13.45
CA LYS C 504 9.39 -11.20 -13.87
C LYS C 504 7.92 -11.46 -13.48
N VAL C 505 7.17 -12.00 -14.43
CA VAL C 505 5.82 -12.45 -14.13
C VAL C 505 5.68 -13.92 -14.43
N SER C 506 5.04 -14.65 -13.52
CA SER C 506 4.82 -16.10 -13.66
C SER C 506 3.36 -16.51 -13.62
N ALA C 507 3.00 -17.47 -14.44
CA ALA C 507 1.63 -18.00 -14.45
C ALA C 507 1.55 -19.16 -13.47
N VAL C 508 0.61 -19.11 -12.53
CA VAL C 508 0.49 -20.18 -11.54
C VAL C 508 -0.86 -20.92 -11.49
N ASP C 509 -0.84 -22.14 -10.93
CA ASP C 509 -2.03 -22.99 -10.89
C ASP C 509 -2.67 -22.87 -9.51
N GLN C 510 -3.64 -23.73 -9.20
CA GLN C 510 -4.41 -23.52 -7.99
C GLN C 510 -3.57 -23.79 -6.79
N TYR C 511 -2.43 -24.43 -6.99
CA TYR C 511 -1.57 -24.84 -5.91
C TYR C 511 -0.36 -23.92 -5.81
N GLY C 512 -0.35 -22.83 -6.57
CA GLY C 512 0.73 -21.87 -6.51
C GLY C 512 1.96 -22.27 -7.31
N LYS C 513 1.81 -23.32 -8.12
CA LYS C 513 2.93 -23.84 -8.90
C LYS C 513 2.92 -23.37 -10.36
N GLU C 514 4.10 -23.27 -10.93
CA GLU C 514 4.25 -22.86 -12.31
C GLU C 514 3.42 -23.72 -13.29
N ILE C 515 2.82 -23.05 -14.28
CA ILE C 515 2.01 -23.71 -15.31
C ILE C 515 2.06 -22.90 -16.61
N LYS C 516 2.10 -23.58 -17.75
CA LYS C 516 2.10 -22.88 -19.05
C LYS C 516 0.88 -22.00 -19.10
N PHE C 517 1.05 -20.74 -19.50
CA PHE C 517 -0.07 -19.80 -19.65
C PHE C 517 -0.92 -20.26 -20.80
N GLY C 518 -2.23 -20.06 -20.74
CA GLY C 518 -3.09 -20.57 -21.81
C GLY C 518 -3.02 -19.77 -23.11
N THR C 519 -4.03 -19.96 -23.94
CA THR C 519 -4.46 -18.91 -24.86
C THR C 519 -5.85 -18.38 -24.41
N LYS C 520 -6.47 -18.98 -23.39
CA LYS C 520 -7.79 -18.52 -22.90
C LYS C 520 -7.76 -17.08 -22.39
N GLY C 521 -6.95 -16.84 -21.36
CA GLY C 521 -6.83 -15.50 -20.75
C GLY C 521 -5.80 -14.57 -21.38
N LYS C 522 -5.66 -13.38 -20.81
CA LYS C 522 -4.62 -12.44 -21.24
C LYS C 522 -4.11 -11.68 -20.03
N VAL C 523 -2.93 -11.08 -20.17
CA VAL C 523 -2.33 -10.23 -19.12
C VAL C 523 -1.81 -8.91 -19.72
N THR C 524 -2.24 -7.78 -19.13
CA THR C 524 -1.75 -6.48 -19.54
C THR C 524 -0.85 -5.86 -18.48
N VAL C 525 0.00 -4.95 -18.93
CA VAL C 525 0.91 -4.15 -18.10
C VAL C 525 0.69 -2.69 -18.48
N THR C 526 0.22 -1.90 -17.55
CA THR C 526 -0.12 -0.54 -17.85
C THR C 526 0.20 0.37 -16.68
N THR C 527 0.21 1.67 -16.96
CA THR C 527 0.44 2.68 -15.95
C THR C 527 -0.20 4.00 -16.35
N ASN C 528 -0.49 4.79 -15.32
CA ASN C 528 -1.03 6.13 -15.46
C ASN C 528 -0.05 7.24 -15.10
N THR C 529 1.19 6.89 -14.85
CA THR C 529 2.20 7.84 -14.40
C THR C 529 3.00 8.32 -15.60
N GLU C 530 2.90 9.61 -15.92
CA GLU C 530 3.73 10.21 -16.96
C GLU C 530 5.17 10.27 -16.47
N GLY C 531 6.08 9.81 -17.32
CA GLY C 531 7.49 9.66 -16.96
C GLY C 531 7.98 8.22 -16.91
N LEU C 532 7.07 7.26 -16.68
CA LEU C 532 7.41 5.84 -16.67
C LEU C 532 7.22 5.20 -18.04
N VAL C 533 8.21 4.42 -18.48
CA VAL C 533 8.11 3.75 -19.77
C VAL C 533 8.05 2.24 -19.54
N ILE C 534 7.04 1.59 -20.12
CA ILE C 534 6.94 0.12 -20.12
C ILE C 534 7.50 -0.43 -21.42
N LYS C 535 8.59 -1.17 -21.37
CA LYS C 535 9.14 -1.83 -22.59
C LYS C 535 8.96 -3.35 -22.57
N ASN C 536 9.04 -3.93 -23.77
CA ASN C 536 8.94 -5.36 -24.00
C ASN C 536 7.52 -5.88 -23.86
N VAL C 537 6.54 -5.07 -24.26
CA VAL C 537 5.15 -5.52 -24.26
C VAL C 537 4.55 -5.35 -25.66
N ASN C 538 3.55 -6.16 -26.01
CA ASN C 538 2.88 -6.01 -27.30
C ASN C 538 2.20 -4.63 -27.29
N SER C 539 1.85 -4.12 -28.47
CA SER C 539 1.37 -2.75 -28.53
C SER C 539 0.02 -2.55 -27.85
N ASP C 540 -0.76 -3.63 -27.72
CA ASP C 540 -2.00 -3.61 -26.93
C ASP C 540 -1.74 -3.83 -25.43
N ASN C 541 -0.47 -3.73 -25.03
CA ASN C 541 -0.04 -3.85 -23.64
C ASN C 541 -0.11 -5.26 -23.05
N THR C 542 -0.28 -6.29 -23.87
CA THR C 542 -0.30 -7.64 -23.32
C THR C 542 1.12 -8.20 -23.26
N ILE C 543 1.33 -9.18 -22.38
CA ILE C 543 2.55 -10.01 -22.43
C ILE C 543 2.08 -11.44 -22.68
N ASP C 544 2.58 -12.02 -23.77
CA ASP C 544 1.98 -13.22 -24.38
C ASP C 544 2.54 -14.55 -23.87
N PHE C 545 3.50 -14.49 -22.95
CA PHE C 545 4.12 -15.67 -22.36
C PHE C 545 4.55 -16.63 -23.44
N ASP C 546 5.21 -16.10 -24.46
CA ASP C 546 5.60 -16.90 -25.62
C ASP C 546 4.39 -17.60 -26.27
N SER C 547 3.39 -16.80 -26.63
CA SER C 547 2.23 -17.28 -27.37
C SER C 547 1.53 -18.41 -26.63
N GLY C 548 1.43 -18.29 -25.30
CA GLY C 548 0.88 -19.34 -24.47
C GLY C 548 1.81 -20.47 -24.03
N ASN C 549 3.00 -20.58 -24.61
CA ASN C 549 3.81 -21.78 -24.36
C ASN C 549 4.71 -21.79 -23.12
N SER C 550 4.77 -20.67 -22.41
CA SER C 550 5.70 -20.52 -21.30
C SER C 550 4.97 -20.28 -19.98
N ALA C 551 5.58 -20.67 -18.88
CA ALA C 551 5.06 -20.32 -17.55
C ALA C 551 5.42 -18.88 -17.15
N THR C 552 6.40 -18.30 -17.84
CA THR C 552 6.98 -17.03 -17.43
C THR C 552 7.17 -16.00 -18.55
N ASP C 553 7.31 -14.75 -18.15
CA ASP C 553 7.55 -13.64 -19.08
C ASP C 553 8.08 -12.44 -18.29
N GLN C 554 8.57 -11.44 -19.01
CA GLN C 554 9.21 -10.28 -18.41
C GLN C 554 8.70 -9.02 -19.05
N PHE C 555 8.83 -7.91 -18.33
CA PHE C 555 8.77 -6.60 -18.92
C PHE C 555 9.71 -5.69 -18.16
N VAL C 556 9.98 -4.53 -18.72
CA VAL C 556 11.00 -3.65 -18.21
C VAL C 556 10.36 -2.32 -17.93
N VAL C 557 10.70 -1.73 -16.79
CA VAL C 557 10.30 -0.37 -16.49
C VAL C 557 11.49 0.55 -16.55
N VAL C 558 11.36 1.64 -17.28
CA VAL C 558 12.46 2.58 -17.48
C VAL C 558 12.03 3.96 -17.07
N ALA C 559 12.89 4.66 -16.33
CA ALA C 559 12.63 6.06 -15.92
C ALA C 559 12.91 7.06 -17.09
N THR C 560 12.27 8.23 -17.05
CA THR C 560 12.55 9.29 -18.06
C THR C 560 13.43 10.36 -17.44
N LYS C 561 14.49 10.73 -18.18
CA LYS C 561 15.50 11.68 -17.70
C LYS C 561 14.83 12.96 -17.20
N ASP C 562 15.19 13.33 -15.99
CA ASP C 562 14.72 14.52 -15.30
C ASP C 562 13.21 14.59 -15.10
N LYS C 563 12.50 13.47 -15.28
CA LYS C 563 11.09 13.42 -14.93
C LYS C 563 10.98 12.70 -13.60
N ILE C 564 10.84 13.47 -12.54
CA ILE C 564 10.92 12.99 -11.20
C ILE C 564 9.54 12.70 -10.65
N VAL C 565 9.12 11.45 -10.76
CA VAL C 565 7.77 11.03 -10.42
C VAL C 565 7.70 9.81 -9.52
N ASN C 566 6.69 9.75 -8.67
CA ASN C 566 6.37 8.49 -8.02
C ASN C 566 5.08 8.04 -8.63
N GLY C 567 4.95 6.75 -8.80
CA GLY C 567 3.77 6.22 -9.44
C GLY C 567 3.68 4.73 -9.30
N LYS C 568 2.90 4.10 -10.15
CA LYS C 568 2.73 2.66 -10.11
C LYS C 568 2.40 2.06 -11.46
N VAL C 569 2.73 0.78 -11.55
CA VAL C 569 2.45 -0.06 -12.68
C VAL C 569 1.51 -1.19 -12.23
N GLU C 570 0.61 -1.56 -13.13
CA GLU C 570 -0.37 -2.54 -12.80
C GLU C 570 -0.32 -3.65 -13.81
N VAL C 571 -0.19 -4.87 -13.28
CA VAL C 571 -0.23 -6.10 -14.07
C VAL C 571 -1.57 -6.82 -13.79
N LYS C 572 -2.38 -6.93 -14.81
CA LYS C 572 -3.75 -7.38 -14.70
C LYS C 572 -3.93 -8.70 -15.42
N TYR C 573 -4.47 -9.70 -14.71
CA TYR C 573 -4.81 -11.02 -15.26
C TYR C 573 -6.30 -11.07 -15.51
N PHE C 574 -6.65 -11.44 -16.74
CA PHE C 574 -8.04 -11.62 -17.17
C PHE C 574 -8.21 -13.08 -17.58
N LYS C 575 -9.09 -13.79 -16.88
CA LYS C 575 -9.28 -15.23 -17.12
C LYS C 575 -9.67 -15.55 -18.57
N ASN C 576 -10.47 -14.69 -19.19
CA ASN C 576 -10.74 -14.76 -20.62
C ASN C 576 -10.28 -13.47 -21.32
N ALA C 577 -9.68 -13.62 -22.49
CA ALA C 577 -9.19 -12.48 -23.28
C ALA C 577 -10.23 -11.38 -23.54
N SER C 578 -11.44 -11.81 -23.90
CA SER C 578 -12.53 -10.89 -24.17
C SER C 578 -13.08 -10.16 -22.93
N ASP C 579 -12.61 -10.48 -21.73
CA ASP C 579 -13.14 -9.84 -20.53
C ASP C 579 -12.76 -8.37 -20.46
N THR C 580 -13.68 -7.55 -19.98
CA THR C 580 -13.46 -6.11 -19.80
C THR C 580 -12.92 -5.79 -18.42
N THR C 581 -13.24 -6.63 -17.43
CA THR C 581 -12.77 -6.44 -16.05
C THR C 581 -11.75 -7.50 -15.68
N PRO C 582 -10.67 -7.10 -15.01
CA PRO C 582 -9.67 -8.09 -14.63
C PRO C 582 -10.13 -9.00 -13.48
N THR C 583 -9.65 -10.25 -13.51
CA THR C 583 -9.81 -11.26 -12.45
C THR C 583 -8.89 -11.03 -11.23
N SER C 584 -7.74 -10.41 -11.44
CA SER C 584 -6.86 -10.02 -10.35
C SER C 584 -5.86 -9.00 -10.84
N THR C 585 -5.40 -8.15 -9.94
CA THR C 585 -4.48 -7.09 -10.29
C THR C 585 -3.34 -7.04 -9.30
N LYS C 586 -2.10 -7.04 -9.81
CA LYS C 586 -0.91 -6.88 -8.94
C LYS C 586 -0.25 -5.54 -9.16
N THR C 587 0.07 -4.83 -8.08
CA THR C 587 0.62 -3.49 -8.20
C THR C 587 2.09 -3.39 -7.84
N ILE C 588 2.86 -2.66 -8.63
CA ILE C 588 4.25 -2.40 -8.31
C ILE C 588 4.49 -0.90 -8.21
N THR C 589 4.87 -0.42 -7.03
CA THR C 589 5.12 1.00 -6.91
C THR C 589 6.51 1.28 -7.49
N VAL C 590 6.63 2.46 -8.07
CA VAL C 590 7.84 2.85 -8.71
C VAL C 590 8.19 4.25 -8.28
N ASN C 591 9.44 4.37 -7.82
CA ASN C 591 10.01 5.59 -7.31
C ASN C 591 11.16 6.09 -8.18
N VAL C 592 11.04 7.29 -8.72
CA VAL C 592 12.16 7.85 -9.47
C VAL C 592 12.88 8.92 -8.66
N VAL C 593 14.21 8.80 -8.59
CA VAL C 593 15.06 9.79 -7.93
C VAL C 593 16.01 10.43 -8.93
N ASN C 594 16.33 11.70 -8.70
CA ASN C 594 17.20 12.45 -9.60
C ASN C 594 18.66 12.26 -9.25
N VAL C 595 19.46 11.92 -10.24
CA VAL C 595 20.91 11.95 -10.13
C VAL C 595 21.39 12.99 -11.14
N LYS C 596 22.58 13.56 -10.93
CA LYS C 596 23.19 14.49 -11.90
C LYS C 596 24.01 13.70 -12.94
N ALA C 597 23.99 14.17 -14.18
CA ALA C 597 24.73 13.53 -15.28
C ALA C 597 26.24 13.43 -14.96
N ASP C 598 26.74 14.41 -14.22
CA ASP C 598 28.17 14.48 -13.93
C ASP C 598 28.50 14.11 -12.49
N ALA C 599 27.54 13.48 -11.82
CA ALA C 599 27.68 13.19 -10.39
C ALA C 599 29.01 12.54 -10.07
N THR C 600 29.58 12.89 -8.92
CA THR C 600 30.84 12.29 -8.46
C THR C 600 30.51 11.02 -7.67
N PRO C 601 31.03 9.85 -8.10
CA PRO C 601 30.79 8.61 -7.35
C PRO C 601 31.49 8.64 -6.02
N VAL C 602 30.74 8.52 -4.92
CA VAL C 602 31.35 8.53 -3.60
C VAL C 602 31.12 7.27 -2.79
N GLY C 603 30.51 6.24 -3.38
CA GLY C 603 30.20 5.03 -2.63
C GLY C 603 29.78 3.88 -3.52
N LEU C 604 29.65 2.70 -2.93
CA LEU C 604 29.24 1.51 -3.67
C LEU C 604 28.10 0.79 -2.97
N ASP C 605 27.26 0.17 -3.79
CA ASP C 605 26.32 -0.83 -3.35
C ASP C 605 26.75 -2.16 -3.98
N ILE C 606 27.21 -3.09 -3.14
CA ILE C 606 27.69 -4.39 -3.56
C ILE C 606 26.65 -5.43 -3.16
N VAL C 607 25.85 -5.89 -4.12
CA VAL C 607 24.70 -6.73 -3.81
C VAL C 607 25.09 -8.20 -3.63
N ALA C 608 25.82 -8.47 -2.55
CA ALA C 608 26.42 -9.77 -2.26
C ALA C 608 25.61 -10.65 -1.32
N PRO C 609 25.72 -11.97 -1.51
CA PRO C 609 25.09 -12.78 -0.48
C PRO C 609 25.75 -12.49 0.87
N SER C 610 24.95 -12.56 1.91
CA SER C 610 25.39 -12.30 3.28
C SER C 610 26.20 -13.42 3.96
N GLU C 611 26.19 -14.63 3.39
CA GLU C 611 26.58 -15.86 4.13
C GLU C 611 27.13 -16.95 3.19
N ILE C 612 28.23 -17.59 3.56
CA ILE C 612 28.67 -18.84 2.88
C ILE C 612 28.66 -20.08 3.82
N ASP C 613 28.10 -21.19 3.34
CA ASP C 613 27.98 -22.41 4.13
C ASP C 613 28.74 -23.52 3.37
N VAL C 614 29.76 -24.09 4.02
CA VAL C 614 30.57 -25.15 3.41
C VAL C 614 29.68 -26.36 3.11
N ASN C 615 28.57 -26.55 3.85
CA ASN C 615 27.63 -27.63 3.59
C ASN C 615 26.56 -27.36 2.54
N ALA C 616 26.59 -26.17 1.90
CA ALA C 616 25.65 -25.77 0.84
C ALA C 616 25.34 -26.84 -0.21
N PRO C 617 26.39 -27.55 -0.69
CA PRO C 617 26.18 -28.62 -1.66
C PRO C 617 25.27 -29.75 -1.21
N ASN C 618 25.24 -30.05 0.08
CA ASN C 618 24.40 -31.13 0.56
C ASN C 618 23.01 -30.67 1.01
N THR C 619 22.79 -29.37 1.19
CA THR C 619 21.47 -28.95 1.64
C THR C 619 20.52 -28.92 0.45
N ALA C 620 19.35 -29.52 0.68
CA ALA C 620 18.19 -29.48 -0.22
C ALA C 620 17.97 -28.12 -0.87
N SER C 621 17.98 -27.06 -0.07
CA SER C 621 17.80 -25.72 -0.61
C SER C 621 18.82 -25.42 -1.70
N THR C 622 18.33 -24.87 -2.80
CA THR C 622 19.18 -24.49 -3.91
C THR C 622 19.61 -23.03 -3.76
N ALA C 623 19.21 -22.35 -2.70
CA ALA C 623 19.51 -20.91 -2.54
C ALA C 623 20.87 -20.64 -1.92
N ASP C 624 21.41 -21.56 -1.14
CA ASP C 624 22.70 -21.30 -0.45
C ASP C 624 23.90 -21.66 -1.31
N VAL C 625 25.01 -20.95 -1.07
CA VAL C 625 26.25 -21.09 -1.85
C VAL C 625 27.44 -21.25 -0.91
N ASP C 626 28.53 -21.86 -1.38
CA ASP C 626 29.74 -22.03 -0.57
C ASP C 626 30.92 -21.15 -1.00
N PHE C 627 30.66 -20.17 -1.86
CA PHE C 627 31.67 -19.24 -2.32
C PHE C 627 30.99 -17.97 -2.81
N ILE C 628 31.75 -16.91 -3.03
CA ILE C 628 31.22 -15.70 -3.62
C ILE C 628 32.22 -15.16 -4.62
N ASN C 629 31.78 -15.08 -5.86
CA ASN C 629 32.61 -14.54 -6.91
C ASN C 629 32.22 -13.09 -7.14
N PHE C 630 33.12 -12.19 -6.80
CA PHE C 630 32.80 -10.77 -6.85
C PHE C 630 32.78 -10.21 -8.29
N GLU C 631 33.52 -10.82 -9.19
CA GLU C 631 33.40 -10.53 -10.62
C GLU C 631 31.98 -10.73 -11.12
N SER C 632 31.14 -11.40 -10.34
CA SER C 632 29.81 -11.76 -10.81
C SER C 632 28.66 -11.20 -9.95
N VAL C 633 28.95 -10.40 -8.94
CA VAL C 633 27.86 -9.73 -8.21
C VAL C 633 27.59 -8.35 -8.78
N GLU C 634 26.31 -7.98 -8.81
CA GLU C 634 25.91 -6.64 -9.20
C GLU C 634 26.62 -5.64 -8.26
N ILE C 635 27.35 -4.69 -8.85
CA ILE C 635 27.88 -3.54 -8.09
C ILE C 635 27.47 -2.21 -8.75
N TYR C 636 27.01 -1.24 -7.98
CA TYR C 636 26.64 0.05 -8.52
C TYR C 636 27.36 1.16 -7.76
N THR C 637 27.95 2.10 -8.51
CA THR C 637 28.48 3.34 -7.91
C THR C 637 27.34 4.22 -7.40
N LEU C 638 27.60 4.97 -6.34
CA LEU C 638 26.56 5.74 -5.69
C LEU C 638 27.07 7.16 -5.54
N ASP C 639 26.21 8.13 -5.85
CA ASP C 639 26.42 9.56 -5.50
C ASP C 639 26.20 9.79 -4.00
N SER C 640 26.26 11.05 -3.58
CA SER C 640 26.28 11.34 -2.15
C SER C 640 24.90 11.16 -1.46
N ASN C 641 23.82 11.07 -2.23
CA ASN C 641 22.50 10.79 -1.65
C ASN C 641 22.25 9.30 -1.42
N GLY C 642 23.20 8.49 -1.88
CA GLY C 642 23.09 7.05 -1.83
C GLY C 642 22.35 6.48 -3.02
N ASN C 643 22.20 7.25 -4.11
CA ASN C 643 21.50 6.78 -5.29
C ASN C 643 22.42 6.31 -6.42
N ARG C 644 21.94 5.37 -7.21
CA ARG C 644 22.81 4.65 -8.14
C ARG C 644 23.17 5.47 -9.38
N LEU C 645 24.47 5.47 -9.70
CA LEU C 645 25.01 6.20 -10.86
C LEU C 645 25.31 5.27 -12.04
N LYS C 646 26.04 4.20 -11.78
CA LYS C 646 26.52 3.34 -12.85
C LYS C 646 26.63 1.89 -12.35
N LYS C 647 26.54 0.93 -13.28
CA LYS C 647 26.89 -0.47 -13.00
C LYS C 647 28.38 -0.70 -13.34
N VAL C 648 29.14 -1.26 -12.40
CA VAL C 648 30.60 -1.38 -12.52
C VAL C 648 31.07 -2.75 -12.06
N THR C 649 32.34 -3.06 -12.33
CA THR C 649 32.92 -4.34 -11.96
C THR C 649 34.21 -4.14 -11.13
N PRO C 650 34.59 -5.13 -10.31
CA PRO C 650 35.65 -4.92 -9.32
C PRO C 650 37.08 -4.94 -9.87
N THR C 651 37.92 -4.09 -9.28
CA THR C 651 39.34 -3.90 -9.62
C THR C 651 40.26 -4.74 -8.72
N ALA C 652 39.88 -4.87 -7.45
CA ALA C 652 40.64 -5.62 -6.47
C ALA C 652 39.68 -6.14 -5.42
N THR C 653 40.00 -7.29 -4.84
CA THR C 653 39.19 -7.90 -3.79
C THR C 653 40.22 -8.49 -2.83
N THR C 654 40.23 -8.06 -1.57
CA THR C 654 41.19 -8.59 -0.61
C THR C 654 40.60 -8.83 0.79
N LEU C 655 41.01 -9.93 1.42
CA LEU C 655 40.58 -10.23 2.76
C LEU C 655 41.21 -9.24 3.75
N VAL C 656 40.44 -8.84 4.75
CA VAL C 656 40.94 -8.01 5.86
C VAL C 656 41.44 -8.92 6.99
N GLY C 657 42.73 -8.88 7.30
CA GLY C 657 43.31 -9.77 8.30
C GLY C 657 43.36 -11.19 7.78
N THR C 658 43.39 -12.16 8.69
CA THR C 658 43.44 -13.58 8.31
C THR C 658 42.36 -14.39 8.99
N ASN C 659 42.10 -15.57 8.44
CA ASN C 659 41.10 -16.48 8.96
C ASN C 659 41.54 -17.92 8.83
N ASP C 660 41.12 -18.77 9.75
CA ASP C 660 41.47 -20.20 9.69
C ASP C 660 40.68 -21.00 8.68
N TYR C 661 39.60 -20.43 8.15
CA TYR C 661 38.61 -21.20 7.38
C TYR C 661 38.31 -20.70 5.96
N VAL C 662 38.51 -19.42 5.72
CA VAL C 662 38.15 -18.82 4.42
C VAL C 662 39.25 -17.90 3.95
N GLU C 663 39.23 -17.63 2.66
CA GLU C 663 40.27 -16.82 2.01
C GLU C 663 39.70 -16.27 0.71
N VAL C 664 40.38 -15.26 0.18
CA VAL C 664 40.10 -14.71 -1.14
C VAL C 664 41.23 -15.08 -2.10
N ASN C 665 40.88 -15.74 -3.20
CA ASN C 665 41.78 -15.93 -4.33
C ASN C 665 41.18 -15.27 -5.56
N GLY C 666 41.87 -14.27 -6.07
CA GLY C 666 41.38 -13.48 -7.17
C GLY C 666 40.26 -12.62 -6.67
N ASN C 667 39.05 -12.87 -7.15
CA ASN C 667 37.88 -12.13 -6.66
C ASN C 667 36.89 -13.08 -6.01
N VAL C 668 37.36 -14.26 -5.60
CA VAL C 668 36.51 -15.29 -5.04
C VAL C 668 36.75 -15.49 -3.53
N LEU C 669 35.74 -15.19 -2.73
CA LEU C 669 35.77 -15.58 -1.34
C LEU C 669 35.31 -17.04 -1.27
N GLN C 670 36.10 -17.86 -0.60
CA GLN C 670 35.80 -19.28 -0.54
C GLN C 670 36.40 -19.95 0.70
N PHE C 671 35.99 -21.18 0.92
CA PHE C 671 36.62 -21.99 1.93
C PHE C 671 37.99 -22.43 1.44
N LYS C 672 38.92 -22.61 2.38
CA LYS C 672 40.32 -22.85 2.01
C LYS C 672 40.51 -24.22 1.43
N GLY C 673 39.60 -25.12 1.79
CA GLY C 673 39.68 -26.49 1.37
C GLY C 673 40.65 -27.26 2.21
N ASN C 674 40.85 -26.84 3.45
CA ASN C 674 41.50 -27.72 4.43
C ASN C 674 40.42 -28.47 5.21
N ASP C 675 39.54 -29.16 4.48
CA ASP C 675 38.48 -29.99 5.02
C ASP C 675 37.51 -29.31 5.99
N GLU C 676 37.15 -28.09 5.66
CA GLU C 676 36.24 -27.37 6.51
C GLU C 676 34.93 -28.12 6.73
N LEU C 677 34.52 -28.95 5.78
CA LEU C 677 33.22 -29.59 5.85
C LEU C 677 33.13 -30.50 7.05
N THR C 678 34.19 -31.23 7.36
CA THR C 678 34.17 -32.12 8.48
C THR C 678 34.61 -31.49 9.80
N LEU C 679 35.33 -30.35 9.70
CA LEU C 679 36.10 -29.81 10.83
C LEU C 679 35.61 -28.45 11.36
N LEU C 680 34.83 -27.70 10.59
CA LEU C 680 34.34 -26.41 11.03
C LEU C 680 33.14 -26.57 11.89
N THR C 681 33.24 -26.07 13.10
CA THR C 681 32.19 -26.29 14.09
C THR C 681 31.89 -25.00 14.83
N SER C 682 32.16 -23.88 14.17
CA SER C 682 31.99 -22.55 14.70
C SER C 682 31.55 -21.64 13.54
N SER C 683 31.33 -20.38 13.82
CA SER C 683 30.87 -19.45 12.83
C SER C 683 31.46 -18.10 13.16
N SER C 684 31.72 -17.30 12.15
CA SER C 684 32.04 -15.92 12.41
C SER C 684 31.78 -15.09 11.19
N THR C 685 32.23 -13.86 11.23
CA THR C 685 32.03 -12.94 10.13
C THR C 685 33.38 -12.42 9.73
N VAL C 686 33.60 -12.43 8.44
CA VAL C 686 34.82 -11.91 7.89
C VAL C 686 34.47 -10.68 7.06
N ASN C 687 35.47 -9.81 6.88
CA ASN C 687 35.34 -8.58 6.08
C ASN C 687 36.17 -8.60 4.82
N VAL C 688 35.57 -8.10 3.73
CA VAL C 688 36.22 -8.08 2.42
C VAL C 688 36.22 -6.66 1.85
N ASP C 689 37.40 -6.20 1.41
CA ASP C 689 37.52 -4.92 0.74
C ASP C 689 37.44 -5.11 -0.74
N VAL C 690 36.41 -4.49 -1.33
CA VAL C 690 36.18 -4.55 -2.76
C VAL C 690 36.46 -3.14 -3.34
N THR C 691 37.24 -3.10 -4.42
CA THR C 691 37.49 -1.84 -5.14
C THR C 691 36.88 -1.85 -6.53
N ALA C 692 36.14 -0.79 -6.86
CA ALA C 692 35.52 -0.60 -8.19
C ALA C 692 35.42 0.90 -8.50
N ASP C 693 35.73 1.26 -9.76
CA ASP C 693 35.63 2.66 -10.23
C ASP C 693 36.31 3.64 -9.26
N GLY C 694 37.47 3.22 -8.76
CA GLY C 694 38.26 4.03 -7.83
C GLY C 694 37.79 4.06 -6.39
N ILE C 695 36.72 3.34 -6.03
CA ILE C 695 36.19 3.38 -4.66
C ILE C 695 36.35 2.03 -3.95
N THR C 696 36.60 2.09 -2.64
CA THR C 696 36.78 0.89 -1.83
C THR C 696 35.78 0.80 -0.70
N LYS C 697 35.08 -0.33 -0.65
CA LYS C 697 34.04 -0.61 0.33
C LYS C 697 34.32 -1.91 1.04
N ARG C 698 34.08 -1.92 2.35
CA ARG C 698 34.34 -3.09 3.17
C ARG C 698 33.03 -3.85 3.33
N ILE C 699 32.96 -5.10 2.86
CA ILE C 699 31.69 -5.83 3.00
C ILE C 699 31.83 -7.05 3.87
N PRO C 700 30.90 -7.21 4.81
CA PRO C 700 31.02 -8.33 5.74
C PRO C 700 30.35 -9.59 5.21
N VAL C 701 30.98 -10.74 5.47
CA VAL C 701 30.41 -12.01 5.08
C VAL C 701 30.56 -13.04 6.19
N LYS C 702 29.44 -13.66 6.51
CA LYS C 702 29.37 -14.65 7.55
C LYS C 702 29.69 -16.01 6.94
N TYR C 703 30.43 -16.85 7.69
CA TYR C 703 30.62 -18.25 7.27
C TYR C 703 30.04 -19.18 8.30
N ILE C 704 29.45 -20.29 7.84
CA ILE C 704 28.93 -21.32 8.72
C ILE C 704 29.16 -22.72 8.16
N ASN C 705 28.92 -23.73 8.98
CA ASN C 705 28.86 -25.11 8.52
C ASN C 705 27.60 -25.72 9.06
N SER C 706 26.63 -25.97 8.22
CA SER C 706 25.37 -26.47 8.76
C SER C 706 25.39 -27.99 8.88
N ALA C 707 26.48 -28.63 8.53
CA ALA C 707 26.51 -30.09 8.63
C ALA C 707 26.72 -30.47 10.08
N SER C 708 26.16 -31.60 10.44
CA SER C 708 26.28 -32.15 11.75
C SER C 708 27.51 -33.06 11.82
N VAL C 709 28.61 -32.49 12.34
CA VAL C 709 29.91 -33.16 12.40
C VAL C 709 30.50 -33.06 13.81
N PRO C 710 31.43 -33.98 14.14
CA PRO C 710 31.87 -34.05 15.52
C PRO C 710 32.47 -32.75 15.99
N ALA C 711 32.03 -32.31 17.18
CA ALA C 711 32.42 -30.98 17.68
C ALA C 711 32.91 -31.11 19.11
N SER C 712 32.45 -32.10 19.84
CA SER C 712 33.09 -32.40 21.11
C SER C 712 32.81 -33.81 21.55
N ALA C 713 33.61 -34.32 22.47
CA ALA C 713 33.43 -35.68 22.94
C ALA C 713 33.72 -35.80 24.41
N THR C 714 33.08 -36.82 24.99
CA THR C 714 33.15 -37.13 26.41
C THR C 714 33.51 -38.60 26.56
N VAL C 715 34.32 -38.91 27.56
CA VAL C 715 34.78 -40.27 27.85
C VAL C 715 34.33 -40.69 29.25
N ALA C 716 33.50 -41.73 29.34
CA ALA C 716 33.13 -42.35 30.65
C ALA C 716 34.40 -42.79 31.43
N THR C 717 34.49 -42.48 32.71
CA THR C 717 35.72 -42.75 33.47
C THR C 717 35.54 -43.81 34.59
N SER C 718 34.31 -44.27 34.79
CA SER C 718 34.07 -45.48 35.61
C SER C 718 35.01 -46.62 35.17
N PRO C 719 35.56 -47.34 36.16
CA PRO C 719 36.48 -48.42 35.82
C PRO C 719 35.75 -49.47 35.05
N VAL C 720 36.45 -50.04 34.08
CA VAL C 720 35.88 -51.03 33.19
C VAL C 720 36.50 -52.40 33.42
N THR C 721 35.65 -53.42 33.44
CA THR C 721 36.07 -54.79 33.53
C THR C 721 35.40 -55.52 32.42
N VAL C 722 36.18 -56.12 31.53
CA VAL C 722 35.66 -56.92 30.44
C VAL C 722 36.11 -58.35 30.64
N LYS C 723 35.15 -59.25 30.83
CA LYS C 723 35.42 -60.67 30.94
C LYS C 723 35.21 -61.34 29.57
N LEU C 724 36.28 -61.62 28.85
CA LEU C 724 36.15 -62.28 27.56
C LEU C 724 35.49 -63.64 27.71
N ASN C 725 34.63 -63.95 26.73
CA ASN C 725 33.98 -65.25 26.56
C ASN C 725 35.06 -66.29 26.30
N SER C 726 34.76 -67.54 26.61
CA SER C 726 35.75 -68.61 26.45
C SER C 726 36.20 -68.71 24.98
N SER C 727 35.30 -68.37 24.07
CA SER C 727 35.65 -68.32 22.65
C SER C 727 36.75 -67.29 22.33
N ASP C 728 36.81 -66.16 23.05
CA ASP C 728 37.64 -65.03 22.59
C ASP C 728 39.00 -64.91 23.27
N ASN C 729 39.99 -64.47 22.50
CA ASN C 729 41.36 -64.27 23.01
C ASN C 729 41.92 -62.84 22.91
N ASP C 730 41.20 -61.96 22.23
CA ASP C 730 41.74 -60.70 21.74
C ASP C 730 40.75 -59.61 21.94
N LEU C 731 41.24 -58.42 22.25
CA LEU C 731 40.40 -57.25 22.30
C LEU C 731 41.24 -56.10 21.81
N THR C 732 40.85 -55.49 20.69
CA THR C 732 41.63 -54.35 20.22
C THR C 732 41.25 -53.13 21.03
N PHE C 733 42.16 -52.17 21.06
CA PHE C 733 41.91 -50.88 21.70
C PHE C 733 40.73 -50.12 21.09
N GLU C 734 40.62 -50.16 19.77
CA GLU C 734 39.45 -49.62 19.08
C GLU C 734 38.18 -50.32 19.60
N GLU C 735 38.23 -51.64 19.73
CA GLU C 735 37.08 -52.40 20.27
C GLU C 735 36.74 -52.07 21.73
N LEU C 736 37.77 -51.78 22.51
CA LEU C 736 37.63 -51.42 23.90
C LEU C 736 37.02 -50.05 23.99
N ILE C 737 37.53 -49.09 23.21
CA ILE C 737 37.07 -47.70 23.38
C ILE C 737 35.72 -47.50 22.70
N PHE C 738 35.54 -48.12 21.54
CA PHE C 738 34.37 -47.85 20.67
C PHE C 738 33.35 -48.98 20.61
N GLY C 739 33.67 -50.13 21.22
CA GLY C 739 32.74 -51.24 21.36
C GLY C 739 32.91 -52.34 20.32
N VAL C 740 32.49 -53.55 20.70
CA VAL C 740 32.44 -54.71 19.81
C VAL C 740 31.00 -54.90 19.32
N ILE C 741 30.81 -54.90 18.01
CA ILE C 741 29.46 -55.01 17.47
C ILE C 741 28.91 -56.43 17.67
N ASP C 742 27.68 -56.52 18.16
CA ASP C 742 26.99 -57.78 18.25
C ASP C 742 25.78 -57.75 17.34
N PRO C 743 25.88 -58.40 16.17
CA PRO C 743 24.80 -58.45 15.18
C PRO C 743 23.53 -59.12 15.66
N THR C 744 23.63 -60.09 16.57
CA THR C 744 22.41 -60.69 17.16
C THR C 744 21.52 -59.65 17.83
N GLN C 745 22.04 -58.49 18.19
CA GLN C 745 21.22 -57.43 18.77
C GLN C 745 20.79 -56.35 17.76
N LEU C 746 21.12 -56.48 16.48
CA LEU C 746 20.77 -55.41 15.56
C LEU C 746 19.82 -55.90 14.46
N VAL C 747 19.14 -54.99 13.78
CA VAL C 747 18.24 -55.44 12.73
C VAL C 747 18.91 -55.19 11.37
N LYS C 748 18.92 -56.21 10.51
CA LYS C 748 19.67 -56.13 9.27
C LYS C 748 18.76 -56.23 8.07
N ASP C 749 18.90 -55.27 7.17
CA ASP C 749 18.22 -55.25 5.89
C ASP C 749 19.05 -56.05 4.90
N GLU C 750 18.55 -57.24 4.54
CA GLU C 750 19.28 -58.16 3.67
C GLU C 750 19.57 -57.56 2.31
N ASP C 751 18.65 -56.76 1.79
CA ASP C 751 18.73 -56.26 0.44
C ASP C 751 19.92 -55.35 0.21
N ILE C 752 20.35 -54.65 1.24
CA ILE C 752 21.46 -53.70 1.12
C ILE C 752 22.61 -54.14 2.04
N ASN C 753 22.38 -55.20 2.80
CA ASN C 753 23.38 -55.75 3.68
C ASN C 753 23.99 -54.71 4.64
N GLU C 754 23.10 -54.03 5.37
CA GLU C 754 23.50 -53.00 6.32
C GLU C 754 22.57 -53.05 7.53
N PHE C 755 23.06 -52.64 8.70
CA PHE C 755 22.22 -52.56 9.87
C PHE C 755 21.49 -51.22 9.86
N ILE C 756 20.26 -51.26 10.35
CA ILE C 756 19.39 -50.10 10.30
C ILE C 756 18.81 -49.72 11.67
N ALA C 757 18.94 -50.58 12.70
CA ALA C 757 18.48 -50.22 14.04
C ALA C 757 19.09 -51.16 15.06
N VAL C 758 18.95 -50.80 16.34
CA VAL C 758 19.13 -51.70 17.47
C VAL C 758 17.78 -52.36 17.82
N SER C 759 17.76 -53.68 18.04
CA SER C 759 16.52 -54.41 18.34
C SER C 759 15.94 -53.90 19.60
N LYS C 760 14.63 -54.00 19.71
CA LYS C 760 13.94 -53.62 20.94
C LYS C 760 14.26 -54.58 22.06
N ALA C 761 14.61 -55.81 21.71
CA ALA C 761 15.00 -56.83 22.70
C ALA C 761 16.51 -56.79 23.09
N ALA C 762 17.27 -55.89 22.47
CA ALA C 762 18.70 -55.83 22.71
C ALA C 762 18.97 -55.59 24.18
N LYS C 763 19.83 -56.41 24.76
CA LYS C 763 20.14 -56.29 26.19
C LYS C 763 21.13 -55.17 26.43
N ASN C 764 22.04 -54.97 25.49
CA ASN C 764 23.22 -54.19 25.76
C ASN C 764 23.49 -53.18 24.66
N ASP C 765 22.44 -52.57 24.14
CA ASP C 765 22.57 -51.46 23.18
C ASP C 765 23.28 -51.84 21.86
N GLY C 766 23.49 -53.13 21.59
CA GLY C 766 24.19 -53.55 20.36
C GLY C 766 25.64 -54.01 20.48
N TYR C 767 26.14 -54.12 21.70
CA TYR C 767 27.54 -54.36 21.95
C TYR C 767 27.74 -55.72 22.66
N LEU C 768 28.85 -56.41 22.36
CA LEU C 768 29.13 -57.71 22.96
C LEU C 768 29.63 -57.61 24.41
N TYR C 769 30.57 -56.67 24.66
CA TYR C 769 31.16 -56.50 25.99
C TYR C 769 30.71 -55.19 26.61
N ASN C 770 31.62 -54.29 26.92
CA ASN C 770 31.24 -53.00 27.51
C ASN C 770 30.57 -52.17 26.43
N LYS C 771 29.67 -51.29 26.85
CA LYS C 771 29.21 -50.24 25.96
C LYS C 771 30.35 -49.22 25.66
N PRO C 772 30.18 -48.42 24.61
CA PRO C 772 31.34 -47.59 24.20
C PRO C 772 31.70 -46.60 25.22
N LEU C 773 33.00 -46.33 25.35
CA LEU C 773 33.44 -45.35 26.34
C LEU C 773 33.17 -43.90 25.90
N VAL C 774 33.03 -43.68 24.57
CA VAL C 774 33.04 -42.32 24.03
C VAL C 774 31.64 -41.92 23.64
N THR C 775 31.27 -40.66 23.91
CA THR C 775 30.01 -40.06 23.47
C THR C 775 30.37 -38.79 22.68
N VAL C 776 29.84 -38.70 21.47
CA VAL C 776 30.17 -37.56 20.61
C VAL C 776 28.96 -36.72 20.29
N LYS C 777 29.16 -35.39 20.34
CA LYS C 777 28.13 -34.37 20.02
C LYS C 777 28.54 -33.41 18.89
N ASP C 778 27.55 -32.88 18.18
CA ASP C 778 27.83 -31.85 17.19
C ASP C 778 27.80 -30.45 17.79
N ALA C 779 27.91 -29.43 16.95
CA ALA C 779 28.13 -28.07 17.43
C ALA C 779 26.89 -27.53 18.15
N SER C 780 25.75 -28.17 17.93
CA SER C 780 24.50 -27.84 18.63
C SER C 780 24.33 -28.51 19.95
N GLY C 781 25.21 -29.45 20.29
CA GLY C 781 25.07 -30.20 21.53
C GLY C 781 24.21 -31.45 21.43
N GLU C 782 23.89 -31.85 20.23
CA GLU C 782 23.18 -33.13 20.01
C GLU C 782 24.14 -34.27 19.88
N VAL C 783 23.72 -35.38 20.42
CA VAL C 783 24.51 -36.61 20.26
C VAL C 783 24.48 -37.05 18.81
N ILE C 784 25.66 -37.23 18.22
CA ILE C 784 25.75 -37.84 16.91
C ILE C 784 25.67 -39.35 17.15
N PRO C 785 24.75 -40.05 16.47
CA PRO C 785 24.74 -41.51 16.63
C PRO C 785 26.07 -42.11 16.18
N THR C 786 26.60 -43.05 16.96
CA THR C 786 27.91 -43.66 16.69
C THR C 786 27.75 -45.14 16.84
N GLY C 787 28.74 -45.87 16.34
CA GLY C 787 28.77 -47.31 16.47
C GLY C 787 27.52 -48.04 16.00
N ALA C 788 26.97 -48.87 16.89
CA ALA C 788 25.77 -49.64 16.60
C ALA C 788 24.57 -48.83 16.11
N ASN C 789 24.53 -47.53 16.44
CA ASN C 789 23.42 -46.69 16.05
C ASN C 789 23.60 -45.94 14.76
N VAL C 790 24.64 -46.25 14.00
CA VAL C 790 24.84 -45.57 12.73
C VAL C 790 23.92 -46.25 11.73
N TYR C 791 22.99 -45.48 11.18
CA TYR C 791 22.14 -45.96 10.12
C TYR C 791 23.06 -46.32 8.97
N GLY C 792 22.99 -47.59 8.53
CA GLY C 792 23.77 -48.03 7.37
C GLY C 792 25.04 -48.78 7.68
N LEU C 793 25.34 -48.92 8.98
CA LEU C 793 26.48 -49.72 9.41
C LEU C 793 26.56 -51.01 8.62
N ASN C 794 27.71 -51.27 8.02
CA ASN C 794 27.89 -52.45 7.13
C ASN C 794 27.88 -53.76 7.92
N HIS C 795 27.37 -54.81 7.28
CA HIS C 795 27.07 -56.06 7.98
C HIS C 795 28.28 -56.75 8.56
N ASP C 796 29.45 -56.44 8.03
CA ASP C 796 30.73 -57.01 8.52
C ASP C 796 31.45 -56.09 9.53
N ALA C 797 30.76 -55.14 10.14
CA ALA C 797 31.45 -54.25 11.07
C ALA C 797 31.69 -54.96 12.41
N THR C 798 32.94 -54.96 12.83
CA THR C 798 33.27 -55.59 14.08
C THR C 798 33.38 -54.60 15.23
N ASN C 799 33.56 -53.31 14.97
CA ASN C 799 33.67 -52.34 16.08
C ASN C 799 32.89 -51.04 15.81
N GLY C 800 32.67 -50.26 16.86
CA GLY C 800 31.81 -49.08 16.81
C GLY C 800 32.49 -47.73 16.57
N ASN C 801 33.66 -47.74 15.93
CA ASN C 801 34.43 -46.50 15.69
C ASN C 801 34.01 -45.91 14.36
N ILE C 802 32.83 -45.34 14.35
CA ILE C 802 32.20 -44.89 13.12
C ILE C 802 31.15 -43.84 13.53
N TRP C 803 31.00 -42.76 12.77
CA TRP C 803 29.94 -41.77 13.09
C TRP C 803 29.04 -41.44 11.92
N PHE C 804 29.23 -42.10 10.78
CA PHE C 804 28.37 -41.89 9.63
C PHE C 804 28.55 -43.06 8.69
N ASP C 805 27.56 -43.30 7.84
CA ASP C 805 27.56 -44.40 6.86
C ASP C 805 28.87 -44.45 6.08
N GLU C 806 29.53 -45.60 6.08
CA GLU C 806 30.80 -45.77 5.35
C GLU C 806 30.70 -45.18 3.95
N GLU C 807 29.63 -45.46 3.22
CA GLU C 807 29.46 -45.01 1.85
C GLU C 807 28.87 -43.61 1.79
N GLN C 808 28.50 -43.04 2.93
CA GLN C 808 28.03 -41.64 2.97
C GLN C 808 26.92 -41.44 1.96
N ALA C 809 26.00 -42.40 1.94
CA ALA C 809 24.89 -42.42 0.97
C ALA C 809 24.06 -41.14 1.09
N GLY C 810 23.80 -40.48 -0.03
CA GLY C 810 22.99 -39.27 -0.04
C GLY C 810 23.74 -37.94 0.05
N LEU C 811 25.07 -37.95 0.11
CA LEU C 811 25.79 -36.69 0.19
C LEU C 811 26.39 -36.41 -1.16
N ALA C 812 26.18 -35.18 -1.64
CA ALA C 812 26.82 -34.64 -2.83
C ALA C 812 28.29 -34.25 -2.61
N LYS C 813 28.61 -33.75 -1.42
CA LYS C 813 30.01 -33.51 -1.01
C LYS C 813 30.26 -34.32 0.24
N LYS C 814 31.28 -35.16 0.20
CA LYS C 814 31.56 -36.10 1.26
C LYS C 814 32.51 -35.57 2.32
N PHE C 815 32.29 -36.11 3.52
CA PHE C 815 33.12 -35.93 4.65
C PHE C 815 34.42 -36.62 4.34
N SER C 816 35.51 -36.13 4.93
CA SER C 816 36.80 -36.68 4.65
C SER C 816 36.95 -38.12 5.19
N ASP C 817 36.38 -38.38 6.35
CA ASP C 817 36.48 -39.69 6.98
C ASP C 817 35.38 -39.85 8.06
N VAL C 818 34.71 -41.00 8.07
CA VAL C 818 33.61 -41.25 8.96
C VAL C 818 34.01 -42.05 10.23
N HIS C 819 35.28 -41.98 10.59
CA HIS C 819 35.82 -42.75 11.71
C HIS C 819 36.57 -41.80 12.59
N PHE C 820 37.03 -42.30 13.72
CA PHE C 820 37.81 -41.53 14.65
C PHE C 820 39.19 -42.10 14.81
N ASP C 821 40.07 -41.21 15.26
CA ASP C 821 41.41 -41.54 15.64
C ASP C 821 41.53 -41.18 17.12
N VAL C 822 42.49 -41.79 17.80
CA VAL C 822 42.68 -41.52 19.20
C VAL C 822 44.17 -41.44 19.50
N ASP C 823 44.59 -40.37 20.16
CA ASP C 823 45.94 -40.27 20.71
C ASP C 823 45.91 -40.69 22.17
N PHE C 824 46.50 -41.85 22.46
CA PHE C 824 46.47 -42.43 23.78
C PHE C 824 47.72 -43.18 24.10
N SER C 825 47.88 -43.53 25.38
CA SER C 825 48.98 -44.39 25.84
C SER C 825 48.57 -45.15 27.11
N LEU C 826 49.42 -46.06 27.58
CA LEU C 826 49.07 -46.88 28.74
C LEU C 826 50.01 -46.68 29.92
N ALA C 827 49.39 -46.49 31.08
CA ALA C 827 50.12 -46.48 32.32
C ALA C 827 49.72 -47.70 33.23
N ASN C 828 50.63 -48.10 34.13
CA ASN C 828 50.29 -49.09 35.17
C ASN C 828 49.90 -50.47 34.63
N VAL C 829 50.66 -50.99 33.69
CA VAL C 829 50.30 -52.23 33.02
C VAL C 829 50.67 -53.40 33.92
N VAL C 830 49.71 -54.28 34.18
CA VAL C 830 49.94 -55.44 35.04
C VAL C 830 49.51 -56.68 34.30
N LYS C 831 50.47 -57.59 34.10
CA LYS C 831 50.24 -58.82 33.34
C LYS C 831 50.13 -60.04 34.24
N THR C 832 48.99 -60.72 34.19
CA THR C 832 48.80 -61.97 34.95
C THR C 832 48.88 -63.11 33.97
N GLY C 833 49.51 -64.21 34.38
CA GLY C 833 49.58 -65.42 33.58
C GLY C 833 50.35 -65.14 32.32
N SER C 834 49.80 -65.52 31.18
CA SER C 834 50.41 -65.25 29.89
C SER C 834 49.79 -64.03 29.20
N GLY C 835 48.98 -63.26 29.92
CA GLY C 835 48.41 -62.03 29.38
C GLY C 835 49.44 -61.03 28.83
N THR C 836 49.21 -60.52 27.63
CA THR C 836 50.17 -59.59 27.02
C THR C 836 49.52 -58.38 26.33
N VAL C 837 50.36 -57.44 25.89
CA VAL C 837 49.92 -56.18 25.28
C VAL C 837 51.16 -55.37 25.01
N SER C 838 51.17 -54.68 23.87
CA SER C 838 52.29 -53.81 23.48
C SER C 838 52.45 -52.66 24.47
N SER C 839 53.68 -52.17 24.59
CA SER C 839 54.01 -51.09 25.52
C SER C 839 53.60 -49.71 25.01
N SER C 840 53.41 -49.61 23.70
CA SER C 840 52.89 -48.40 23.05
C SER C 840 51.96 -48.76 21.88
N PRO C 841 50.76 -49.24 22.21
CA PRO C 841 49.81 -49.72 21.20
C PRO C 841 49.14 -48.60 20.39
N SER C 842 48.69 -48.95 19.21
CA SER C 842 47.77 -48.11 18.45
C SER C 842 46.37 -48.76 18.54
N LEU C 843 45.43 -48.19 17.82
CA LEU C 843 44.04 -48.61 17.92
C LEU C 843 43.80 -50.07 17.51
N SER C 844 44.60 -50.51 16.54
CA SER C 844 44.45 -51.85 15.97
C SER C 844 45.22 -52.88 16.79
N ASP C 845 46.07 -52.46 17.71
CA ASP C 845 46.77 -53.42 18.54
C ASP C 845 45.80 -53.98 19.57
N ALA C 846 46.20 -55.10 20.16
CA ALA C 846 45.31 -55.97 20.92
C ALA C 846 45.84 -56.35 22.30
N ILE C 847 44.89 -56.57 23.21
CA ILE C 847 45.09 -57.28 24.46
C ILE C 847 44.88 -58.79 24.20
N GLN C 848 45.86 -59.62 24.58
CA GLN C 848 45.89 -61.05 24.19
C GLN C 848 45.87 -61.96 25.39
N LEU C 849 44.77 -62.68 25.57
CA LEU C 849 44.63 -63.64 26.64
C LEU C 849 44.43 -65.09 26.12
N THR C 850 45.31 -66.02 26.51
CA THR C 850 45.22 -67.42 26.07
C THR C 850 44.43 -68.32 26.98
N ASN C 851 44.88 -68.45 28.22
CA ASN C 851 44.26 -69.37 29.16
C ASN C 851 43.25 -68.67 30.00
N SER C 852 42.32 -69.44 30.57
CA SER C 852 41.46 -68.87 31.58
C SER C 852 42.42 -68.57 32.74
N GLY C 853 42.10 -67.54 33.52
CA GLY C 853 42.99 -67.09 34.57
C GLY C 853 44.04 -66.07 34.15
N ASP C 854 44.21 -65.84 32.84
CA ASP C 854 45.04 -64.73 32.36
C ASP C 854 44.33 -63.41 32.60
N ALA C 855 45.09 -62.32 32.49
CA ALA C 855 44.55 -60.99 32.70
C ALA C 855 45.58 -59.92 32.36
N VAL C 856 45.06 -58.78 31.90
CA VAL C 856 45.86 -57.58 31.76
C VAL C 856 45.06 -56.42 32.36
N SER C 857 45.75 -55.63 33.16
CA SER C 857 45.18 -54.47 33.79
C SER C 857 45.99 -53.25 33.39
N PHE C 858 45.37 -52.07 33.35
CA PHE C 858 46.09 -50.84 32.99
C PHE C 858 45.25 -49.61 33.16
N THR C 859 45.92 -48.46 33.28
CA THR C 859 45.25 -47.17 33.20
C THR C 859 45.42 -46.70 31.79
N LEU C 860 44.29 -46.53 31.10
CA LEU C 860 44.22 -45.99 29.74
C LEU C 860 44.19 -44.47 29.80
N VAL C 861 45.14 -43.81 29.13
CA VAL C 861 45.28 -42.36 29.16
C VAL C 861 45.00 -41.75 27.78
N ILE C 862 43.81 -41.17 27.60
CA ILE C 862 43.40 -40.58 26.33
C ILE C 862 43.65 -39.07 26.26
N LYS C 863 44.55 -38.65 25.37
CA LYS C 863 44.91 -37.23 25.22
C LYS C 863 44.01 -36.51 24.22
N SER C 864 43.70 -37.17 23.12
CA SER C 864 42.90 -36.55 22.07
C SER C 864 42.03 -37.57 21.36
N ILE C 865 40.86 -37.14 20.91
CA ILE C 865 40.02 -37.90 20.03
C ILE C 865 39.60 -36.96 18.94
N TYR C 866 39.71 -37.40 17.71
CA TYR C 866 39.46 -36.53 16.57
C TYR C 866 39.08 -37.28 15.30
N VAL C 867 38.59 -36.54 14.32
CA VAL C 867 38.23 -37.20 13.08
C VAL C 867 39.47 -37.83 12.48
N LYS C 868 39.30 -39.03 11.96
CA LYS C 868 40.42 -39.71 11.45
C LYS C 868 40.97 -38.91 10.29
N GLY C 869 42.28 -38.69 10.33
CA GLY C 869 42.96 -37.96 9.28
C GLY C 869 43.11 -36.48 9.60
N ALA C 870 42.55 -36.01 10.70
CA ALA C 870 42.60 -34.59 10.99
C ALA C 870 43.78 -34.37 11.95
N ASP C 871 43.75 -33.33 12.76
CA ASP C 871 44.89 -32.92 13.53
C ASP C 871 44.65 -33.20 15.00
N LYS C 872 45.54 -33.96 15.60
CA LYS C 872 45.34 -34.35 16.98
C LYS C 872 45.22 -33.21 18.01
N ASP C 873 45.88 -32.08 17.76
CA ASP C 873 45.71 -30.87 18.61
C ASP C 873 44.50 -30.01 18.18
N ASP C 874 44.54 -29.53 16.94
CA ASP C 874 43.63 -28.51 16.44
C ASP C 874 42.24 -29.02 16.29
N ASN C 875 42.07 -30.31 16.05
CA ASN C 875 40.73 -30.87 15.89
C ASN C 875 40.33 -31.74 17.05
N ASN C 876 41.06 -31.61 18.16
CA ASN C 876 40.73 -32.38 19.38
C ASN C 876 39.29 -32.15 19.83
N LEU C 877 38.55 -33.23 20.03
CA LEU C 877 37.17 -33.12 20.45
C LEU C 877 37.05 -33.14 21.98
N LEU C 878 38.13 -33.48 22.68
CA LEU C 878 38.17 -33.53 24.12
C LEU C 878 38.67 -32.24 24.70
N ALA C 879 37.99 -31.78 25.75
CA ALA C 879 38.40 -30.59 26.52
C ALA C 879 39.72 -30.81 27.31
N ALA C 880 39.93 -32.01 27.87
CA ALA C 880 41.12 -32.28 28.67
C ALA C 880 41.38 -33.78 28.66
N PRO C 881 42.65 -34.20 28.90
CA PRO C 881 42.95 -35.64 28.95
C PRO C 881 42.11 -36.37 29.97
N VAL C 882 41.92 -37.67 29.79
CA VAL C 882 41.14 -38.48 30.74
C VAL C 882 41.81 -39.82 30.99
N SER C 883 41.50 -40.42 32.13
CA SER C 883 42.04 -41.69 32.53
C SER C 883 40.96 -42.68 32.92
N VAL C 884 41.13 -43.92 32.53
CA VAL C 884 40.17 -44.91 32.94
C VAL C 884 40.91 -46.18 33.28
N ASN C 885 40.58 -46.78 34.41
CA ASN C 885 41.26 -48.03 34.76
C ASN C 885 40.50 -49.18 34.14
N VAL C 886 41.26 -50.09 33.54
CA VAL C 886 40.68 -51.18 32.77
C VAL C 886 41.29 -52.51 33.19
N THR C 887 40.43 -53.51 33.35
CA THR C 887 40.84 -54.90 33.57
C THR C 887 40.20 -55.79 32.49
N VAL C 888 41.02 -56.58 31.82
CA VAL C 888 40.52 -57.52 30.85
C VAL C 888 40.92 -58.90 31.31
N THR C 889 39.97 -59.83 31.26
CA THR C 889 40.07 -61.09 31.99
C THR C 889 39.34 -62.17 31.20
N LYS C 890 39.49 -63.43 31.60
CA LYS C 890 38.95 -64.53 30.79
C LYS C 890 38.32 -65.70 31.57
N GLY C 891 37.16 -66.17 31.05
CA GLY C 891 36.50 -67.40 31.54
C GLY C 891 36.50 -68.50 30.49
N GLN D 1 17.33 33.72 -25.35
CA GLN D 1 16.34 32.82 -24.71
C GLN D 1 14.89 33.21 -25.05
N VAL D 2 13.95 32.33 -24.72
CA VAL D 2 12.52 32.62 -24.69
C VAL D 2 11.92 31.78 -23.55
N GLN D 3 10.79 32.24 -23.02
CA GLN D 3 10.03 31.54 -21.97
C GLN D 3 8.67 31.09 -22.53
N LEU D 4 8.21 29.90 -22.16
CA LEU D 4 7.01 29.30 -22.74
C LEU D 4 5.96 28.91 -21.69
N GLN D 5 4.71 29.28 -21.94
CA GLN D 5 3.60 28.93 -21.03
C GLN D 5 2.36 28.37 -21.76
N GLU D 6 2.02 27.12 -21.46
CA GLU D 6 0.92 26.42 -22.10
C GLU D 6 -0.40 26.71 -21.43
N SER D 7 -1.50 26.61 -22.17
CA SER D 7 -2.83 26.59 -21.54
C SER D 7 -3.75 25.65 -22.28
N GLY D 8 -4.82 25.24 -21.60
CA GLY D 8 -5.98 24.68 -22.25
C GLY D 8 -6.23 23.19 -22.06
N GLY D 9 -5.49 22.56 -21.17
CA GLY D 9 -5.72 21.14 -20.89
C GLY D 9 -7.01 20.89 -20.12
N GLY D 10 -7.34 19.61 -19.94
CA GLY D 10 -8.54 19.21 -19.24
C GLY D 10 -9.02 17.82 -19.62
N LEU D 11 -10.12 17.39 -19.01
CA LEU D 11 -10.84 16.19 -19.44
C LEU D 11 -11.49 16.48 -20.81
N VAL D 12 -11.63 15.46 -21.64
CA VAL D 12 -12.34 15.56 -22.91
C VAL D 12 -12.79 14.13 -23.27
N GLN D 13 -13.97 13.96 -23.87
CA GLN D 13 -14.50 12.61 -24.20
C GLN D 13 -13.91 12.06 -25.49
N ALA D 14 -13.97 10.74 -25.64
CA ALA D 14 -13.52 10.06 -26.85
C ALA D 14 -14.27 10.62 -28.05
N GLY D 15 -13.58 10.75 -29.18
CA GLY D 15 -14.13 11.40 -30.34
C GLY D 15 -14.17 12.91 -30.25
N GLY D 16 -13.96 13.48 -29.06
CA GLY D 16 -14.01 14.92 -28.85
C GLY D 16 -12.77 15.70 -29.27
N SER D 17 -12.86 17.01 -29.13
CA SER D 17 -11.87 17.99 -29.59
C SER D 17 -11.42 18.94 -28.49
N LEU D 18 -10.25 19.50 -28.71
CA LEU D 18 -9.63 20.38 -27.76
C LEU D 18 -8.51 21.17 -28.43
N ARG D 19 -8.34 22.42 -28.03
CA ARG D 19 -7.26 23.25 -28.53
C ARG D 19 -6.32 23.67 -27.40
N LEU D 20 -5.02 23.42 -27.56
CA LEU D 20 -4.01 23.92 -26.60
C LEU D 20 -3.40 25.20 -27.16
N SER D 21 -2.81 26.00 -26.29
CA SER D 21 -2.03 27.09 -26.78
C SER D 21 -0.77 27.26 -25.99
N CYS D 22 0.12 28.02 -26.54
CA CYS D 22 1.36 28.26 -25.90
C CYS D 22 1.74 29.69 -26.15
N ALA D 23 1.86 30.45 -25.06
CA ALA D 23 2.26 31.87 -25.12
C ALA D 23 3.76 31.91 -24.99
N ALA D 24 4.42 32.44 -26.00
CA ALA D 24 5.85 32.58 -25.94
C ALA D 24 6.10 33.92 -25.36
N SER D 25 7.05 34.00 -24.44
CA SER D 25 7.31 35.22 -23.67
C SER D 25 8.77 35.67 -23.66
N GLY D 26 9.00 36.97 -23.68
CA GLY D 26 10.35 37.51 -23.71
C GLY D 26 10.62 38.23 -25.02
N ARG D 27 11.55 39.15 -24.95
CA ARG D 27 11.66 40.19 -25.95
C ARG D 27 11.90 39.79 -27.42
N THR D 28 12.51 38.66 -27.68
CA THR D 28 12.68 38.26 -29.07
C THR D 28 11.83 37.01 -29.37
N SER D 29 10.78 36.80 -28.58
CA SER D 29 9.84 35.69 -28.78
C SER D 29 9.44 35.49 -30.25
N SER D 30 9.14 36.59 -30.91
CA SER D 30 8.58 36.56 -32.25
C SER D 30 9.51 35.93 -33.28
N ALA D 31 10.80 35.84 -32.97
CA ALA D 31 11.83 35.27 -33.87
C ALA D 31 11.89 33.73 -33.80
N TYR D 32 11.20 33.14 -32.84
CA TYR D 32 11.37 31.71 -32.54
C TYR D 32 10.39 30.73 -33.23
N ALA D 33 10.96 29.71 -33.83
CA ALA D 33 10.24 28.50 -34.20
C ALA D 33 9.74 27.82 -32.93
N MET D 34 8.58 27.21 -33.03
CA MET D 34 8.00 26.56 -31.86
C MET D 34 7.41 25.24 -32.25
N GLY D 35 7.16 24.40 -31.24
CA GLY D 35 6.63 23.06 -31.48
C GLY D 35 6.03 22.42 -30.28
N TRP D 36 5.47 21.23 -30.49
CA TRP D 36 4.84 20.43 -29.41
C TRP D 36 5.34 19.01 -29.35
N PHE D 37 5.54 18.55 -28.12
CA PHE D 37 5.87 17.16 -27.81
C PHE D 37 4.88 16.67 -26.79
N ARG D 38 4.73 15.36 -26.71
CA ARG D 38 3.91 14.77 -25.67
C ARG D 38 4.54 13.54 -25.05
N GLN D 39 4.11 13.25 -23.83
CA GLN D 39 4.41 11.97 -23.19
C GLN D 39 3.16 11.27 -22.64
N ALA D 40 2.74 10.22 -23.33
CA ALA D 40 1.70 9.28 -22.87
C ALA D 40 2.22 8.44 -21.72
N PRO D 41 1.36 8.15 -20.73
CA PRO D 41 1.82 7.28 -19.65
C PRO D 41 2.10 5.91 -20.21
N GLY D 42 3.27 5.37 -19.87
CA GLY D 42 3.72 4.09 -20.44
C GLY D 42 4.67 4.24 -21.61
N LYS D 43 4.66 5.41 -22.24
CA LYS D 43 5.47 5.66 -23.43
C LYS D 43 6.57 6.69 -23.20
N GLU D 44 7.54 6.68 -24.12
CA GLU D 44 8.61 7.68 -24.20
C GLU D 44 8.09 8.97 -24.79
N ARG D 45 8.71 10.08 -24.43
CA ARG D 45 8.35 11.38 -25.00
C ARG D 45 8.43 11.29 -26.52
N GLU D 46 7.42 11.82 -27.22
CA GLU D 46 7.42 11.86 -28.70
C GLU D 46 7.03 13.23 -29.31
N PHE D 47 7.58 13.53 -30.49
CA PHE D 47 7.29 14.79 -31.21
C PHE D 47 5.92 14.76 -31.84
N VAL D 48 5.15 15.83 -31.69
CA VAL D 48 3.87 15.94 -32.36
C VAL D 48 3.88 16.85 -33.64
N ALA D 49 4.22 18.13 -33.47
CA ALA D 49 4.29 19.03 -34.59
C ALA D 49 5.06 20.33 -34.29
N GLY D 50 5.51 20.98 -35.36
CA GLY D 50 6.27 22.21 -35.24
C GLY D 50 5.90 23.20 -36.31
N ILE D 51 6.34 24.44 -36.10
CA ILE D 51 5.91 25.56 -36.93
C ILE D 51 7.00 26.65 -36.89
N SER D 52 7.24 27.25 -38.06
CA SER D 52 8.27 28.24 -38.25
C SER D 52 7.85 29.59 -37.66
N SER D 53 8.79 30.53 -37.54
CA SER D 53 8.54 31.80 -36.81
C SER D 53 7.31 32.59 -37.19
N LYS D 54 6.98 32.64 -38.48
CA LYS D 54 5.76 33.32 -38.95
C LYS D 54 4.70 32.40 -39.61
N GLY D 55 4.82 31.10 -39.44
CA GLY D 55 3.75 30.17 -39.75
C GLY D 55 3.66 29.75 -41.18
N GLY D 56 4.67 30.06 -42.00
CA GLY D 56 4.72 29.62 -43.38
C GLY D 56 5.03 28.15 -43.61
N SER D 57 5.76 27.56 -42.65
CA SER D 57 6.12 26.15 -42.69
C SER D 57 5.67 25.44 -41.43
N THR D 58 5.09 24.27 -41.58
CA THR D 58 4.83 23.39 -40.43
C THR D 58 5.37 21.98 -40.68
N TYR D 59 5.49 21.18 -39.61
CA TYR D 59 5.87 19.78 -39.77
C TYR D 59 5.45 18.94 -38.60
N TYR D 60 5.28 17.65 -38.89
CA TYR D 60 4.59 16.72 -38.01
C TYR D 60 5.33 15.41 -37.90
N GLY D 61 5.27 14.81 -36.72
CA GLY D 61 5.66 13.43 -36.56
C GLY D 61 4.75 12.42 -37.25
N ALA D 62 5.28 11.23 -37.53
CA ALA D 62 4.58 10.22 -38.32
C ALA D 62 3.17 10.02 -37.80
N SER D 63 2.23 10.11 -38.73
CA SER D 63 0.80 9.93 -38.50
C SER D 63 0.10 11.02 -37.69
N MET D 64 0.83 11.99 -37.17
CA MET D 64 0.26 13.00 -36.31
C MET D 64 -0.68 13.96 -37.03
N LYS D 65 -0.41 14.32 -38.29
CA LYS D 65 -1.28 15.31 -38.97
C LYS D 65 -2.70 14.80 -39.24
N GLY D 66 -3.69 15.58 -38.80
CA GLY D 66 -5.12 15.27 -38.97
C GLY D 66 -5.78 15.25 -37.60
N ARG D 67 -5.42 14.24 -36.82
CA ARG D 67 -5.63 14.27 -35.39
C ARG D 67 -5.04 15.57 -34.80
N PHE D 68 -3.86 15.98 -35.28
CA PHE D 68 -3.31 17.27 -34.85
C PHE D 68 -3.07 18.27 -35.98
N THR D 69 -3.31 19.53 -35.67
CA THR D 69 -2.97 20.67 -36.55
C THR D 69 -2.35 21.78 -35.69
N ILE D 70 -1.21 22.26 -36.17
CA ILE D 70 -0.46 23.34 -35.53
C ILE D 70 -0.67 24.62 -36.34
N SER D 71 -0.76 25.74 -35.65
CA SER D 71 -0.99 27.01 -36.28
C SER D 71 -0.48 28.08 -35.34
N ARG D 72 -0.39 29.31 -35.86
CA ARG D 72 0.17 30.40 -35.13
C ARG D 72 -0.51 31.72 -35.41
N ASP D 73 -0.69 32.48 -34.34
CA ASP D 73 -1.07 33.86 -34.40
C ASP D 73 0.18 34.75 -34.24
N ASN D 74 0.70 35.21 -35.36
CA ASN D 74 1.94 35.97 -35.42
C ASN D 74 1.93 37.21 -34.51
N ALA D 75 0.89 38.02 -34.59
CA ALA D 75 0.80 39.23 -33.80
C ALA D 75 0.74 38.96 -32.29
N LYS D 76 0.28 37.78 -31.87
CA LYS D 76 0.19 37.47 -30.44
C LYS D 76 1.31 36.56 -29.90
N ASN D 77 2.27 36.19 -30.74
CA ASN D 77 3.33 35.28 -30.37
C ASN D 77 2.81 34.04 -29.63
N THR D 78 1.65 33.55 -30.04
CA THR D 78 1.17 32.34 -29.44
C THR D 78 0.93 31.29 -30.54
N VAL D 79 1.19 30.04 -30.19
CA VAL D 79 1.00 28.93 -31.10
C VAL D 79 -0.12 28.03 -30.61
N TYR D 80 -0.78 27.35 -31.53
CA TYR D 80 -1.93 26.55 -31.13
C TYR D 80 -1.77 25.16 -31.64
N LEU D 81 -2.24 24.20 -30.83
CA LEU D 81 -2.36 22.81 -31.28
C LEU D 81 -3.82 22.38 -31.15
N GLN D 82 -4.46 22.12 -32.29
CA GLN D 82 -5.85 21.72 -32.37
C GLN D 82 -5.90 20.22 -32.40
N MET D 83 -6.64 19.61 -31.48
CA MET D 83 -6.69 18.15 -31.37
C MET D 83 -8.09 17.69 -31.76
N ASN D 84 -8.19 16.91 -32.83
CA ASN D 84 -9.52 16.52 -33.33
C ASN D 84 -9.72 15.01 -33.34
N GLY D 85 -10.89 14.58 -32.87
CA GLY D 85 -11.29 13.18 -32.88
C GLY D 85 -10.46 12.37 -31.91
N LEU D 86 -10.28 12.87 -30.71
CA LEU D 86 -9.35 12.26 -29.79
C LEU D 86 -9.74 10.83 -29.40
N ALA D 87 -8.76 10.05 -28.98
CA ALA D 87 -8.95 8.67 -28.50
C ALA D 87 -8.09 8.46 -27.25
N PRO D 88 -8.26 7.32 -26.55
CA PRO D 88 -7.56 7.18 -25.27
C PRO D 88 -6.02 7.18 -25.34
N GLU D 89 -5.46 6.73 -26.46
CA GLU D 89 -4.01 6.82 -26.67
C GLU D 89 -3.46 8.28 -26.75
N ASP D 90 -4.34 9.27 -26.79
CA ASP D 90 -3.92 10.64 -26.74
C ASP D 90 -3.87 11.25 -25.33
N THR D 91 -4.20 10.47 -24.31
CA THR D 91 -4.01 10.90 -22.91
C THR D 91 -2.51 11.06 -22.71
N ALA D 92 -2.04 12.27 -22.41
CA ALA D 92 -0.61 12.55 -22.32
C ALA D 92 -0.41 13.91 -21.68
N VAL D 93 0.78 14.15 -21.14
CA VAL D 93 1.24 15.53 -20.90
C VAL D 93 1.80 16.10 -22.21
N TYR D 94 1.31 17.27 -22.59
CA TYR D 94 1.71 17.96 -23.83
C TYR D 94 2.60 19.15 -23.46
N TYR D 95 3.75 19.26 -24.10
CA TYR D 95 4.71 20.33 -23.82
C TYR D 95 5.00 21.11 -25.06
N CYS D 96 4.90 22.43 -24.93
CA CYS D 96 5.38 23.40 -25.92
C CYS D 96 6.90 23.54 -25.83
N ALA D 97 7.56 23.65 -26.97
CA ALA D 97 8.99 23.92 -27.05
C ALA D 97 9.38 25.02 -28.10
N ALA D 98 10.53 25.67 -27.90
CA ALA D 98 10.96 26.70 -28.81
C ALA D 98 12.38 26.44 -29.28
N SER D 99 12.72 26.90 -30.48
CA SER D 99 14.08 26.78 -31.00
C SER D 99 14.57 27.99 -31.82
N ASP D 100 15.89 28.20 -31.84
CA ASP D 100 16.55 29.29 -32.62
C ASP D 100 16.40 29.04 -34.07
N LYS D 101 16.33 27.77 -34.40
CA LYS D 101 16.48 27.30 -35.73
C LYS D 101 15.26 26.50 -36.14
N TYR D 102 14.97 26.53 -37.43
CA TYR D 102 13.89 25.73 -38.01
C TYR D 102 14.46 24.86 -39.11
N ASN D 103 14.60 23.57 -38.84
CA ASN D 103 15.15 22.61 -39.79
C ASN D 103 14.50 21.21 -39.65
N PHE D 104 13.21 21.20 -39.31
CA PHE D 104 12.37 20.00 -39.36
C PHE D 104 12.83 18.91 -38.41
N ASP D 105 13.33 19.30 -37.26
CA ASP D 105 13.92 18.34 -36.34
C ASP D 105 12.86 17.76 -35.42
N THR D 106 12.71 16.44 -35.45
CA THR D 106 11.71 15.77 -34.64
C THR D 106 12.27 15.25 -33.32
N SER D 107 13.48 15.63 -32.96
CA SER D 107 14.08 15.13 -31.75
C SER D 107 14.10 16.20 -30.69
N HIS D 108 14.22 15.76 -29.45
CA HIS D 108 14.42 16.60 -28.27
C HIS D 108 15.52 17.60 -28.47
N ALA D 109 16.62 17.18 -29.11
CA ALA D 109 17.85 17.99 -29.21
C ALA D 109 17.72 19.09 -30.25
N GLY D 110 16.61 19.15 -30.97
CA GLY D 110 16.36 20.21 -31.91
C GLY D 110 15.79 21.46 -31.28
N TYR D 111 15.35 21.36 -30.04
CA TYR D 111 14.71 22.49 -29.35
C TYR D 111 15.48 22.91 -28.07
N GLY D 112 15.76 24.21 -27.93
CA GLY D 112 16.50 24.70 -26.75
C GLY D 112 15.69 25.14 -25.52
N TYR D 113 14.35 25.20 -25.62
CA TYR D 113 13.52 25.81 -24.55
C TYR D 113 12.18 25.11 -24.40
N TRP D 114 11.63 25.11 -23.20
CA TRP D 114 10.48 24.26 -22.86
C TRP D 114 9.52 24.85 -21.88
N GLY D 115 8.25 24.51 -22.05
CA GLY D 115 7.25 24.83 -21.05
C GLY D 115 7.15 23.71 -20.03
N GLN D 116 6.28 23.90 -19.06
CA GLN D 116 6.12 22.96 -17.98
C GLN D 116 5.20 21.80 -18.36
N GLY D 117 4.50 21.94 -19.46
CA GLY D 117 3.60 20.92 -19.92
C GLY D 117 2.21 21.11 -19.35
N THR D 118 1.24 20.53 -20.03
CA THR D 118 -0.14 20.57 -19.60
C THR D 118 -0.79 19.20 -19.84
N GLN D 119 -1.62 18.76 -18.91
CA GLN D 119 -2.22 17.43 -18.93
C GLN D 119 -3.44 17.41 -19.82
N VAL D 120 -3.55 16.40 -20.69
CA VAL D 120 -4.78 16.10 -21.37
C VAL D 120 -5.14 14.67 -21.01
N THR D 121 -6.44 14.42 -20.82
CA THR D 121 -6.97 13.11 -20.45
C THR D 121 -8.23 12.87 -21.27
N VAL D 122 -8.25 11.75 -21.99
CA VAL D 122 -9.43 11.39 -22.76
C VAL D 122 -10.14 10.25 -22.04
N SER D 123 -11.40 10.47 -21.66
CA SER D 123 -12.21 9.40 -21.04
C SER D 123 -12.81 8.47 -22.10
N SER D 124 -13.05 7.21 -21.72
CA SER D 124 -13.60 6.22 -22.65
C SER D 124 -15.11 6.29 -22.65
#